data_7UWK
#
_entry.id   7UWK
#
_cell.length_a   1.00
_cell.length_b   1.00
_cell.length_c   1.00
_cell.angle_alpha   90.00
_cell.angle_beta   90.00
_cell.angle_gamma   90.00
#
_symmetry.space_group_name_H-M   'P 1'
#
loop_
_entity.id
_entity.type
_entity.pdbx_description
1 polymer Interleukin-25
2 polymer 'Interleukin-17 receptor B'
#
loop_
_entity_poly.entity_id
_entity_poly.type
_entity_poly.pdbx_seq_one_letter_code
_entity_poly.pdbx_strand_id
1 'polypeptide(L)'
;DASATHTYSHWPSCCPSKGQDTSEELLRWSTVPVPPLEPARPNRHPESCRASEDGPLNSRAISPWRYELDRDLNRLPQDL
YHARCLCPHCVSLQTGSHMDPRGNSELLYHNQTVFYRRPCHGEKGTHKGYCLERRLYRVSLACVCVRPRVMGAPAALEVL
FQGPGAAGLNDIFEAQKIEWHEHHHHHH
;
A,B,E,G,F,H
2 'polypeptide(L)'
;REPTVQCGSETGPSPEWMLQHDLIPGDLRDLRVEPVTTSVATGDYSILMNVSWVLRADASIRLLKATKICVTGKSNFQSY
SCVRCNYTEAFQTQTRPSGGKWTFSYIGFPVELNTVYFIGAHNIPNANMNEDGPSMSVNFTSPGCLDHIMKYKKKCVKAG
SLWDPNITACKKNEETVEVNFTTTPLGNRYMALIQHSTIIGFSQVFEPHQKKQTRASVVIPVTGDSEGATVQLTPYFPTC
GSDCIRHKGTVVLCPQTGVPFPLDNNKSKPGAAALEVLFQGPGAAEDQVDPRLIDGKHHHHHHHH
;
C,D,I,K,J,L
#
# COMPACT_ATOMS: atom_id res chain seq x y z
N LEU A 57 -22.90 -48.31 24.64
CA LEU A 57 -23.78 -48.48 23.48
C LEU A 57 -23.24 -47.75 22.26
N ASN A 58 -24.07 -46.86 21.71
CA ASN A 58 -23.69 -46.10 20.53
C ASN A 58 -22.51 -45.17 20.78
N SER A 59 -22.36 -44.66 22.00
CA SER A 59 -21.26 -43.78 22.34
C SER A 59 -20.01 -44.53 22.81
N ARG A 60 -20.04 -45.85 22.81
CA ARG A 60 -18.90 -46.66 23.23
C ARG A 60 -18.59 -47.83 22.33
N ALA A 61 -19.42 -48.13 21.33
CA ALA A 61 -19.27 -49.36 20.55
C ALA A 61 -17.97 -49.37 19.76
N ILE A 62 -17.50 -50.58 19.46
CA ILE A 62 -16.31 -50.73 18.62
C ILE A 62 -16.55 -50.14 17.23
N SER A 63 -17.73 -50.36 16.68
CA SER A 63 -18.12 -49.74 15.42
C SER A 63 -19.23 -48.73 15.70
N PRO A 64 -18.90 -47.54 16.20
CA PRO A 64 -19.95 -46.55 16.52
C PRO A 64 -20.68 -46.10 15.28
N TRP A 65 -21.99 -45.96 15.42
CA TRP A 65 -22.88 -45.65 14.30
C TRP A 65 -23.59 -44.33 14.53
N ARG A 66 -23.52 -43.46 13.53
CA ARG A 66 -24.05 -42.11 13.60
C ARG A 66 -25.49 -42.10 13.10
N TYR A 67 -26.21 -41.01 13.39
CA TYR A 67 -27.62 -40.89 13.12
C TYR A 67 -27.83 -39.76 12.11
N GLU A 68 -28.47 -40.06 11.00
CA GLU A 68 -28.66 -39.12 9.91
C GLU A 68 -30.10 -38.64 9.85
N LEU A 69 -30.30 -37.56 9.11
CA LEU A 69 -31.57 -36.86 9.06
C LEU A 69 -32.42 -37.34 7.89
N ASP A 70 -33.62 -37.81 8.21
CA ASP A 70 -34.65 -38.11 7.20
C ASP A 70 -35.94 -37.43 7.65
N ARG A 71 -36.08 -36.15 7.30
CA ARG A 71 -37.26 -35.37 7.63
C ARG A 71 -38.30 -35.47 6.51
N ASP A 72 -39.55 -35.65 6.89
CA ASP A 72 -40.65 -35.65 5.95
C ASP A 72 -41.85 -34.94 6.57
N LEU A 73 -42.65 -34.31 5.71
CA LEU A 73 -43.85 -33.60 6.14
C LEU A 73 -45.09 -34.47 6.06
N ASN A 74 -44.93 -35.77 5.82
CA ASN A 74 -46.06 -36.67 5.60
C ASN A 74 -46.00 -37.90 6.50
N ARG A 75 -45.35 -37.79 7.65
CA ARG A 75 -44.99 -38.98 8.43
C ARG A 75 -45.05 -38.70 9.93
N LEU A 76 -45.39 -39.73 10.69
CA LEU A 76 -45.31 -39.71 12.14
C LEU A 76 -44.29 -40.75 12.60
N PRO A 77 -43.18 -40.33 13.24
CA PRO A 77 -42.85 -38.92 13.46
C PRO A 77 -42.29 -38.27 12.19
N GLN A 78 -42.26 -36.95 12.15
CA GLN A 78 -41.76 -36.25 10.97
C GLN A 78 -40.29 -36.56 10.72
N ASP A 79 -39.56 -36.94 11.76
CA ASP A 79 -38.14 -37.24 11.66
C ASP A 79 -37.92 -38.72 11.98
N LEU A 80 -37.14 -39.38 11.12
CA LEU A 80 -36.68 -40.74 11.38
C LEU A 80 -35.20 -40.79 11.05
N TYR A 81 -34.41 -41.36 11.95
CA TYR A 81 -32.96 -41.32 11.81
C TYR A 81 -32.44 -42.72 11.57
N HIS A 82 -31.41 -42.83 10.74
CA HIS A 82 -30.84 -44.11 10.37
C HIS A 82 -29.43 -44.22 10.92
N ALA A 83 -29.04 -45.43 11.31
CA ALA A 83 -27.69 -45.69 11.78
C ALA A 83 -26.73 -45.68 10.59
N ARG A 84 -25.58 -45.03 10.78
CA ARG A 84 -24.53 -44.97 9.75
C ARG A 84 -23.18 -44.85 10.46
N CYS A 85 -22.51 -45.99 10.59
CA CYS A 85 -21.17 -45.98 11.17
C CYS A 85 -20.16 -45.40 10.18
N LEU A 86 -19.32 -44.48 10.66
CA LEU A 86 -18.30 -43.86 9.83
C LEU A 86 -17.04 -44.70 9.73
N CYS A 87 -16.94 -45.78 10.50
CA CYS A 87 -15.79 -46.68 10.42
C CYS A 87 -16.18 -47.92 9.63
N PRO A 88 -15.61 -48.16 8.46
CA PRO A 88 -15.93 -49.38 7.70
C PRO A 88 -15.27 -50.63 8.24
N HIS A 89 -14.34 -50.50 9.18
CA HIS A 89 -13.72 -51.63 9.83
C HIS A 89 -13.78 -51.42 11.34
N CYS A 90 -13.77 -52.52 12.08
CA CYS A 90 -13.85 -52.46 13.53
C CYS A 90 -12.55 -51.90 14.10
N VAL A 91 -12.68 -50.99 15.07
CA VAL A 91 -11.50 -50.32 15.61
C VAL A 91 -10.75 -51.26 16.54
N SER A 92 -9.53 -50.86 16.89
CA SER A 92 -8.73 -51.65 17.82
C SER A 92 -9.40 -51.67 19.19
N LEU A 93 -9.53 -52.87 19.75
CA LEU A 93 -10.20 -53.07 21.03
C LEU A 93 -9.29 -52.77 22.21
N GLN A 94 -7.98 -52.70 22.00
CA GLN A 94 -7.04 -52.31 23.04
C GLN A 94 -6.85 -50.81 23.16
N THR A 95 -6.93 -50.08 22.06
CA THR A 95 -6.66 -48.65 22.07
C THR A 95 -7.91 -47.81 21.82
N GLY A 96 -8.83 -48.28 20.98
CA GLY A 96 -10.00 -47.52 20.62
C GLY A 96 -9.78 -46.46 19.57
N SER A 97 -8.55 -46.32 19.07
CA SER A 97 -8.22 -45.36 18.03
C SER A 97 -7.71 -46.01 16.76
N HIS A 98 -6.86 -47.04 16.87
CA HIS A 98 -6.40 -47.77 15.71
C HIS A 98 -7.54 -48.56 15.07
N MET A 99 -7.47 -48.72 13.76
CA MET A 99 -8.49 -49.42 13.00
C MET A 99 -7.98 -50.81 12.65
N ASP A 100 -8.71 -51.84 13.06
CA ASP A 100 -8.33 -53.22 12.79
C ASP A 100 -8.95 -53.65 11.46
N PRO A 101 -8.15 -53.98 10.45
CA PRO A 101 -8.71 -54.33 9.13
C PRO A 101 -9.18 -55.77 9.00
N ARG A 102 -9.32 -56.52 10.09
CA ARG A 102 -9.83 -57.89 10.03
C ARG A 102 -11.34 -57.95 10.21
N GLY A 103 -12.03 -56.81 10.23
CA GLY A 103 -13.45 -56.80 10.47
C GLY A 103 -14.18 -55.93 9.47
N ASN A 104 -15.49 -56.16 9.39
CA ASN A 104 -16.36 -55.44 8.48
C ASN A 104 -17.52 -54.84 9.25
N SER A 105 -18.01 -53.70 8.75
CA SER A 105 -19.14 -53.01 9.35
C SER A 105 -20.39 -53.23 8.50
N GLU A 106 -21.46 -53.70 9.12
CA GLU A 106 -22.68 -54.03 8.41
C GLU A 106 -23.88 -53.45 9.14
N LEU A 107 -24.77 -52.84 8.36
CA LEU A 107 -25.99 -52.26 8.91
C LEU A 107 -27.03 -53.34 9.18
N LEU A 108 -27.90 -53.05 10.14
CA LEU A 108 -29.05 -53.90 10.45
C LEU A 108 -30.32 -53.07 10.35
N TYR A 109 -31.32 -53.60 9.66
CA TYR A 109 -32.54 -52.86 9.34
C TYR A 109 -33.77 -53.56 9.93
N HIS A 110 -34.74 -52.76 10.36
CA HIS A 110 -36.04 -53.28 10.78
C HIS A 110 -37.13 -52.42 10.16
N ASN A 111 -38.28 -53.03 9.96
CA ASN A 111 -39.45 -52.33 9.43
C ASN A 111 -40.23 -51.68 10.56
N GLN A 112 -40.72 -50.48 10.33
CA GLN A 112 -41.67 -49.83 11.21
C GLN A 112 -42.88 -49.36 10.43
N THR A 113 -44.03 -49.40 11.09
CA THR A 113 -45.30 -49.01 10.50
C THR A 113 -45.43 -47.49 10.51
N VAL A 114 -45.62 -46.91 9.33
CA VAL A 114 -45.73 -45.46 9.20
C VAL A 114 -47.02 -45.13 8.46
N PHE A 115 -47.47 -43.88 8.64
CA PHE A 115 -48.71 -43.39 8.06
C PHE A 115 -48.42 -42.17 7.20
N TYR A 116 -49.18 -42.01 6.13
CA TYR A 116 -49.07 -40.88 5.23
C TYR A 116 -50.40 -40.14 5.14
N ARG A 117 -50.39 -39.01 4.43
CA ARG A 117 -51.62 -38.33 4.06
C ARG A 117 -51.72 -38.33 2.54
N ARG A 118 -52.95 -38.27 2.03
CA ARG A 118 -53.21 -38.22 0.61
C ARG A 118 -54.66 -37.82 0.43
N PRO A 119 -54.95 -36.86 -0.44
CA PRO A 119 -56.33 -36.38 -0.59
C PRO A 119 -57.24 -37.49 -1.09
N CYS A 120 -58.48 -37.48 -0.59
CA CYS A 120 -59.39 -38.58 -0.84
C CYS A 120 -59.65 -38.74 -2.34
N HIS A 121 -59.68 -40.00 -2.79
CA HIS A 121 -59.92 -40.28 -4.20
C HIS A 121 -61.26 -39.75 -4.64
N GLY A 122 -62.29 -39.91 -3.81
CA GLY A 122 -63.58 -39.30 -4.08
C GLY A 122 -63.46 -37.79 -4.09
N GLU A 123 -63.73 -37.17 -5.23
CA GLU A 123 -63.62 -35.73 -5.38
C GLU A 123 -64.88 -35.06 -4.85
N LYS A 124 -64.98 -35.04 -3.52
CA LYS A 124 -66.18 -34.55 -2.86
C LYS A 124 -66.41 -33.08 -3.16
N GLY A 125 -65.35 -32.27 -3.17
CA GLY A 125 -65.45 -30.86 -3.45
C GLY A 125 -65.45 -29.96 -2.23
N THR A 126 -65.76 -30.49 -1.05
CA THR A 126 -65.68 -29.67 0.16
C THR A 126 -64.23 -29.45 0.57
N HIS A 127 -63.40 -30.47 0.46
CA HIS A 127 -61.98 -30.37 0.79
C HIS A 127 -61.24 -31.47 0.05
N LYS A 128 -59.92 -31.29 -0.07
CA LYS A 128 -59.08 -32.32 -0.66
C LYS A 128 -59.14 -33.61 0.14
N GLY A 129 -59.16 -33.50 1.46
CA GLY A 129 -59.20 -34.66 2.32
C GLY A 129 -57.82 -35.20 2.64
N TYR A 130 -57.82 -36.18 3.54
CA TYR A 130 -56.59 -36.87 3.93
C TYR A 130 -56.93 -38.30 4.30
N CYS A 131 -56.08 -39.23 3.88
CA CYS A 131 -56.36 -40.64 4.07
C CYS A 131 -55.21 -41.28 4.83
N LEU A 132 -55.52 -42.37 5.53
CA LEU A 132 -54.56 -43.08 6.38
C LEU A 132 -53.99 -44.24 5.60
N GLU A 133 -52.91 -44.00 4.86
CA GLU A 133 -52.18 -45.07 4.19
C GLU A 133 -51.09 -45.57 5.12
N ARG A 134 -51.22 -46.81 5.55
CA ARG A 134 -50.33 -47.44 6.51
C ARG A 134 -49.45 -48.46 5.78
N ARG A 135 -48.15 -48.37 5.99
CA ARG A 135 -47.21 -49.25 5.31
C ARG A 135 -45.93 -49.34 6.14
N LEU A 136 -45.20 -50.44 5.96
CA LEU A 136 -43.96 -50.69 6.69
C LEU A 136 -42.78 -50.04 5.99
N TYR A 137 -41.98 -49.32 6.78
CA TYR A 137 -40.77 -48.70 6.27
C TYR A 137 -39.57 -49.27 7.01
N ARG A 138 -38.43 -49.30 6.33
CA ARG A 138 -37.22 -49.94 6.83
C ARG A 138 -36.21 -48.88 7.27
N VAL A 139 -35.68 -49.04 8.48
CA VAL A 139 -34.67 -48.13 9.01
C VAL A 139 -33.59 -48.95 9.70
N SER A 140 -32.34 -48.48 9.61
CA SER A 140 -31.21 -49.18 10.19
C SER A 140 -31.23 -49.13 11.71
N LEU A 141 -30.58 -50.10 12.34
CA LEU A 141 -30.42 -50.12 13.79
C LEU A 141 -29.02 -49.75 14.22
N ALA A 142 -28.01 -50.48 13.74
CA ALA A 142 -26.64 -50.31 14.22
C ALA A 142 -25.68 -51.04 13.28
N CYS A 143 -24.39 -50.85 13.54
CA CYS A 143 -23.33 -51.52 12.81
C CYS A 143 -22.72 -52.59 13.70
N VAL A 144 -22.55 -53.79 13.15
CA VAL A 144 -22.03 -54.93 13.89
C VAL A 144 -20.74 -55.38 13.25
N CYS A 145 -19.85 -55.94 14.08
CA CYS A 145 -18.55 -56.43 13.62
C CYS A 145 -18.72 -57.85 13.09
N VAL A 146 -18.41 -58.05 11.81
CA VAL A 146 -18.55 -59.35 11.17
C VAL A 146 -17.23 -59.71 10.49
N ARG A 147 -16.78 -60.94 10.70
CA ARG A 147 -15.57 -61.41 10.04
C ARG A 147 -15.86 -61.74 8.58
N PRO A 148 -14.88 -61.59 7.69
CA PRO A 148 -15.13 -61.83 6.25
C PRO A 148 -15.34 -63.30 5.91
N ARG A 149 -15.51 -63.59 4.62
CA ARG A 149 -15.77 -64.94 4.12
C ARG A 149 -14.55 -65.42 3.35
N VAL A 150 -14.03 -66.59 3.72
CA VAL A 150 -12.81 -67.10 3.10
C VAL A 150 -13.15 -67.86 1.83
N MET A 151 -12.21 -67.87 0.89
CA MET A 151 -12.34 -68.58 -0.37
C MET A 151 -11.14 -69.50 -0.55
N GLY A 152 -11.32 -70.57 -1.32
CA GLY A 152 -10.26 -71.51 -1.57
C GLY A 152 -9.92 -72.40 -0.39
N GLU B 2 -51.58 -10.75 28.68
CA GLU B 2 -50.38 -11.52 28.99
C GLU B 2 -50.63 -13.01 28.83
N PRO B 3 -50.50 -13.52 27.61
CA PRO B 3 -50.72 -14.96 27.39
C PRO B 3 -49.71 -15.80 28.16
N THR B 4 -50.21 -16.91 28.71
CA THR B 4 -49.42 -17.91 29.40
C THR B 4 -49.74 -19.28 28.78
N VAL B 5 -49.11 -20.32 29.30
CA VAL B 5 -49.16 -21.64 28.70
C VAL B 5 -49.55 -22.67 29.75
N GLN B 6 -50.33 -23.67 29.34
CA GLN B 6 -50.74 -24.77 30.20
C GLN B 6 -50.62 -26.06 29.40
N CYS B 7 -49.61 -26.87 29.72
CA CYS B 7 -49.24 -27.99 28.85
C CYS B 7 -49.58 -29.33 29.49
N GLY B 8 -50.07 -30.24 28.66
CA GLY B 8 -50.33 -31.60 29.09
C GLY B 8 -49.91 -32.57 28.01
N SER B 9 -49.47 -33.76 28.45
CA SER B 9 -48.88 -34.74 27.56
C SER B 9 -49.95 -35.45 26.72
N GLU B 10 -49.72 -35.47 25.40
CA GLU B 10 -50.52 -36.22 24.46
C GLU B 10 -49.67 -36.55 23.24
N THR B 11 -49.85 -37.75 22.70
CA THR B 11 -49.14 -38.23 21.52
C THR B 11 -50.15 -38.83 20.55
N GLY B 12 -49.86 -38.72 19.25
CA GLY B 12 -50.71 -39.26 18.22
C GLY B 12 -50.90 -38.33 17.03
N PRO B 13 -51.88 -38.63 16.19
CA PRO B 13 -52.11 -37.80 14.99
C PRO B 13 -52.95 -36.57 15.30
N SER B 14 -52.58 -35.46 14.67
CA SER B 14 -53.27 -34.20 14.90
C SER B 14 -54.65 -34.20 14.25
N PRO B 15 -55.67 -33.65 14.91
CA PRO B 15 -56.93 -33.39 14.19
C PRO B 15 -56.75 -32.49 12.97
N GLU B 16 -55.88 -31.49 13.05
CA GLU B 16 -55.59 -30.63 11.90
C GLU B 16 -54.78 -31.32 10.83
N TRP B 17 -54.13 -32.45 11.16
CA TRP B 17 -53.33 -33.22 10.23
C TRP B 17 -54.10 -33.61 8.97
N MET B 18 -55.43 -33.48 8.97
CA MET B 18 -56.24 -33.80 7.82
C MET B 18 -56.65 -32.60 6.99
N LEU B 19 -56.49 -31.38 7.51
CA LEU B 19 -57.01 -30.18 6.88
C LEU B 19 -55.89 -29.41 6.21
N GLN B 20 -56.19 -28.79 5.08
CA GLN B 20 -55.29 -27.84 4.43
C GLN B 20 -55.77 -26.42 4.71
N HIS B 21 -54.90 -25.60 5.28
CA HIS B 21 -55.25 -24.25 5.72
C HIS B 21 -54.67 -23.21 4.78
N ASP B 22 -55.40 -22.10 4.62
CA ASP B 22 -54.96 -21.03 3.74
C ASP B 22 -53.75 -20.29 4.31
N LEU B 23 -53.82 -19.90 5.58
CA LEU B 23 -52.78 -19.11 6.23
C LEU B 23 -52.07 -19.96 7.27
N ILE B 24 -50.74 -19.87 7.28
CA ILE B 24 -49.92 -20.72 8.13
C ILE B 24 -49.07 -19.85 9.04
N PRO B 25 -48.95 -20.17 10.32
CA PRO B 25 -48.12 -19.35 11.23
C PRO B 25 -46.64 -19.51 10.93
N GLY B 26 -45.86 -18.58 11.49
CA GLY B 26 -44.43 -18.57 11.32
C GLY B 26 -43.71 -19.56 12.22
N ASP B 27 -42.39 -19.57 12.08
CA ASP B 27 -41.54 -20.50 12.80
C ASP B 27 -41.19 -19.94 14.18
N LEU B 28 -40.17 -20.53 14.81
CA LEU B 28 -39.69 -20.07 16.12
C LEU B 28 -38.33 -19.40 15.96
N ARG B 29 -38.13 -18.28 16.64
CA ARG B 29 -36.85 -17.58 16.59
C ARG B 29 -35.74 -18.39 17.26
N ASP B 30 -36.00 -18.94 18.45
CA ASP B 30 -34.98 -19.66 19.18
C ASP B 30 -35.63 -20.78 19.98
N LEU B 31 -34.82 -21.76 20.35
CA LEU B 31 -35.28 -22.96 21.04
C LEU B 31 -34.09 -23.59 21.75
N ARG B 32 -34.15 -23.67 23.07
CA ARG B 32 -33.03 -24.21 23.84
C ARG B 32 -33.58 -25.10 24.93
N VAL B 33 -32.89 -26.21 25.18
CA VAL B 33 -33.28 -27.15 26.23
C VAL B 33 -32.28 -27.06 27.37
N GLU B 34 -32.78 -27.02 28.60
CA GLU B 34 -31.90 -26.93 29.74
C GLU B 34 -32.26 -27.97 30.78
N PRO B 35 -31.27 -28.71 31.27
CA PRO B 35 -31.51 -29.72 32.31
C PRO B 35 -31.44 -29.11 33.71
N VAL B 36 -32.32 -29.62 34.59
CA VAL B 36 -32.38 -29.19 35.97
C VAL B 36 -32.39 -30.42 36.87
N THR B 37 -32.09 -30.20 38.15
CA THR B 37 -32.07 -31.26 39.15
C THR B 37 -33.12 -30.98 40.21
N THR B 38 -33.93 -31.99 40.52
CA THR B 38 -34.98 -31.87 41.51
C THR B 38 -34.47 -32.32 42.89
N SER B 39 -35.25 -32.00 43.91
CA SER B 39 -34.87 -32.31 45.28
C SER B 39 -35.27 -33.75 45.65
N VAL B 40 -34.53 -34.30 46.60
CA VAL B 40 -34.79 -35.65 47.09
C VAL B 40 -35.38 -35.62 48.49
N TYR B 45 -34.95 -36.84 43.60
CA TYR B 45 -33.67 -36.62 42.94
C TYR B 45 -33.72 -37.16 41.51
N SER B 46 -34.71 -36.70 40.75
CA SER B 46 -34.92 -37.10 39.37
C SER B 46 -34.39 -36.02 38.43
N ILE B 47 -34.31 -36.38 37.15
CA ILE B 47 -33.79 -35.49 36.11
C ILE B 47 -34.92 -35.15 35.16
N LEU B 48 -35.16 -33.86 34.97
CA LEU B 48 -36.20 -33.38 34.06
C LEU B 48 -35.59 -32.41 33.07
N MET B 49 -36.22 -32.33 31.90
CA MET B 49 -35.78 -31.44 30.84
C MET B 49 -36.66 -30.20 30.79
N ASN B 50 -36.03 -29.05 30.93
CA ASN B 50 -36.67 -27.76 30.72
C ASN B 50 -36.27 -27.27 29.34
N VAL B 51 -37.25 -27.09 28.47
CA VAL B 51 -37.03 -26.57 27.12
C VAL B 51 -37.41 -25.09 27.16
N SER B 52 -36.62 -24.26 26.49
CA SER B 52 -36.92 -22.85 26.35
C SER B 52 -36.94 -22.49 24.88
N TRP B 53 -37.81 -21.56 24.50
CA TRP B 53 -37.96 -21.21 23.09
C TRP B 53 -38.27 -19.73 22.91
N VAL B 54 -37.96 -19.23 21.72
CA VAL B 54 -38.28 -17.88 21.28
C VAL B 54 -38.89 -17.99 19.89
N LEU B 55 -39.89 -17.15 19.62
CA LEU B 55 -40.65 -17.24 18.38
C LEU B 55 -40.35 -16.08 17.43
N ARG B 56 -40.55 -16.34 16.13
CA ARG B 56 -40.33 -15.35 15.07
C ARG B 56 -40.98 -14.02 15.41
N ALA B 57 -40.42 -12.94 14.86
CA ALA B 57 -40.92 -11.62 15.19
C ALA B 57 -41.84 -11.04 14.11
N ASP B 58 -41.52 -11.26 12.84
CA ASP B 58 -42.09 -10.47 11.74
C ASP B 58 -43.53 -10.90 11.46
N ALA B 59 -44.46 -10.37 12.25
CA ALA B 59 -45.88 -10.32 11.94
C ALA B 59 -46.56 -11.70 11.90
N SER B 60 -45.78 -12.76 12.07
CA SER B 60 -46.36 -14.10 12.10
C SER B 60 -47.19 -14.34 13.35
N ILE B 61 -47.06 -13.49 14.37
CA ILE B 61 -47.83 -13.61 15.60
C ILE B 61 -49.30 -13.29 15.38
N ARG B 62 -49.66 -12.76 14.22
CA ARG B 62 -51.05 -12.43 13.95
C ARG B 62 -51.96 -13.65 14.06
N LEU B 63 -51.45 -14.83 13.74
CA LEU B 63 -52.22 -16.06 13.86
C LEU B 63 -51.31 -17.17 14.36
N LEU B 64 -51.73 -17.81 15.46
CA LEU B 64 -51.03 -18.96 16.03
C LEU B 64 -51.91 -19.54 17.14
N LYS B 65 -51.97 -20.86 17.23
CA LYS B 65 -52.83 -21.53 18.20
C LYS B 65 -52.05 -22.27 19.28
N ALA B 66 -51.05 -23.06 18.90
CA ALA B 66 -50.30 -23.83 19.89
C ALA B 66 -48.94 -24.18 19.31
N THR B 67 -48.19 -25.00 20.03
CA THR B 67 -46.80 -25.31 19.69
C THR B 67 -46.53 -26.77 20.02
N LYS B 68 -46.19 -27.55 18.99
CA LYS B 68 -45.80 -28.93 19.23
C LYS B 68 -44.29 -29.03 19.44
N ILE B 69 -43.92 -29.67 20.54
CA ILE B 69 -42.53 -29.98 20.87
C ILE B 69 -42.48 -31.47 21.19
N CYS B 70 -41.49 -32.16 20.62
CA CYS B 70 -41.46 -33.61 20.64
C CYS B 70 -40.09 -34.07 21.11
N VAL B 71 -40.06 -35.20 21.79
CA VAL B 71 -38.83 -35.74 22.35
C VAL B 71 -38.64 -37.15 21.82
N THR B 72 -37.44 -37.44 21.33
CA THR B 72 -37.08 -38.77 20.88
C THR B 72 -35.74 -39.14 21.50
N GLY B 73 -35.61 -40.41 21.87
CA GLY B 73 -34.42 -40.90 22.55
C GLY B 73 -33.83 -42.09 21.83
N LYS B 74 -32.50 -42.15 21.76
CA LYS B 74 -31.80 -43.18 21.01
C LYS B 74 -30.82 -43.90 21.92
N SER B 75 -31.23 -45.05 22.43
CA SER B 75 -30.39 -45.98 23.17
C SER B 75 -30.63 -47.38 22.59
N ASN B 76 -30.14 -48.40 23.30
CA ASN B 76 -30.49 -49.78 22.95
C ASN B 76 -32.00 -49.92 22.87
N PHE B 77 -32.71 -49.21 23.74
CA PHE B 77 -34.13 -48.97 23.62
C PHE B 77 -34.37 -47.53 23.18
N GLN B 78 -35.43 -47.35 22.39
CA GLN B 78 -35.76 -46.05 21.82
C GLN B 78 -36.96 -45.49 22.55
N SER B 79 -37.01 -44.17 22.67
CA SER B 79 -38.14 -43.50 23.30
C SER B 79 -38.63 -42.38 22.39
N TYR B 80 -39.94 -42.20 22.38
CA TYR B 80 -40.55 -41.13 21.60
C TYR B 80 -41.74 -40.58 22.36
N SER B 81 -41.61 -39.37 22.87
CA SER B 81 -42.71 -38.68 23.51
C SER B 81 -42.79 -37.26 22.98
N CYS B 82 -44.00 -36.82 22.69
CA CYS B 82 -44.25 -35.46 22.24
C CYS B 82 -45.44 -34.93 23.00
N VAL B 83 -45.53 -33.61 23.13
CA VAL B 83 -46.60 -32.97 23.89
C VAL B 83 -47.14 -31.79 23.09
N ARG B 84 -48.44 -31.52 23.25
CA ARG B 84 -49.08 -30.35 22.66
C ARG B 84 -49.47 -29.44 23.80
N CYS B 85 -49.61 -28.14 23.51
CA CYS B 85 -50.23 -27.24 24.48
C CYS B 85 -50.47 -25.87 23.87
N ASN B 86 -51.60 -25.27 24.25
CA ASN B 86 -52.12 -24.04 23.67
C ASN B 86 -51.65 -22.84 24.50
N TYR B 87 -52.17 -21.66 24.17
CA TYR B 87 -51.90 -20.43 24.90
C TYR B 87 -53.22 -19.88 25.43
N THR B 88 -53.16 -19.18 26.55
CA THR B 88 -54.40 -18.78 27.21
C THR B 88 -55.07 -17.58 26.57
N GLU B 89 -54.33 -16.77 25.80
CA GLU B 89 -54.86 -15.53 25.25
C GLU B 89 -54.50 -15.41 23.77
N ALA B 90 -55.29 -14.61 23.05
CA ALA B 90 -55.03 -14.32 21.64
C ALA B 90 -54.12 -13.11 21.54
N PHE B 91 -53.16 -13.16 20.62
CA PHE B 91 -52.16 -12.11 20.51
C PHE B 91 -52.72 -10.85 19.87
N GLN B 92 -52.30 -9.70 20.39
CA GLN B 92 -52.65 -8.41 19.84
C GLN B 92 -51.45 -7.57 19.44
N THR B 93 -50.31 -7.71 20.10
CA THR B 93 -49.09 -6.97 19.80
C THR B 93 -47.97 -7.97 19.50
N GLN B 94 -46.95 -7.49 18.79
CA GLN B 94 -45.83 -8.33 18.38
C GLN B 94 -44.88 -8.66 19.52
N THR B 95 -45.01 -8.00 20.67
CA THR B 95 -44.12 -8.21 21.80
C THR B 95 -44.82 -7.78 23.07
N ARG B 96 -44.12 -7.91 24.19
CA ARG B 96 -44.60 -7.30 25.43
C ARG B 96 -44.68 -5.78 25.24
N PRO B 97 -45.82 -5.16 25.56
CA PRO B 97 -45.87 -3.69 25.52
C PRO B 97 -44.81 -3.05 26.40
N SER B 98 -44.51 -3.68 27.55
CA SER B 98 -43.42 -3.20 28.38
C SER B 98 -42.08 -3.36 27.69
N GLY B 99 -41.91 -4.40 26.89
CA GLY B 99 -40.67 -4.63 26.16
C GLY B 99 -40.15 -6.05 26.26
N GLY B 100 -39.20 -6.38 25.39
CA GLY B 100 -38.59 -7.69 25.40
C GLY B 100 -39.22 -8.64 24.41
N LYS B 101 -38.45 -9.69 24.07
CA LYS B 101 -38.89 -10.69 23.11
C LYS B 101 -39.64 -11.81 23.82
N TRP B 102 -40.37 -12.59 23.01
CA TRP B 102 -41.12 -13.71 23.55
C TRP B 102 -40.19 -14.87 23.89
N THR B 103 -40.29 -15.36 25.12
CA THR B 103 -39.45 -16.47 25.58
C THR B 103 -40.26 -17.28 26.57
N PHE B 104 -40.39 -18.58 26.33
CA PHE B 104 -41.24 -19.43 27.14
C PHE B 104 -40.53 -20.75 27.40
N SER B 105 -40.90 -21.40 28.51
CA SER B 105 -40.22 -22.59 28.95
C SER B 105 -41.23 -23.55 29.58
N TYR B 106 -40.84 -24.82 29.67
CA TYR B 106 -41.68 -25.83 30.28
C TYR B 106 -40.80 -26.95 30.83
N ILE B 107 -41.28 -27.62 31.88
CA ILE B 107 -40.56 -28.66 32.58
C ILE B 107 -41.45 -29.88 32.71
N GLY B 108 -40.84 -31.06 32.87
CA GLY B 108 -41.61 -32.26 33.10
C GLY B 108 -41.15 -33.51 32.36
N PHE B 109 -40.05 -33.44 31.63
CA PHE B 109 -39.63 -34.56 30.79
C PHE B 109 -38.67 -35.47 31.54
N PRO B 110 -39.10 -36.64 32.00
CA PRO B 110 -38.20 -37.51 32.74
C PRO B 110 -37.09 -38.05 31.85
N VAL B 111 -35.96 -38.39 32.47
CA VAL B 111 -34.73 -38.71 31.77
C VAL B 111 -34.13 -39.97 32.38
N GLU B 112 -33.33 -40.68 31.59
CA GLU B 112 -32.57 -41.85 32.00
C GLU B 112 -31.09 -41.60 31.75
N LEU B 113 -30.27 -42.62 31.96
CA LEU B 113 -28.83 -42.52 31.77
C LEU B 113 -28.43 -43.12 30.42
N ASN B 114 -27.41 -42.52 29.80
CA ASN B 114 -26.88 -42.94 28.50
C ASN B 114 -28.00 -43.04 27.45
N THR B 115 -28.78 -41.97 27.33
CA THR B 115 -29.86 -41.90 26.35
C THR B 115 -29.67 -40.65 25.48
N VAL B 116 -29.75 -40.82 24.17
CA VAL B 116 -29.50 -39.74 23.22
C VAL B 116 -30.83 -39.12 22.81
N TYR B 117 -31.09 -37.91 23.29
CA TYR B 117 -32.33 -37.20 23.01
C TYR B 117 -32.13 -36.15 21.93
N PHE B 118 -33.03 -36.13 20.95
CA PHE B 118 -33.07 -35.06 19.96
C PHE B 118 -34.43 -34.37 20.08
N ILE B 119 -34.42 -33.04 20.01
CA ILE B 119 -35.60 -32.23 20.25
C ILE B 119 -35.88 -31.41 19.00
N GLY B 120 -37.11 -31.48 18.51
CA GLY B 120 -37.51 -30.71 17.35
C GLY B 120 -38.88 -30.12 17.57
N ALA B 121 -39.22 -29.14 16.75
CA ALA B 121 -40.43 -28.39 17.01
C ALA B 121 -41.09 -27.95 15.71
N HIS B 122 -42.39 -27.74 15.80
CA HIS B 122 -43.18 -27.01 14.83
C HIS B 122 -44.54 -26.75 15.48
N ASN B 123 -45.13 -25.63 15.12
CA ASN B 123 -46.21 -25.03 15.88
C ASN B 123 -47.54 -25.75 15.63
N ILE B 124 -48.60 -25.13 16.13
CA ILE B 124 -49.98 -25.48 15.77
C ILE B 124 -50.68 -24.19 15.40
N PRO B 125 -51.31 -24.09 14.22
CA PRO B 125 -51.49 -25.13 13.19
C PRO B 125 -50.25 -25.42 12.34
N ASN B 126 -50.34 -26.44 11.50
CA ASN B 126 -49.22 -26.85 10.67
C ASN B 126 -49.45 -26.46 9.22
N ALA B 127 -48.40 -26.59 8.41
CA ALA B 127 -48.48 -26.29 6.99
C ALA B 127 -49.08 -27.46 6.22
N ASN B 128 -49.42 -27.22 4.96
CA ASN B 128 -50.01 -28.25 4.12
C ASN B 128 -48.93 -28.91 3.27
N MET B 129 -49.35 -29.77 2.34
CA MET B 129 -48.44 -30.58 1.56
C MET B 129 -47.80 -29.78 0.42
N ASN B 130 -46.63 -30.25 -0.03
CA ASN B 130 -45.79 -29.54 -0.99
C ASN B 130 -45.56 -28.09 -0.58
N GLU B 131 -45.09 -27.91 0.65
CA GLU B 131 -44.82 -26.60 1.20
C GLU B 131 -43.49 -26.65 1.96
N PRO B 134 -41.00 -26.28 7.92
CA PRO B 134 -40.92 -25.30 9.02
C PRO B 134 -40.20 -25.77 10.27
N SER B 135 -39.47 -26.89 10.23
CA SER B 135 -38.97 -27.46 11.47
C SER B 135 -37.51 -27.09 11.73
N MET B 136 -37.22 -26.78 12.99
CA MET B 136 -35.86 -26.58 13.47
C MET B 136 -35.70 -27.41 14.74
N SER B 137 -34.60 -28.17 14.82
CA SER B 137 -34.41 -29.13 15.90
C SER B 137 -33.11 -28.83 16.65
N VAL B 138 -33.01 -29.39 17.86
CA VAL B 138 -31.83 -29.23 18.70
C VAL B 138 -31.47 -30.59 19.31
N ASN B 139 -30.18 -30.87 19.42
CA ASN B 139 -29.68 -32.13 19.94
C ASN B 139 -29.18 -31.98 21.37
N PHE B 140 -29.15 -33.12 22.09
CA PHE B 140 -28.70 -33.15 23.47
C PHE B 140 -28.40 -34.59 23.85
N THR B 141 -27.68 -34.77 24.96
CA THR B 141 -27.32 -36.10 25.44
C THR B 141 -27.43 -36.15 26.95
N SER B 142 -27.98 -37.28 27.49
CA SER B 142 -28.08 -37.56 28.91
C SER B 142 -26.83 -38.27 29.40
N PRO B 143 -26.29 -37.87 30.56
CA PRO B 143 -25.03 -38.44 31.03
C PRO B 143 -25.23 -39.82 31.66
N GLY B 144 -24.11 -40.41 32.05
CA GLY B 144 -24.08 -41.71 32.69
C GLY B 144 -23.96 -41.59 34.20
N CYS B 145 -23.22 -42.54 34.79
CA CYS B 145 -23.04 -42.61 36.24
C CYS B 145 -21.56 -42.64 36.61
N LEU B 146 -20.76 -41.79 35.94
CA LEU B 146 -19.34 -41.69 36.23
C LEU B 146 -18.96 -40.43 37.00
N ASP B 147 -19.94 -39.66 37.46
CA ASP B 147 -19.68 -38.48 38.27
C ASP B 147 -20.32 -38.60 39.65
N HIS B 148 -19.77 -37.84 40.60
CA HIS B 148 -20.21 -37.94 41.98
C HIS B 148 -21.67 -37.52 42.15
N ILE B 149 -22.10 -36.48 41.45
CA ILE B 149 -23.43 -35.92 41.69
C ILE B 149 -24.51 -36.92 41.32
N MET B 150 -24.29 -37.71 40.27
CA MET B 150 -25.31 -38.62 39.75
C MET B 150 -25.05 -40.06 40.21
N LYS B 151 -24.30 -40.21 41.30
CA LYS B 151 -23.99 -41.52 41.85
C LYS B 151 -25.08 -42.04 42.77
N TYR B 152 -26.01 -41.19 43.20
CA TYR B 152 -26.91 -41.48 44.30
C TYR B 152 -28.21 -42.15 43.86
N LYS B 153 -28.40 -42.43 42.57
CA LYS B 153 -29.59 -43.16 42.16
C LYS B 153 -29.49 -44.63 42.54
N LYS B 154 -30.61 -45.16 43.04
CA LYS B 154 -30.61 -46.53 43.56
C LYS B 154 -30.39 -47.55 42.44
N LYS B 155 -30.81 -47.22 41.22
CA LYS B 155 -30.49 -48.07 40.07
C LYS B 155 -28.99 -48.18 39.87
N CYS B 156 -28.28 -47.05 39.95
CA CYS B 156 -26.82 -47.07 39.90
C CYS B 156 -26.21 -47.57 41.20
N VAL B 157 -26.87 -47.35 42.34
CA VAL B 157 -26.36 -47.89 43.59
C VAL B 157 -26.30 -49.41 43.55
N LYS B 158 -27.36 -50.04 43.02
CA LYS B 158 -27.35 -51.49 42.87
C LYS B 158 -26.33 -51.94 41.83
N ALA B 159 -25.92 -51.04 40.94
CA ALA B 159 -24.89 -51.36 39.96
C ALA B 159 -23.49 -51.36 40.55
N GLY B 160 -23.33 -50.93 41.80
CA GLY B 160 -22.02 -50.86 42.43
C GLY B 160 -21.40 -49.48 42.35
N SER B 161 -22.19 -48.46 42.68
CA SER B 161 -21.73 -47.08 42.53
C SER B 161 -20.76 -46.69 43.64
N LEU B 162 -20.99 -47.16 44.86
CA LEU B 162 -20.22 -46.71 46.02
C LEU B 162 -19.22 -47.75 46.54
N TRP B 163 -19.16 -48.93 45.93
CA TRP B 163 -18.27 -49.97 46.44
C TRP B 163 -16.82 -49.66 46.13
N ASP B 164 -15.97 -49.80 47.14
CA ASP B 164 -14.52 -49.74 46.96
C ASP B 164 -13.96 -51.14 47.18
N PRO B 165 -13.38 -51.76 46.16
CA PRO B 165 -12.91 -53.15 46.33
C PRO B 165 -11.75 -53.29 47.30
N ASN B 166 -11.05 -52.20 47.61
CA ASN B 166 -9.92 -52.23 48.54
C ASN B 166 -8.83 -53.17 48.04
N ILE B 167 -8.62 -53.17 46.73
CA ILE B 167 -7.67 -54.09 46.13
C ILE B 167 -6.24 -53.62 46.41
N THR B 168 -5.41 -54.54 46.93
CA THR B 168 -3.97 -54.36 47.01
C THR B 168 -3.32 -55.67 46.64
N ALA B 169 -2.50 -55.66 45.58
CA ALA B 169 -1.94 -56.87 45.04
C ALA B 169 -0.46 -56.68 44.78
N CYS B 170 0.34 -57.65 45.20
CA CYS B 170 1.77 -57.64 44.98
C CYS B 170 2.20 -59.00 44.47
N LYS B 171 3.30 -59.00 43.70
CA LYS B 171 3.78 -60.22 43.06
C LYS B 171 4.25 -61.20 44.13
N LYS B 172 3.50 -62.30 44.29
CA LYS B 172 3.88 -63.31 45.28
C LYS B 172 5.23 -63.92 44.97
N ASN B 173 5.44 -64.35 43.73
CA ASN B 173 6.71 -64.89 43.29
C ASN B 173 6.77 -64.76 41.77
N GLU B 174 7.79 -65.37 41.17
CA GLU B 174 8.04 -65.18 39.74
C GLU B 174 6.88 -65.62 38.86
N GLU B 175 5.98 -66.48 39.36
CA GLU B 175 4.90 -66.99 38.55
C GLU B 175 3.51 -66.79 39.15
N THR B 176 3.39 -66.42 40.42
CA THR B 176 2.09 -66.19 41.04
C THR B 176 2.07 -64.82 41.69
N VAL B 177 0.87 -64.25 41.82
CA VAL B 177 0.65 -62.94 42.42
C VAL B 177 -0.50 -63.07 43.40
N GLU B 178 -0.34 -62.47 44.58
CA GLU B 178 -1.39 -62.44 45.58
C GLU B 178 -2.36 -61.31 45.26
N VAL B 179 -3.63 -61.51 45.63
CA VAL B 179 -4.66 -60.49 45.53
C VAL B 179 -5.29 -60.32 46.91
N ASN B 180 -5.15 -59.14 47.49
CA ASN B 180 -5.71 -58.83 48.81
C ASN B 180 -6.71 -57.69 48.65
N PHE B 181 -7.95 -57.95 49.05
CA PHE B 181 -9.00 -56.96 48.89
C PHE B 181 -10.16 -57.28 49.82
N THR B 182 -10.99 -56.27 50.06
CA THR B 182 -12.22 -56.46 50.80
C THR B 182 -13.26 -57.16 49.93
N THR B 183 -13.87 -58.21 50.49
CA THR B 183 -14.88 -58.97 49.77
C THR B 183 -16.15 -58.14 49.66
N THR B 184 -17.18 -58.72 49.05
CA THR B 184 -18.46 -58.01 48.89
C THR B 184 -19.59 -59.03 48.80
N PRO B 185 -20.45 -59.09 49.82
CA PRO B 185 -21.56 -60.06 49.81
C PRO B 185 -22.56 -59.86 48.69
N LEU B 186 -22.60 -58.69 48.07
CA LEU B 186 -23.55 -58.42 46.99
C LEU B 186 -23.26 -59.21 45.73
N GLY B 187 -22.09 -59.85 45.65
CA GLY B 187 -21.77 -60.70 44.52
C GLY B 187 -21.02 -61.92 44.98
N ASN B 188 -21.18 -63.00 44.21
CA ASN B 188 -20.44 -64.23 44.47
C ASN B 188 -19.54 -64.65 43.31
N ARG B 189 -19.43 -63.84 42.25
CA ARG B 189 -18.52 -64.14 41.16
C ARG B 189 -17.62 -62.93 40.92
N TYR B 190 -16.32 -63.18 40.98
CA TYR B 190 -15.34 -62.12 40.75
C TYR B 190 -14.19 -62.69 39.91
N MET B 191 -13.94 -62.03 38.78
CA MET B 191 -12.94 -62.47 37.83
C MET B 191 -11.67 -61.63 38.00
N ALA B 192 -10.55 -62.18 37.55
CA ALA B 192 -9.27 -61.48 37.67
C ALA B 192 -8.74 -61.21 36.27
N LEU B 193 -8.49 -59.94 35.96
CA LEU B 193 -7.93 -59.55 34.68
C LEU B 193 -6.67 -58.73 34.88
N ILE B 194 -5.60 -59.10 34.17
CA ILE B 194 -4.34 -58.38 34.20
C ILE B 194 -4.01 -57.94 32.78
N GLN B 195 -3.73 -56.65 32.60
CA GLN B 195 -3.48 -56.09 31.28
C GLN B 195 -2.24 -55.20 31.33
N HIS B 196 -1.14 -55.71 30.76
CA HIS B 196 0.05 -54.89 30.50
C HIS B 196 0.29 -54.73 29.01
N SER B 197 0.45 -55.83 28.29
CA SER B 197 0.45 -55.84 26.83
C SER B 197 -0.65 -56.73 26.26
N THR B 198 -0.78 -57.94 26.78
CA THR B 198 -1.83 -58.88 26.43
C THR B 198 -2.36 -59.51 27.70
N ILE B 199 -3.17 -60.57 27.54
CA ILE B 199 -3.67 -61.31 28.69
C ILE B 199 -2.54 -62.14 29.27
N ILE B 200 -2.10 -61.79 30.48
CA ILE B 200 -0.96 -62.46 31.11
C ILE B 200 -1.32 -63.12 32.43
N GLY B 201 -2.54 -62.95 32.93
CA GLY B 201 -2.92 -63.58 34.17
C GLY B 201 -4.41 -63.44 34.42
N PHE B 202 -5.01 -64.56 34.82
CA PHE B 202 -6.43 -64.61 35.16
C PHE B 202 -6.71 -65.90 35.93
N SER B 203 -7.85 -65.92 36.61
CA SER B 203 -8.29 -67.08 37.36
C SER B 203 -9.74 -66.88 37.74
N GLN B 204 -10.36 -67.96 38.23
CA GLN B 204 -11.75 -67.93 38.66
C GLN B 204 -11.83 -68.10 40.17
N VAL B 205 -12.68 -67.30 40.81
CA VAL B 205 -12.82 -67.28 42.26
C VAL B 205 -14.30 -67.29 42.61
N PHE B 206 -14.67 -68.12 43.58
CA PHE B 206 -16.04 -68.20 44.08
C PHE B 206 -16.03 -68.13 45.59
N GLU B 207 -16.68 -67.10 46.14
CA GLU B 207 -16.82 -66.93 47.58
C GLU B 207 -18.10 -66.17 47.86
N PRO B 208 -19.14 -66.83 48.39
CA PRO B 208 -20.48 -66.22 48.44
C PRO B 208 -20.57 -64.96 49.29
N HIS B 209 -20.25 -65.06 50.59
CA HIS B 209 -20.47 -63.97 51.52
C HIS B 209 -19.83 -64.33 52.86
N GLN B 210 -19.83 -63.35 53.76
CA GLN B 210 -19.28 -63.54 55.10
C GLN B 210 -19.95 -62.56 56.05
N LYS B 211 -19.89 -62.87 57.34
CA LYS B 211 -20.46 -62.01 58.37
C LYS B 211 -19.38 -61.23 59.12
N LYS B 212 -18.12 -61.64 59.00
CA LYS B 212 -17.04 -60.98 59.73
C LYS B 212 -16.37 -59.90 58.89
N GLN B 213 -16.46 -60.00 57.56
CA GLN B 213 -15.93 -58.97 56.65
C GLN B 213 -14.42 -58.81 56.84
N THR B 214 -13.67 -59.85 56.46
CA THR B 214 -12.22 -59.78 56.40
C THR B 214 -11.76 -59.75 54.94
N ARG B 215 -10.47 -59.47 54.75
CA ARG B 215 -9.91 -59.43 53.41
C ARG B 215 -9.67 -60.84 52.89
N ALA B 216 -9.63 -60.97 51.56
CA ALA B 216 -9.49 -62.27 50.91
C ALA B 216 -8.04 -62.48 50.45
N SER B 217 -7.77 -63.62 49.82
CA SER B 217 -6.44 -63.96 49.34
C SER B 217 -6.57 -65.05 48.29
N VAL B 218 -5.96 -64.83 47.12
CA VAL B 218 -6.04 -65.76 45.99
C VAL B 218 -4.65 -65.89 45.37
N VAL B 219 -4.33 -67.10 44.91
CA VAL B 219 -3.08 -67.37 44.19
C VAL B 219 -3.41 -67.47 42.70
N ILE B 220 -2.82 -66.59 41.92
CA ILE B 220 -3.12 -66.50 40.49
C ILE B 220 -1.84 -66.62 39.68
N PRO B 221 -1.74 -67.56 38.74
CA PRO B 221 -0.54 -67.66 37.91
C PRO B 221 -0.44 -66.51 36.92
N VAL B 222 0.79 -66.16 36.58
CA VAL B 222 1.08 -65.14 35.58
C VAL B 222 2.18 -65.66 34.66
N THR B 223 2.23 -65.12 33.45
CA THR B 223 3.27 -65.45 32.49
C THR B 223 4.18 -64.23 32.30
N GLY B 224 5.48 -64.49 32.22
CA GLY B 224 6.44 -63.41 32.09
C GLY B 224 6.54 -62.57 33.35
N ASP B 225 7.17 -61.42 33.20
CA ASP B 225 7.28 -60.47 34.30
C ASP B 225 5.93 -59.81 34.54
N SER B 226 5.42 -59.91 35.77
CA SER B 226 4.14 -59.33 36.13
C SER B 226 4.29 -57.96 36.79
N GLU B 227 5.51 -57.45 36.91
CA GLU B 227 5.71 -56.12 37.47
C GLU B 227 5.30 -55.05 36.47
N GLY B 228 4.68 -53.99 36.97
CA GLY B 228 4.28 -52.86 36.15
C GLY B 228 3.01 -53.06 35.35
N ALA B 229 2.29 -54.15 35.57
CA ALA B 229 1.07 -54.43 34.81
C ALA B 229 -0.10 -53.64 35.40
N THR B 230 -1.31 -53.98 34.97
CA THR B 230 -2.53 -53.44 35.54
C THR B 230 -3.49 -54.60 35.79
N VAL B 231 -3.98 -54.71 37.02
CA VAL B 231 -4.86 -55.81 37.42
C VAL B 231 -6.28 -55.27 37.54
N GLN B 232 -7.24 -55.94 36.91
CA GLN B 232 -8.62 -55.51 36.92
C GLN B 232 -9.50 -56.61 37.51
N LEU B 233 -10.55 -56.18 38.21
CA LEU B 233 -11.53 -57.07 38.83
C LEU B 233 -12.87 -56.93 38.13
N THR B 234 -13.57 -58.04 37.98
CA THR B 234 -14.85 -58.08 37.27
C THR B 234 -15.93 -58.68 38.16
N PRO B 235 -16.80 -57.86 38.75
CA PRO B 235 -17.89 -58.38 39.57
C PRO B 235 -19.19 -58.55 38.79
N TYR B 236 -19.94 -59.58 39.17
CA TYR B 236 -21.26 -59.85 38.62
C TYR B 236 -22.32 -59.50 39.67
N PHE B 237 -23.16 -58.53 39.35
CA PHE B 237 -24.29 -58.31 40.25
C PHE B 237 -25.60 -58.59 39.53
N PRO B 238 -26.62 -59.07 40.25
CA PRO B 238 -27.84 -59.54 39.57
C PRO B 238 -28.54 -58.49 38.72
N THR B 239 -28.59 -57.24 39.17
CA THR B 239 -29.31 -56.22 38.41
C THR B 239 -28.54 -55.79 37.18
N CYS B 240 -27.34 -55.23 37.38
CA CYS B 240 -26.50 -54.78 36.27
C CYS B 240 -25.93 -55.94 35.45
N GLY B 241 -25.99 -57.16 35.95
CA GLY B 241 -25.64 -58.33 35.15
C GLY B 241 -24.23 -58.24 34.59
N SER B 242 -24.13 -58.19 33.26
CA SER B 242 -22.85 -58.12 32.58
C SER B 242 -22.23 -56.74 32.60
N ASP B 243 -23.04 -55.68 32.64
CA ASP B 243 -22.53 -54.31 32.56
C ASP B 243 -22.36 -53.70 33.95
N CYS B 244 -22.00 -54.51 34.94
CA CYS B 244 -21.84 -54.02 36.30
C CYS B 244 -20.62 -53.11 36.41
N ILE B 245 -20.62 -52.27 37.44
CA ILE B 245 -19.54 -51.32 37.62
C ILE B 245 -18.28 -52.04 38.06
N ARG B 246 -17.18 -51.77 37.37
CA ARG B 246 -15.88 -52.37 37.67
C ARG B 246 -14.93 -51.30 38.19
N HIS B 247 -13.88 -51.74 38.86
CA HIS B 247 -12.88 -50.85 39.44
C HIS B 247 -11.50 -51.20 38.90
N LYS B 248 -10.65 -50.19 38.80
CA LYS B 248 -9.26 -50.39 38.44
C LYS B 248 -8.44 -50.78 39.67
N GLY B 249 -7.15 -51.00 39.47
CA GLY B 249 -6.27 -51.34 40.56
C GLY B 249 -4.86 -50.90 40.26
N THR B 250 -4.01 -51.00 41.29
CA THR B 250 -2.61 -50.65 41.20
C THR B 250 -1.76 -51.88 41.43
N VAL B 251 -0.48 -51.79 41.09
CA VAL B 251 0.46 -52.87 41.26
C VAL B 251 1.57 -52.42 42.20
N VAL B 252 1.85 -53.23 43.21
CA VAL B 252 2.91 -52.97 44.18
C VAL B 252 3.76 -54.23 44.29
N LEU B 253 4.83 -54.13 45.06
CA LEU B 253 5.75 -55.24 45.29
C LEU B 253 5.90 -55.47 46.78
N CYS B 254 5.90 -56.73 47.20
CA CYS B 254 6.02 -57.08 48.60
C CYS B 254 7.44 -57.54 48.89
N GLU C 53 -14.58 -70.15 7.73
CA GLU C 53 -15.95 -70.50 8.04
C GLU C 53 -16.93 -69.52 7.40
N ASP C 54 -18.20 -69.90 7.36
CA ASP C 54 -19.27 -69.05 6.86
C ASP C 54 -20.53 -69.32 7.67
N GLY C 55 -21.38 -68.30 7.78
CA GLY C 55 -22.62 -68.43 8.51
C GLY C 55 -23.62 -67.37 8.10
N PRO C 56 -24.90 -67.60 8.40
CA PRO C 56 -25.95 -66.64 8.04
C PRO C 56 -25.98 -65.41 8.95
N LEU C 57 -24.80 -64.86 9.20
CA LEU C 57 -24.61 -63.61 9.94
C LEU C 57 -25.00 -63.75 11.41
N ASN C 58 -25.50 -64.91 11.81
CA ASN C 58 -25.82 -65.17 13.21
C ASN C 58 -24.72 -66.02 13.85
N SER C 59 -23.69 -66.34 13.08
CA SER C 59 -22.58 -67.15 13.57
C SER C 59 -21.26 -66.52 13.16
N ARG C 60 -21.30 -65.56 12.24
CA ARG C 60 -20.10 -64.85 11.82
C ARG C 60 -19.80 -63.61 12.64
N ALA C 61 -20.70 -63.20 13.54
CA ALA C 61 -20.44 -62.05 14.38
C ALA C 61 -19.46 -62.42 15.49
N ILE C 62 -18.91 -61.40 16.14
CA ILE C 62 -17.99 -61.63 17.26
C ILE C 62 -18.74 -62.31 18.41
N SER C 63 -19.98 -61.90 18.67
CA SER C 63 -20.79 -62.51 19.71
C SER C 63 -22.02 -63.15 19.09
N PRO C 64 -21.90 -64.34 18.51
CA PRO C 64 -23.06 -64.99 17.91
C PRO C 64 -24.12 -65.30 18.96
N TRP C 65 -25.38 -65.12 18.57
CA TRP C 65 -26.49 -65.21 19.51
C TRP C 65 -27.52 -66.21 19.03
N ARG C 66 -28.18 -66.87 19.99
CA ARG C 66 -28.99 -68.05 19.75
C ARG C 66 -30.44 -67.76 20.10
N TYR C 67 -31.36 -68.43 19.40
CA TYR C 67 -32.77 -68.14 19.47
C TYR C 67 -33.51 -69.34 20.06
N GLU C 68 -34.44 -69.09 20.97
CA GLU C 68 -35.27 -70.15 21.53
C GLU C 68 -36.74 -69.73 21.52
N LEU C 69 -37.60 -70.69 21.84
CA LEU C 69 -39.02 -70.66 21.51
C LEU C 69 -39.80 -69.71 22.41
N ASP C 70 -40.80 -69.04 21.82
CA ASP C 70 -41.84 -68.33 22.56
C ASP C 70 -43.18 -68.93 22.13
N ARG C 71 -43.98 -69.36 23.09
CA ARG C 71 -45.20 -70.11 22.82
C ARG C 71 -46.44 -69.35 23.29
N ASP C 72 -47.41 -69.21 22.37
CA ASP C 72 -48.74 -68.77 22.70
C ASP C 72 -49.68 -69.17 21.59
N LEU C 73 -50.90 -69.56 21.96
CA LEU C 73 -51.91 -70.00 21.03
C LEU C 73 -52.77 -68.85 20.49
N ASN C 74 -52.53 -67.62 20.95
CA ASN C 74 -53.39 -66.49 20.61
C ASN C 74 -52.58 -65.31 20.10
N ARG C 75 -51.42 -65.56 19.54
CA ARG C 75 -50.45 -64.53 19.21
C ARG C 75 -50.19 -64.50 17.71
N LEU C 76 -50.01 -63.28 17.18
CA LEU C 76 -49.70 -63.09 15.77
C LEU C 76 -48.34 -62.40 15.65
N PRO C 77 -47.28 -63.12 15.25
CA PRO C 77 -47.25 -64.57 14.99
C PRO C 77 -47.29 -65.41 16.26
N GLN C 78 -47.58 -66.70 16.08
CA GLN C 78 -47.64 -67.59 17.23
C GLN C 78 -46.26 -67.90 17.78
N ASP C 79 -45.25 -67.92 16.92
CA ASP C 79 -43.89 -68.34 17.28
C ASP C 79 -42.97 -67.13 17.24
N LEU C 80 -42.23 -66.92 18.33
CA LEU C 80 -41.27 -65.82 18.43
C LEU C 80 -39.97 -66.34 19.02
N TYR C 81 -38.85 -65.80 18.55
CA TYR C 81 -37.52 -66.14 19.06
C TYR C 81 -36.78 -64.85 19.44
N HIS C 82 -36.33 -64.77 20.68
CA HIS C 82 -35.47 -63.68 21.14
C HIS C 82 -34.00 -64.07 20.98
N ALA C 83 -33.11 -63.16 21.36
CA ALA C 83 -31.68 -63.37 21.18
C ALA C 83 -30.98 -63.71 22.50
N ARG C 84 -30.19 -64.78 22.47
CA ARG C 84 -29.24 -65.14 23.55
C ARG C 84 -27.90 -65.51 22.92
N CYS C 85 -26.94 -64.60 23.03
CA CYS C 85 -25.55 -64.94 22.77
C CYS C 85 -24.96 -65.65 23.99
N LEU C 86 -24.55 -66.90 23.80
CA LEU C 86 -24.05 -67.72 24.90
C LEU C 86 -22.64 -67.35 25.30
N CYS C 87 -22.00 -66.43 24.58
CA CYS C 87 -20.67 -65.97 24.94
C CYS C 87 -20.78 -64.72 25.80
N PRO C 88 -20.42 -64.78 27.09
CA PRO C 88 -20.54 -63.59 27.94
C PRO C 88 -19.46 -62.56 27.69
N HIS C 89 -18.41 -62.91 26.95
CA HIS C 89 -17.41 -61.96 26.50
C HIS C 89 -17.35 -62.02 24.98
N CYS C 90 -16.66 -61.06 24.39
CA CYS C 90 -16.47 -61.06 22.95
C CYS C 90 -15.43 -62.10 22.55
N VAL C 91 -15.50 -62.55 21.30
CA VAL C 91 -14.60 -63.61 20.85
C VAL C 91 -13.38 -62.99 20.18
N SER C 92 -12.21 -63.58 20.45
CA SER C 92 -10.98 -63.15 19.82
C SER C 92 -11.00 -63.39 18.32
N LEU C 93 -10.57 -62.38 17.56
CA LEU C 93 -10.65 -62.41 16.11
C LEU C 93 -9.50 -63.16 15.44
N GLN C 94 -8.41 -63.44 16.16
CA GLN C 94 -7.27 -64.11 15.57
C GLN C 94 -7.42 -65.62 15.45
N THR C 95 -8.26 -66.22 16.29
CA THR C 95 -8.47 -67.67 16.27
C THR C 95 -9.91 -68.07 16.00
N GLY C 96 -10.88 -67.25 16.44
CA GLY C 96 -12.28 -67.56 16.28
C GLY C 96 -12.87 -68.42 17.37
N SER C 97 -12.05 -68.91 18.30
CA SER C 97 -12.52 -69.72 19.42
C SER C 97 -12.13 -69.15 20.77
N HIS C 98 -10.95 -68.57 20.89
CA HIS C 98 -10.55 -67.94 22.14
C HIS C 98 -11.46 -66.75 22.44
N MET C 99 -11.72 -66.54 23.73
CA MET C 99 -12.71 -65.58 24.19
C MET C 99 -12.00 -64.31 24.60
N ASP C 100 -12.31 -63.19 23.92
CA ASP C 100 -11.70 -61.91 24.24
C ASP C 100 -12.44 -61.28 25.42
N PRO C 101 -11.85 -61.26 26.62
CA PRO C 101 -12.59 -60.75 27.79
C PRO C 101 -12.71 -59.25 27.85
N ARG C 102 -12.06 -58.54 26.93
CA ARG C 102 -12.04 -57.08 26.92
C ARG C 102 -13.17 -56.49 26.07
N GLY C 103 -14.24 -57.27 25.88
CA GLY C 103 -15.46 -56.75 25.29
C GLY C 103 -16.67 -57.26 26.05
N ASN C 104 -17.75 -56.50 25.94
CA ASN C 104 -18.99 -56.81 26.66
C ASN C 104 -20.13 -56.96 25.66
N SER C 105 -21.16 -57.70 26.09
CA SER C 105 -22.33 -57.98 25.27
C SER C 105 -23.54 -57.28 25.86
N GLU C 106 -24.34 -56.66 24.99
CA GLU C 106 -25.57 -56.01 25.40
C GLU C 106 -26.67 -56.39 24.43
N LEU C 107 -27.91 -56.39 24.91
CA LEU C 107 -29.02 -56.72 24.03
C LEU C 107 -29.79 -55.47 23.67
N LEU C 108 -30.41 -55.49 22.48
CA LEU C 108 -31.08 -54.32 21.93
C LEU C 108 -32.52 -54.68 21.57
N TYR C 109 -33.44 -53.74 21.84
CA TYR C 109 -34.86 -53.99 21.78
C TYR C 109 -35.54 -53.06 20.78
N HIS C 110 -36.74 -53.46 20.33
CA HIS C 110 -37.63 -52.60 19.59
C HIS C 110 -39.06 -52.99 19.92
N ASN C 111 -40.01 -52.45 19.15
CA ASN C 111 -41.42 -52.73 19.35
C ASN C 111 -42.11 -53.05 18.04
N GLN C 112 -42.87 -54.14 18.03
CA GLN C 112 -43.59 -54.60 16.85
C GLN C 112 -45.03 -54.91 17.20
N THR C 113 -45.92 -54.69 16.23
CA THR C 113 -47.36 -54.81 16.45
C THR C 113 -47.78 -56.27 16.48
N VAL C 114 -48.54 -56.64 17.51
CA VAL C 114 -49.11 -57.98 17.63
C VAL C 114 -50.57 -57.86 18.03
N PHE C 115 -51.31 -58.95 17.84
CA PHE C 115 -52.72 -59.04 18.21
C PHE C 115 -52.90 -60.09 19.30
N TYR C 116 -53.66 -59.74 20.33
CA TYR C 116 -53.89 -60.63 21.46
C TYR C 116 -55.38 -60.90 21.62
N ARG C 117 -55.69 -62.11 22.09
CA ARG C 117 -57.06 -62.59 22.23
C ARG C 117 -57.57 -62.35 23.64
N ARG C 118 -58.65 -61.59 23.74
CA ARG C 118 -59.38 -61.43 24.99
C ARG C 118 -60.88 -61.56 24.69
N PRO C 119 -61.63 -62.23 25.55
CA PRO C 119 -63.07 -62.39 25.28
C PRO C 119 -63.79 -61.05 25.27
N CYS C 120 -64.83 -60.97 24.45
CA CYS C 120 -65.56 -59.71 24.28
C CYS C 120 -66.21 -59.28 25.59
N HIS C 121 -65.98 -58.02 25.95
CA HIS C 121 -66.64 -57.45 27.13
C HIS C 121 -68.15 -57.37 26.94
N GLY C 122 -68.58 -56.98 25.74
CA GLY C 122 -70.01 -56.89 25.47
C GLY C 122 -70.67 -58.25 25.56
N GLU C 123 -71.69 -58.36 26.41
CA GLU C 123 -72.38 -59.63 26.65
C GLU C 123 -73.40 -59.87 25.55
N LYS C 124 -72.89 -60.11 24.34
CA LYS C 124 -73.77 -60.42 23.22
C LYS C 124 -74.28 -61.85 23.32
N GLY C 125 -73.41 -62.79 23.72
CA GLY C 125 -73.83 -64.15 24.02
C GLY C 125 -73.93 -65.09 22.85
N THR C 126 -73.81 -64.58 21.61
CA THR C 126 -73.89 -65.47 20.45
C THR C 126 -72.72 -66.47 20.44
N HIS C 127 -71.60 -66.09 21.03
CA HIS C 127 -70.43 -66.94 21.09
C HIS C 127 -69.56 -66.47 22.25
N LYS C 128 -68.32 -66.95 22.30
CA LYS C 128 -67.36 -66.42 23.25
C LYS C 128 -67.01 -64.97 22.96
N GLY C 129 -67.34 -64.48 21.75
CA GLY C 129 -67.06 -63.11 21.37
C GLY C 129 -65.85 -62.99 20.47
N TYR C 130 -65.59 -61.75 20.05
CA TYR C 130 -64.46 -61.47 19.19
C TYR C 130 -63.99 -60.05 19.45
N CYS C 131 -62.71 -59.91 19.80
CA CYS C 131 -62.11 -58.62 20.06
C CYS C 131 -60.62 -58.69 19.75
N LEU C 132 -60.07 -57.60 19.24
CA LEU C 132 -58.67 -57.51 18.85
C LEU C 132 -57.98 -56.51 19.77
N GLU C 133 -56.82 -56.88 20.29
CA GLU C 133 -56.01 -56.03 21.16
C GLU C 133 -54.68 -55.77 20.45
N ARG C 134 -54.47 -54.52 20.04
CA ARG C 134 -53.31 -54.12 19.26
C ARG C 134 -52.29 -53.47 20.21
N ARG C 135 -51.08 -54.03 20.24
CA ARG C 135 -50.06 -53.55 21.16
C ARG C 135 -48.69 -53.99 20.64
N LEU C 136 -47.66 -53.31 21.09
CA LEU C 136 -46.26 -53.55 20.72
C LEU C 136 -45.72 -54.81 21.39
N TYR C 137 -44.41 -55.00 21.29
CA TYR C 137 -43.72 -56.05 22.03
C TYR C 137 -42.23 -55.76 22.10
N ARG C 138 -41.64 -56.10 23.24
CA ARG C 138 -40.21 -55.91 23.49
C ARG C 138 -39.49 -57.22 23.21
N VAL C 139 -38.48 -57.17 22.33
CA VAL C 139 -37.77 -58.37 21.90
C VAL C 139 -36.30 -58.03 21.67
N SER C 140 -35.43 -58.99 21.98
CA SER C 140 -33.99 -58.85 21.78
C SER C 140 -33.59 -59.35 20.41
N LEU C 141 -32.68 -58.61 19.76
CA LEU C 141 -32.28 -58.92 18.40
C LEU C 141 -30.80 -59.30 18.29
N ALA C 142 -29.88 -58.42 18.68
CA ALA C 142 -28.49 -58.64 18.35
C ALA C 142 -27.60 -58.24 19.52
N CYS C 143 -26.59 -59.08 19.77
CA CYS C 143 -25.52 -58.81 20.72
C CYS C 143 -24.38 -58.13 19.98
N VAL C 144 -23.99 -56.96 20.44
CA VAL C 144 -22.90 -56.20 19.84
C VAL C 144 -21.83 -55.93 20.89
N CYS C 145 -20.57 -56.12 20.51
CA CYS C 145 -19.45 -55.86 21.39
C CYS C 145 -19.36 -54.36 21.67
N VAL C 146 -19.32 -54.01 22.95
CA VAL C 146 -19.26 -52.61 23.39
C VAL C 146 -18.06 -52.46 24.32
N ARG C 147 -17.34 -51.35 24.17
CA ARG C 147 -16.18 -51.10 25.01
C ARG C 147 -16.62 -50.94 26.46
N PRO C 148 -15.97 -51.64 27.39
CA PRO C 148 -16.40 -51.58 28.80
C PRO C 148 -16.23 -50.19 29.40
N ARG C 149 -17.14 -49.84 30.31
CA ARG C 149 -17.09 -48.60 31.07
C ARG C 149 -16.46 -48.86 32.43
N VAL C 150 -15.45 -48.07 32.76
CA VAL C 150 -14.62 -48.30 33.94
C VAL C 150 -14.44 -46.98 34.69
N MET C 151 -14.47 -47.06 36.01
CA MET C 151 -14.22 -45.91 36.89
C MET C 151 -12.90 -46.14 37.62
N GLY C 152 -12.37 -45.08 38.21
CA GLY C 152 -11.14 -45.17 38.97
C GLY C 152 -10.30 -43.91 38.91
N GLU D 2 -59.09 -90.38 -3.81
CA GLU D 2 -57.70 -89.93 -3.89
C GLU D 2 -57.61 -88.40 -3.86
N PRO D 3 -57.70 -87.82 -2.66
CA PRO D 3 -57.59 -86.36 -2.56
C PRO D 3 -56.20 -85.88 -2.97
N THR D 4 -56.17 -84.68 -3.55
CA THR D 4 -54.94 -84.05 -4.01
C THR D 4 -54.66 -82.80 -3.17
N VAL D 5 -53.58 -82.11 -3.52
CA VAL D 5 -53.17 -80.90 -2.82
C VAL D 5 -52.99 -79.77 -3.84
N GLN D 6 -53.55 -78.61 -3.52
CA GLN D 6 -53.46 -77.43 -4.38
C GLN D 6 -53.41 -76.22 -3.46
N CYS D 7 -52.31 -75.46 -3.51
CA CYS D 7 -52.08 -74.39 -2.55
C CYS D 7 -51.73 -73.09 -3.26
N GLY D 8 -52.07 -71.98 -2.60
CA GLY D 8 -51.75 -70.66 -3.11
C GLY D 8 -51.40 -69.73 -1.98
N SER D 9 -50.77 -68.61 -2.34
CA SER D 9 -50.31 -67.66 -1.34
C SER D 9 -51.48 -66.96 -0.64
N GLU D 10 -51.33 -66.76 0.66
CA GLU D 10 -52.31 -66.03 1.45
C GLU D 10 -51.67 -65.62 2.77
N THR D 11 -51.70 -64.34 3.08
CA THR D 11 -51.12 -63.80 4.32
C THR D 11 -52.19 -63.05 5.09
N GLY D 12 -52.17 -63.21 6.41
CA GLY D 12 -53.13 -62.56 7.27
C GLY D 12 -53.80 -63.52 8.22
N PRO D 13 -54.94 -63.12 8.78
CA PRO D 13 -55.62 -63.96 9.77
C PRO D 13 -56.48 -65.04 9.11
N SER D 14 -56.53 -66.19 9.75
CA SER D 14 -57.38 -67.28 9.28
C SER D 14 -58.84 -66.97 9.58
N PRO D 15 -59.76 -67.21 8.64
CA PRO D 15 -61.18 -66.95 8.91
C PRO D 15 -61.75 -67.81 10.04
N GLU D 16 -61.06 -68.90 10.38
CA GLU D 16 -61.52 -69.79 11.44
C GLU D 16 -61.14 -69.32 12.84
N TRP D 17 -60.33 -68.27 12.97
CA TRP D 17 -59.87 -67.83 14.28
C TRP D 17 -60.94 -67.13 15.11
N MET D 18 -61.91 -66.47 14.46
CA MET D 18 -62.96 -65.79 15.20
C MET D 18 -64.04 -66.73 15.72
N LEU D 19 -64.02 -68.01 15.33
CA LEU D 19 -65.00 -68.98 15.80
C LEU D 19 -64.28 -70.17 16.41
N GLN D 20 -64.66 -70.53 17.63
CA GLN D 20 -64.12 -71.70 18.30
C GLN D 20 -64.98 -72.92 17.98
N HIS D 21 -64.35 -73.97 17.49
CA HIS D 21 -65.05 -75.16 17.03
C HIS D 21 -65.16 -76.19 18.16
N ASP D 22 -66.33 -76.83 18.24
CA ASP D 22 -66.52 -77.87 19.25
C ASP D 22 -65.58 -79.04 19.02
N LEU D 23 -65.39 -79.45 17.78
CA LEU D 23 -64.50 -80.54 17.42
C LEU D 23 -63.31 -80.00 16.64
N ILE D 24 -62.12 -80.48 16.98
CA ILE D 24 -60.89 -80.02 16.35
C ILE D 24 -60.07 -81.21 15.89
N PRO D 25 -59.32 -81.10 14.80
CA PRO D 25 -58.42 -82.17 14.39
C PRO D 25 -57.15 -82.18 15.23
N GLY D 26 -56.36 -83.23 15.05
CA GLY D 26 -55.16 -83.43 15.83
C GLY D 26 -53.93 -82.82 15.18
N ASP D 27 -52.77 -83.28 15.67
CA ASP D 27 -51.47 -82.80 15.24
C ASP D 27 -51.07 -83.49 13.93
N LEU D 28 -49.80 -83.41 13.58
CA LEU D 28 -49.26 -84.13 12.43
C LEU D 28 -48.13 -85.06 12.90
N ARG D 29 -48.13 -86.30 12.40
CA ARG D 29 -47.03 -87.21 12.68
C ARG D 29 -45.67 -86.61 12.32
N ASP D 30 -45.44 -86.33 11.04
CA ASP D 30 -44.10 -86.02 10.58
C ASP D 30 -44.13 -84.83 9.62
N LEU D 31 -42.96 -84.28 9.37
CA LEU D 31 -42.77 -83.17 8.44
C LEU D 31 -41.35 -83.25 7.91
N ARG D 32 -41.20 -83.45 6.60
CA ARG D 32 -39.89 -83.62 5.99
C ARG D 32 -39.72 -82.65 4.84
N VAL D 33 -38.51 -82.10 4.74
CA VAL D 33 -38.16 -81.12 3.73
C VAL D 33 -36.87 -81.57 3.05
N GLU D 34 -36.91 -81.66 1.72
CA GLU D 34 -35.71 -81.93 0.94
C GLU D 34 -35.60 -80.91 -0.18
N PRO D 35 -34.40 -80.38 -0.41
CA PRO D 35 -34.24 -79.29 -1.36
C PRO D 35 -34.03 -79.76 -2.80
N VAL D 36 -34.45 -78.90 -3.73
CA VAL D 36 -34.28 -79.14 -5.15
C VAL D 36 -33.76 -77.86 -5.80
N THR D 37 -33.11 -78.03 -6.95
CA THR D 37 -32.64 -76.92 -7.76
C THR D 37 -33.36 -76.96 -9.10
N THR D 38 -33.94 -75.83 -9.48
CA THR D 38 -34.71 -75.76 -10.71
C THR D 38 -33.79 -75.80 -11.93
N SER D 39 -34.35 -76.23 -13.06
CA SER D 39 -33.60 -76.31 -14.30
C SER D 39 -33.50 -74.94 -14.96
N VAL D 40 -32.55 -74.82 -15.88
CA VAL D 40 -32.32 -73.58 -16.60
C VAL D 40 -32.14 -73.85 -18.09
N TYR D 45 -32.34 -70.30 -13.51
CA TYR D 45 -31.84 -71.23 -12.51
C TYR D 45 -32.10 -70.71 -11.11
N SER D 46 -33.09 -71.30 -10.44
CA SER D 46 -33.47 -70.90 -9.09
C SER D 46 -33.52 -72.12 -8.18
N ILE D 47 -33.78 -71.85 -6.90
CA ILE D 47 -33.89 -72.89 -5.88
C ILE D 47 -35.23 -72.72 -5.18
N LEU D 48 -36.01 -73.80 -5.15
CA LEU D 48 -37.29 -73.82 -4.47
C LEU D 48 -37.29 -74.89 -3.39
N MET D 49 -38.03 -74.63 -2.32
CA MET D 49 -38.09 -75.51 -1.16
C MET D 49 -39.35 -76.35 -1.19
N ASN D 50 -39.24 -77.59 -0.74
CA ASN D 50 -40.31 -78.57 -0.81
C ASN D 50 -40.82 -78.88 0.59
N VAL D 51 -42.13 -78.90 0.76
CA VAL D 51 -42.75 -79.26 2.03
C VAL D 51 -43.50 -80.57 1.87
N SER D 52 -43.25 -81.50 2.79
CA SER D 52 -43.94 -82.78 2.83
C SER D 52 -44.31 -83.09 4.28
N TRP D 53 -45.58 -83.43 4.50
CA TRP D 53 -46.08 -83.67 5.85
C TRP D 53 -46.83 -84.98 5.90
N VAL D 54 -46.82 -85.61 7.07
CA VAL D 54 -47.48 -86.89 7.31
C VAL D 54 -48.68 -86.65 8.21
N LEU D 55 -49.83 -87.15 7.78
CA LEU D 55 -51.09 -86.90 8.46
C LEU D 55 -51.39 -88.01 9.47
N ARG D 56 -52.27 -87.70 10.42
CA ARG D 56 -52.63 -88.68 11.45
C ARG D 56 -53.34 -89.88 10.84
N ALA D 57 -53.46 -90.95 11.63
CA ALA D 57 -54.13 -92.16 11.22
C ALA D 57 -55.29 -92.55 12.13
N ASP D 58 -55.19 -92.21 13.42
CA ASP D 58 -56.11 -92.74 14.44
C ASP D 58 -57.32 -91.82 14.59
N ALA D 59 -58.35 -92.08 13.79
CA ALA D 59 -59.71 -91.60 14.02
C ALA D 59 -59.87 -90.09 13.88
N SER D 60 -58.77 -89.36 13.63
CA SER D 60 -58.86 -87.92 13.46
C SER D 60 -59.01 -87.51 12.00
N ILE D 61 -58.92 -88.46 11.07
CA ILE D 61 -59.03 -88.14 9.65
C ILE D 61 -60.49 -87.89 9.26
N ARG D 62 -61.44 -88.15 10.15
CA ARG D 62 -62.84 -87.98 9.80
C ARG D 62 -63.17 -86.53 9.48
N LEU D 63 -62.65 -85.59 10.26
CA LEU D 63 -62.88 -84.17 10.04
C LEU D 63 -61.54 -83.45 9.99
N LEU D 64 -61.28 -82.72 8.91
CA LEU D 64 -60.07 -81.95 8.74
C LEU D 64 -60.24 -81.02 7.54
N LYS D 65 -59.68 -79.82 7.63
CA LYS D 65 -59.85 -78.82 6.59
C LYS D 65 -58.56 -78.50 5.85
N ALA D 66 -57.51 -78.08 6.55
CA ALA D 66 -56.32 -77.56 5.89
C ALA D 66 -55.12 -77.71 6.82
N THR D 67 -53.95 -77.32 6.31
CA THR D 67 -52.71 -77.34 7.09
C THR D 67 -51.85 -76.19 6.58
N LYS D 68 -51.90 -75.05 7.28
CA LYS D 68 -51.15 -73.88 6.86
C LYS D 68 -49.66 -74.07 7.11
N ILE D 69 -48.85 -73.41 6.29
CA ILE D 69 -47.39 -73.46 6.40
C ILE D 69 -46.88 -72.02 6.45
N CYS D 70 -46.05 -71.73 7.46
CA CYS D 70 -45.46 -70.41 7.62
C CYS D 70 -43.94 -70.53 7.70
N VAL D 71 -43.25 -69.62 7.03
CA VAL D 71 -41.79 -69.63 6.92
C VAL D 71 -41.28 -68.26 7.33
N THR D 72 -40.18 -68.24 8.09
CA THR D 72 -39.58 -66.99 8.56
C THR D 72 -38.15 -66.90 8.03
N GLY D 73 -37.79 -65.75 7.50
CA GLY D 73 -36.44 -65.51 7.01
C GLY D 73 -35.73 -64.49 7.89
N LYS D 74 -34.68 -64.94 8.55
CA LYS D 74 -33.95 -64.13 9.53
C LYS D 74 -32.56 -63.83 8.97
N SER D 75 -32.48 -62.76 8.18
CA SER D 75 -31.28 -62.29 7.52
C SER D 75 -31.00 -60.87 7.97
N ASN D 76 -30.10 -60.20 7.26
CA ASN D 76 -29.94 -58.76 7.43
C ASN D 76 -31.30 -58.07 7.26
N PHE D 77 -32.15 -58.65 6.41
CA PHE D 77 -33.56 -58.31 6.31
C PHE D 77 -34.38 -59.42 6.97
N GLN D 78 -35.58 -59.05 7.41
CA GLN D 78 -36.45 -59.97 8.14
C GLN D 78 -37.73 -60.18 7.34
N SER D 79 -38.14 -61.44 7.18
CA SER D 79 -39.28 -61.79 6.36
C SER D 79 -40.15 -62.83 7.07
N TYR D 80 -41.42 -62.89 6.67
CA TYR D 80 -42.37 -63.85 7.24
C TYR D 80 -43.50 -64.07 6.24
N SER D 81 -43.62 -65.30 5.75
CA SER D 81 -44.64 -65.64 4.77
C SER D 81 -45.40 -66.87 5.24
N CYS D 82 -46.69 -66.92 4.88
CA CYS D 82 -47.56 -68.03 5.22
C CYS D 82 -48.35 -68.46 3.98
N VAL D 83 -48.66 -69.74 3.93
CA VAL D 83 -49.46 -70.32 2.84
C VAL D 83 -50.54 -71.20 3.45
N ARG D 84 -51.79 -70.95 3.07
CA ARG D 84 -52.93 -71.74 3.52
C ARG D 84 -53.60 -72.39 2.32
N CYS D 85 -53.96 -73.67 2.47
CA CYS D 85 -54.63 -74.39 1.39
C CYS D 85 -55.39 -75.58 1.97
N ASN D 86 -56.62 -75.77 1.49
CA ASN D 86 -57.48 -76.85 1.95
C ASN D 86 -57.16 -78.13 1.16
N TYR D 87 -57.97 -79.15 1.39
CA TYR D 87 -57.83 -80.45 0.72
C TYR D 87 -59.05 -80.71 -0.14
N THR D 88 -58.81 -81.26 -1.34
CA THR D 88 -59.84 -81.28 -2.37
C THR D 88 -61.00 -82.21 -2.01
N GLU D 89 -60.71 -83.43 -1.61
CA GLU D 89 -61.73 -84.46 -1.42
C GLU D 89 -61.91 -84.77 0.06
N ALA D 90 -63.15 -85.05 0.45
CA ALA D 90 -63.45 -85.44 1.82
C ALA D 90 -62.79 -86.76 2.15
N PHE D 91 -62.20 -86.84 3.35
CA PHE D 91 -61.48 -88.03 3.76
C PHE D 91 -62.43 -89.13 4.21
N GLN D 92 -62.08 -90.37 3.85
CA GLN D 92 -62.94 -91.52 4.05
C GLN D 92 -62.27 -92.72 4.70
N THR D 93 -60.94 -92.81 4.65
CA THR D 93 -60.22 -93.96 5.15
C THR D 93 -59.10 -93.51 6.07
N GLN D 94 -58.54 -94.45 6.83
CA GLN D 94 -57.47 -94.16 7.78
C GLN D 94 -56.08 -94.35 7.21
N THR D 95 -55.94 -95.21 6.19
CA THR D 95 -54.66 -95.44 5.52
C THR D 95 -54.88 -95.47 4.02
N ARG D 96 -53.80 -95.39 3.27
CA ARG D 96 -53.89 -95.51 1.82
C ARG D 96 -54.36 -96.90 1.43
N PRO D 97 -55.46 -97.03 0.68
CA PRO D 97 -55.76 -98.33 0.07
C PRO D 97 -54.68 -98.75 -0.92
N SER D 98 -53.97 -97.78 -1.51
CA SER D 98 -52.96 -98.10 -2.51
C SER D 98 -51.70 -98.71 -1.90
N GLY D 99 -51.22 -98.15 -0.80
CA GLY D 99 -50.01 -98.62 -0.16
C GLY D 99 -49.16 -97.50 0.38
N GLY D 100 -48.55 -97.73 1.54
CA GLY D 100 -47.76 -96.71 2.20
C GLY D 100 -48.61 -95.79 3.06
N LYS D 101 -47.95 -94.81 3.64
CA LYS D 101 -48.62 -93.79 4.44
C LYS D 101 -48.89 -92.55 3.57
N TRP D 102 -49.89 -91.79 3.97
CA TRP D 102 -50.29 -90.61 3.21
C TRP D 102 -49.14 -89.64 3.07
N THR D 103 -48.92 -89.18 1.84
CA THR D 103 -47.81 -88.28 1.54
C THR D 103 -48.29 -87.19 0.59
N PHE D 104 -48.04 -85.94 0.95
CA PHE D 104 -48.38 -84.80 0.13
C PHE D 104 -47.14 -83.92 -0.05
N SER D 105 -47.15 -83.13 -1.13
CA SER D 105 -46.03 -82.24 -1.40
C SER D 105 -46.56 -80.93 -1.96
N TYR D 106 -45.84 -79.85 -1.68
CA TYR D 106 -46.19 -78.54 -2.20
C TYR D 106 -44.91 -77.76 -2.40
N ILE D 107 -44.85 -76.96 -3.48
CA ILE D 107 -43.68 -76.19 -3.83
C ILE D 107 -44.09 -74.76 -4.07
N GLY D 108 -43.14 -73.84 -3.97
CA GLY D 108 -43.40 -72.44 -4.24
C GLY D 108 -42.69 -71.49 -3.30
N PHE D 109 -42.04 -72.02 -2.28
CA PHE D 109 -41.36 -71.18 -1.31
C PHE D 109 -39.99 -70.78 -1.83
N PRO D 110 -39.74 -69.49 -2.04
CA PRO D 110 -38.43 -69.07 -2.56
C PRO D 110 -37.33 -69.24 -1.53
N VAL D 111 -36.11 -69.35 -2.01
CA VAL D 111 -34.92 -69.53 -1.16
C VAL D 111 -33.98 -68.37 -1.41
N GLU D 112 -33.55 -67.72 -0.33
CA GLU D 112 -32.63 -66.60 -0.38
C GLU D 112 -31.22 -67.10 -0.06
N LEU D 113 -30.28 -66.15 0.09
CA LEU D 113 -28.87 -66.46 0.25
C LEU D 113 -28.45 -66.34 1.71
N ASN D 114 -27.85 -67.42 2.22
CA ASN D 114 -27.25 -67.44 3.55
C ASN D 114 -28.24 -67.05 4.65
N THR D 115 -29.37 -67.74 4.72
CA THR D 115 -30.41 -67.45 5.69
C THR D 115 -30.82 -68.74 6.39
N VAL D 116 -31.33 -68.61 7.61
CA VAL D 116 -31.89 -69.73 8.34
C VAL D 116 -33.40 -69.53 8.41
N TYR D 117 -34.14 -70.52 7.92
CA TYR D 117 -35.59 -70.47 7.90
C TYR D 117 -36.16 -71.38 8.99
N PHE D 118 -37.16 -70.88 9.71
CA PHE D 118 -37.90 -71.66 10.68
C PHE D 118 -39.32 -71.86 10.15
N ILE D 119 -39.73 -73.11 10.03
CA ILE D 119 -40.99 -73.47 9.38
C ILE D 119 -41.86 -74.21 10.38
N GLY D 120 -43.09 -73.73 10.56
CA GLY D 120 -44.02 -74.39 11.45
C GLY D 120 -45.32 -74.69 10.72
N ALA D 121 -46.16 -75.49 11.36
CA ALA D 121 -47.40 -75.93 10.74
C ALA D 121 -48.45 -76.18 11.82
N HIS D 122 -49.71 -76.13 11.39
CA HIS D 122 -50.84 -76.43 12.25
C HIS D 122 -52.02 -76.80 11.38
N ASN D 123 -53.03 -77.42 11.99
CA ASN D 123 -54.20 -77.89 11.27
C ASN D 123 -55.36 -76.91 11.43
N ILE D 124 -56.38 -77.09 10.59
CA ILE D 124 -57.56 -76.24 10.61
C ILE D 124 -58.79 -77.13 10.78
N PRO D 125 -59.71 -76.79 11.70
CA PRO D 125 -59.65 -75.64 12.60
C PRO D 125 -58.65 -75.80 13.73
N ASN D 126 -58.18 -74.69 14.28
CA ASN D 126 -57.19 -74.71 15.35
C ASN D 126 -57.86 -75.12 16.67
N ALA D 127 -57.01 -75.47 17.64
CA ALA D 127 -57.49 -75.85 18.96
C ALA D 127 -58.14 -74.65 19.64
N ASN D 128 -59.11 -74.94 20.51
CA ASN D 128 -59.84 -73.89 21.19
C ASN D 128 -59.00 -73.31 22.33
N MET D 129 -59.58 -72.35 23.05
CA MET D 129 -58.86 -71.65 24.10
C MET D 129 -58.51 -72.60 25.24
N ASN D 130 -57.32 -72.39 25.81
CA ASN D 130 -56.81 -73.18 26.95
C ASN D 130 -56.80 -74.67 26.62
N GLU D 131 -56.03 -75.01 25.58
CA GLU D 131 -55.89 -76.39 25.14
C GLU D 131 -54.42 -76.64 24.81
N ASP D 132 -54.12 -77.89 24.46
CA ASP D 132 -52.74 -78.27 24.16
C ASP D 132 -52.28 -77.64 22.86
N GLY D 133 -50.99 -77.26 22.82
CA GLY D 133 -50.40 -76.67 21.65
C GLY D 133 -50.26 -77.66 20.51
N PRO D 134 -50.88 -77.34 19.37
CA PRO D 134 -50.89 -78.30 18.25
C PRO D 134 -49.78 -78.06 17.23
N SER D 135 -49.10 -76.93 17.34
CA SER D 135 -48.13 -76.54 16.32
C SER D 135 -46.80 -77.28 16.50
N MET D 136 -46.19 -77.64 15.37
CA MET D 136 -44.84 -78.17 15.35
C MET D 136 -44.01 -77.36 14.34
N SER D 137 -42.73 -77.19 14.66
CA SER D 137 -41.86 -76.32 13.88
C SER D 137 -40.54 -77.01 13.57
N VAL D 138 -39.93 -76.60 12.46
CA VAL D 138 -38.64 -77.16 12.02
C VAL D 138 -37.76 -76.02 11.56
N ASN D 139 -36.46 -76.29 11.45
CA ASN D 139 -35.47 -75.32 11.01
C ASN D 139 -35.08 -75.57 9.55
N PHE D 140 -34.27 -74.65 9.02
CA PHE D 140 -33.73 -74.82 7.69
C PHE D 140 -32.33 -74.22 7.64
N THR D 141 -31.43 -74.92 6.95
CA THR D 141 -30.02 -74.55 6.91
C THR D 141 -29.63 -74.21 5.47
N SER D 142 -29.03 -72.97 5.27
CA SER D 142 -28.69 -72.60 3.90
C SER D 142 -27.26 -72.09 3.80
N PRO D 143 -26.58 -72.40 2.70
CA PRO D 143 -25.22 -71.89 2.49
C PRO D 143 -25.21 -70.54 1.78
N GLY D 144 -24.00 -70.08 1.48
CA GLY D 144 -23.75 -68.83 0.78
C GLY D 144 -23.28 -69.06 -0.64
N CYS D 145 -22.24 -68.31 -1.03
CA CYS D 145 -21.63 -68.42 -2.35
C CYS D 145 -20.21 -68.95 -2.23
N LEU D 146 -20.01 -69.96 -1.39
CA LEU D 146 -18.71 -70.61 -1.26
C LEU D 146 -18.74 -72.04 -1.78
N ASP D 147 -19.70 -72.36 -2.64
CA ASP D 147 -19.83 -73.70 -3.22
C ASP D 147 -19.70 -73.63 -4.73
N HIS D 148 -19.17 -74.71 -5.32
CA HIS D 148 -18.97 -74.76 -6.76
C HIS D 148 -20.29 -74.75 -7.52
N ILE D 149 -21.32 -75.42 -7.00
CA ILE D 149 -22.56 -75.59 -7.75
C ILE D 149 -23.29 -74.25 -7.91
N MET D 150 -23.23 -73.37 -6.92
CA MET D 150 -24.09 -72.20 -6.89
C MET D 150 -23.33 -70.90 -7.03
N LYS D 151 -22.01 -70.95 -7.26
CA LYS D 151 -21.23 -69.73 -7.37
C LYS D 151 -21.60 -68.92 -8.62
N TYR D 152 -22.28 -69.53 -9.57
CA TYR D 152 -22.58 -68.89 -10.85
C TYR D 152 -23.81 -67.99 -10.80
N LYS D 153 -24.51 -67.93 -9.67
CA LYS D 153 -25.64 -67.02 -9.56
C LYS D 153 -25.17 -65.57 -9.67
N LYS D 154 -25.91 -64.78 -10.44
CA LYS D 154 -25.44 -63.47 -10.86
C LYS D 154 -25.14 -62.56 -9.68
N LYS D 155 -25.91 -62.71 -8.59
CA LYS D 155 -25.75 -61.79 -7.45
C LYS D 155 -24.36 -61.87 -6.85
N CYS D 156 -23.87 -63.09 -6.58
CA CYS D 156 -22.52 -63.23 -6.05
C CYS D 156 -21.46 -63.31 -7.15
N VAL D 157 -21.87 -63.49 -8.41
CA VAL D 157 -20.94 -63.29 -9.52
C VAL D 157 -20.55 -61.82 -9.61
N LYS D 158 -21.51 -60.92 -9.39
CA LYS D 158 -21.22 -59.49 -9.31
C LYS D 158 -20.22 -59.20 -8.20
N ALA D 159 -20.20 -60.04 -7.16
CA ALA D 159 -19.22 -59.93 -6.08
C ALA D 159 -17.88 -60.54 -6.42
N GLY D 160 -17.76 -61.18 -7.58
CA GLY D 160 -16.49 -61.76 -8.00
C GLY D 160 -16.34 -63.22 -7.61
N SER D 161 -17.35 -64.03 -7.94
CA SER D 161 -17.30 -65.44 -7.59
C SER D 161 -16.32 -66.20 -8.48
N LEU D 162 -16.14 -65.75 -9.72
CA LEU D 162 -15.30 -66.44 -10.69
C LEU D 162 -14.01 -65.71 -11.01
N TRP D 163 -13.81 -64.50 -10.50
CA TRP D 163 -12.61 -63.74 -10.80
C TRP D 163 -11.38 -64.38 -10.15
N ASP D 164 -10.30 -64.46 -10.92
CA ASP D 164 -9.05 -65.04 -10.44
C ASP D 164 -7.97 -63.96 -10.42
N PRO D 165 -7.65 -63.39 -9.26
CA PRO D 165 -6.62 -62.34 -9.22
C PRO D 165 -5.24 -62.82 -9.65
N ASN D 166 -4.93 -64.10 -9.43
CA ASN D 166 -3.59 -64.65 -9.68
C ASN D 166 -2.54 -63.88 -8.89
N ILE D 167 -2.70 -63.88 -7.57
CA ILE D 167 -1.81 -63.11 -6.69
C ILE D 167 -0.45 -63.77 -6.64
N THR D 168 0.59 -63.01 -6.96
CA THR D 168 1.97 -63.49 -6.91
C THR D 168 2.80 -62.45 -6.17
N ALA D 169 3.31 -62.83 -4.99
CA ALA D 169 4.10 -61.91 -4.18
C ALA D 169 5.36 -62.62 -3.71
N CYS D 170 6.49 -61.90 -3.72
CA CYS D 170 7.74 -62.44 -3.22
C CYS D 170 8.44 -61.37 -2.39
N LYS D 171 9.26 -61.82 -1.45
CA LYS D 171 9.98 -60.92 -0.55
C LYS D 171 11.11 -60.25 -1.31
N VAL D 177 8.47 -56.01 0.27
CA VAL D 177 7.92 -57.19 -0.39
C VAL D 177 7.04 -56.71 -1.54
N GLU D 178 7.29 -57.23 -2.74
CA GLU D 178 6.52 -56.85 -3.92
C GLU D 178 5.29 -57.76 -4.03
N VAL D 179 4.16 -57.18 -4.43
CA VAL D 179 2.92 -57.91 -4.65
C VAL D 179 2.49 -57.69 -6.09
N ASN D 180 2.22 -58.78 -6.80
CA ASN D 180 1.85 -58.73 -8.20
C ASN D 180 0.54 -59.49 -8.41
N PHE D 181 -0.43 -58.84 -9.05
CA PHE D 181 -1.72 -59.46 -9.32
C PHE D 181 -2.28 -58.87 -10.60
N THR D 182 -3.19 -59.62 -11.22
CA THR D 182 -3.87 -59.16 -12.43
C THR D 182 -5.03 -58.25 -12.06
N THR D 183 -5.11 -57.12 -12.73
CA THR D 183 -6.18 -56.16 -12.50
C THR D 183 -7.42 -56.58 -13.29
N ASN D 188 -11.59 -51.23 -8.83
CA ASN D 188 -10.62 -50.15 -8.94
C ASN D 188 -9.81 -49.86 -7.69
N ARG D 189 -10.07 -50.51 -6.56
CA ARG D 189 -9.32 -50.24 -5.34
C ARG D 189 -9.11 -51.52 -4.56
N TYR D 190 -7.96 -51.61 -3.89
CA TYR D 190 -7.57 -52.84 -3.23
C TYR D 190 -6.80 -52.54 -1.96
N MET D 191 -6.79 -53.52 -1.06
CA MET D 191 -5.89 -53.55 0.08
C MET D 191 -4.81 -54.59 -0.17
N ALA D 192 -3.85 -54.69 0.74
CA ALA D 192 -2.89 -55.78 0.72
C ALA D 192 -2.46 -56.04 2.15
N LEU D 193 -2.99 -57.10 2.74
CA LEU D 193 -2.81 -57.37 4.15
C LEU D 193 -1.83 -58.52 4.33
N ILE D 194 -0.82 -58.31 5.17
CA ILE D 194 0.18 -59.31 5.49
C ILE D 194 0.05 -59.62 6.97
N GLN D 195 -0.14 -60.90 7.30
CA GLN D 195 -0.42 -61.32 8.67
C GLN D 195 0.32 -62.63 8.94
N HIS D 196 1.38 -62.56 9.73
CA HIS D 196 2.08 -63.75 10.23
C HIS D 196 1.73 -63.99 11.69
N SER D 197 1.94 -62.99 12.54
CA SER D 197 1.43 -62.97 13.90
C SER D 197 0.52 -61.79 14.15
N THR D 198 0.92 -60.59 13.68
CA THR D 198 0.09 -59.39 13.75
C THR D 198 0.23 -58.61 12.45
N ILE D 199 -0.21 -57.35 12.43
CA ILE D 199 -0.03 -56.52 11.24
C ILE D 199 1.45 -56.17 11.11
N ILE D 200 2.02 -56.49 9.96
CA ILE D 200 3.40 -56.10 9.66
C ILE D 200 3.51 -55.16 8.47
N GLY D 201 2.44 -54.95 7.73
CA GLY D 201 2.47 -54.02 6.61
C GLY D 201 1.07 -53.78 6.08
N PHE D 202 0.90 -52.60 5.50
CA PHE D 202 -0.36 -52.23 4.87
C PHE D 202 -0.08 -51.14 3.86
N SER D 203 -0.94 -51.06 2.84
CA SER D 203 -0.79 -50.08 1.78
C SER D 203 -2.15 -49.86 1.13
N GLN D 204 -2.29 -48.73 0.46
CA GLN D 204 -3.55 -48.29 -0.11
C GLN D 204 -3.36 -48.05 -1.61
N VAL D 205 -4.31 -48.53 -2.42
CA VAL D 205 -4.13 -48.62 -3.86
C VAL D 205 -5.15 -47.74 -4.58
N PHE D 206 -4.67 -46.95 -5.53
CA PHE D 206 -5.51 -46.16 -6.43
C PHE D 206 -5.18 -46.53 -7.87
N GLU D 207 -6.10 -47.24 -8.53
CA GLU D 207 -6.01 -47.43 -9.98
C GLU D 207 -7.41 -47.63 -10.55
N GLN D 210 -7.41 -50.00 -16.55
CA GLN D 210 -6.30 -50.04 -17.50
C GLN D 210 -6.72 -50.93 -18.66
N LYS D 211 -6.40 -50.48 -19.88
CA LYS D 211 -6.84 -51.21 -21.06
C LYS D 211 -6.19 -52.59 -21.13
N LYS D 212 -4.91 -52.68 -20.78
CA LYS D 212 -4.20 -53.95 -20.87
C LYS D 212 -4.58 -54.88 -19.71
N GLN D 213 -4.91 -54.31 -18.56
CA GLN D 213 -5.26 -55.09 -17.36
C GLN D 213 -4.15 -56.06 -16.97
N THR D 214 -2.90 -55.62 -17.17
CA THR D 214 -1.75 -56.50 -16.94
C THR D 214 -1.47 -56.65 -15.45
N ARG D 215 -0.36 -57.33 -15.16
CA ARG D 215 0.05 -57.60 -13.79
C ARG D 215 0.35 -56.29 -13.06
N ALA D 216 -0.15 -56.19 -11.83
CA ALA D 216 0.10 -55.02 -11.00
C ALA D 216 1.42 -55.19 -10.26
N SER D 217 1.87 -54.13 -9.58
CA SER D 217 3.10 -54.17 -8.80
C SER D 217 3.05 -53.07 -7.75
N VAL D 218 3.00 -53.44 -6.49
CA VAL D 218 2.86 -52.50 -5.38
C VAL D 218 4.02 -52.70 -4.42
N VAL D 219 4.64 -51.60 -4.01
CA VAL D 219 5.75 -51.59 -3.05
C VAL D 219 5.16 -51.37 -1.66
N ILE D 220 5.40 -52.31 -0.76
CA ILE D 220 4.81 -52.29 0.57
C ILE D 220 5.89 -52.39 1.64
N PRO D 221 5.94 -51.48 2.60
CA PRO D 221 6.87 -51.63 3.72
C PRO D 221 6.40 -52.70 4.69
N VAL D 222 7.35 -53.45 5.22
CA VAL D 222 7.08 -54.52 6.17
C VAL D 222 8.04 -54.39 7.35
N ASP D 225 10.75 -59.90 9.54
CA ASP D 225 10.78 -60.94 8.53
C ASP D 225 9.36 -61.40 8.20
N SER D 226 9.08 -61.59 6.91
CA SER D 226 7.77 -62.00 6.44
C SER D 226 7.75 -63.41 5.88
N GLU D 227 8.82 -64.19 6.08
CA GLU D 227 8.84 -65.56 5.60
C GLU D 227 7.86 -66.42 6.40
N GLY D 228 7.02 -67.17 5.70
CA GLY D 228 5.98 -67.94 6.34
C GLY D 228 4.73 -67.15 6.68
N ALA D 229 4.63 -65.90 6.24
CA ALA D 229 3.47 -65.07 6.51
C ALA D 229 2.36 -65.38 5.50
N THR D 230 1.31 -64.57 5.54
CA THR D 230 0.17 -64.69 4.63
C THR D 230 -0.06 -63.36 3.94
N VAL D 231 -0.21 -63.39 2.61
CA VAL D 231 -0.51 -62.21 1.81
C VAL D 231 -1.99 -62.23 1.48
N GLN D 232 -2.65 -61.09 1.63
CA GLN D 232 -4.09 -61.03 1.46
C GLN D 232 -4.46 -59.82 0.61
N LEU D 233 -5.47 -59.97 -0.25
CA LEU D 233 -5.95 -58.92 -1.13
C LEU D 233 -7.45 -58.75 -0.96
N THR D 234 -7.88 -57.50 -0.78
CA THR D 234 -9.27 -57.18 -0.43
C THR D 234 -9.91 -56.29 -1.48
N PRO D 235 -10.63 -56.86 -2.46
CA PRO D 235 -11.36 -56.03 -3.42
C PRO D 235 -12.57 -55.34 -2.79
N TYR D 236 -13.12 -54.37 -3.48
CA TYR D 236 -14.37 -53.81 -2.92
C TYR D 236 -15.37 -53.58 -4.04
N PHE D 237 -15.86 -54.65 -4.69
CA PHE D 237 -16.83 -54.28 -5.71
C PHE D 237 -17.87 -53.32 -5.11
N PRO D 238 -18.29 -52.32 -5.87
CA PRO D 238 -19.23 -51.33 -5.32
C PRO D 238 -20.55 -51.92 -4.85
N THR D 239 -20.95 -53.07 -5.38
CA THR D 239 -22.19 -53.70 -4.93
C THR D 239 -22.03 -54.31 -3.55
N CYS D 240 -21.05 -55.20 -3.38
CA CYS D 240 -20.85 -55.87 -2.09
C CYS D 240 -20.33 -54.94 -1.00
N GLY D 241 -19.60 -53.89 -1.35
CA GLY D 241 -19.19 -52.92 -0.34
C GLY D 241 -18.24 -53.50 0.69
N SER D 242 -18.75 -53.70 1.90
CA SER D 242 -17.93 -54.15 3.03
C SER D 242 -17.81 -55.67 3.11
N ASP D 243 -18.78 -56.42 2.59
CA ASP D 243 -18.75 -57.88 2.63
C ASP D 243 -18.23 -58.48 1.33
N CYS D 244 -17.31 -57.79 0.66
CA CYS D 244 -16.81 -58.25 -0.63
C CYS D 244 -15.91 -59.47 -0.46
N ILE D 245 -15.92 -60.36 -1.46
CA ILE D 245 -15.09 -61.55 -1.40
C ILE D 245 -13.63 -61.17 -1.65
N ARG D 246 -12.74 -61.71 -0.83
CA ARG D 246 -11.33 -61.40 -0.88
C ARG D 246 -10.52 -62.69 -1.03
N HIS D 247 -9.38 -62.58 -1.72
CA HIS D 247 -8.62 -63.75 -2.14
C HIS D 247 -7.34 -63.89 -1.33
N LYS D 248 -7.04 -65.12 -0.92
CA LYS D 248 -5.86 -65.46 -0.16
C LYS D 248 -4.62 -65.37 -1.05
N GLY D 249 -3.45 -65.42 -0.41
CA GLY D 249 -2.19 -65.41 -1.12
C GLY D 249 -1.09 -66.04 -0.30
N THR D 250 0.13 -65.99 -0.85
CA THR D 250 1.27 -66.63 -0.23
C THR D 250 2.53 -65.82 -0.51
N VAL D 251 3.46 -65.82 0.46
CA VAL D 251 4.72 -65.10 0.35
C VAL D 251 5.84 -66.09 0.02
N VAL D 252 6.70 -65.73 -0.92
CA VAL D 252 7.82 -66.55 -1.35
C VAL D 252 9.06 -65.66 -1.42
N LEU D 253 10.20 -66.27 -1.72
CA LEU D 253 11.47 -65.56 -1.77
C LEU D 253 11.95 -65.46 -3.21
N LEU E 57 5.02 7.80 7.99
CA LEU E 57 4.03 7.49 6.97
C LEU E 57 4.65 7.44 5.58
N ASN E 58 4.30 8.44 4.77
CA ASN E 58 4.74 8.50 3.38
C ASN E 58 6.25 8.40 3.24
N SER E 59 7.01 8.63 4.30
CA SER E 59 8.43 8.39 4.31
C SER E 59 8.77 6.94 4.61
N ARG E 60 7.76 6.10 4.85
CA ARG E 60 7.98 4.71 5.23
C ARG E 60 7.30 3.70 4.33
N ALA E 61 6.37 4.11 3.48
CA ALA E 61 5.64 3.16 2.65
C ALA E 61 6.51 2.57 1.56
N ILE E 62 6.14 1.38 1.10
CA ILE E 62 6.89 0.70 0.04
C ILE E 62 6.82 1.50 -1.25
N SER E 63 5.75 2.28 -1.44
CA SER E 63 5.59 3.13 -2.60
C SER E 63 5.31 4.54 -2.12
N PRO E 64 6.33 5.26 -1.67
CA PRO E 64 6.11 6.56 -1.04
C PRO E 64 5.47 7.57 -2.00
N TRP E 65 4.68 8.46 -1.43
CA TRP E 65 4.00 9.50 -2.18
C TRP E 65 4.14 10.84 -1.48
N ARG E 66 4.13 11.92 -2.24
CA ARG E 66 4.15 13.25 -1.67
C ARG E 66 2.83 13.95 -1.99
N TYR E 67 2.75 15.22 -1.65
CA TYR E 67 1.51 15.98 -1.71
C TYR E 67 1.79 17.29 -2.42
N GLU E 68 1.00 17.61 -3.43
CA GLU E 68 1.18 18.81 -4.24
C GLU E 68 0.05 19.80 -4.01
N LEU E 69 0.45 21.06 -3.90
CA LEU E 69 -0.47 22.16 -3.71
C LEU E 69 -1.44 22.25 -4.88
N ASP E 70 -2.70 22.47 -4.57
CA ASP E 70 -3.72 22.75 -5.57
C ASP E 70 -4.70 23.73 -4.94
N ARG E 71 -4.45 25.02 -5.14
CA ARG E 71 -5.21 26.07 -4.50
C ARG E 71 -6.46 26.39 -5.32
N ASP E 72 -7.51 26.83 -4.62
CA ASP E 72 -8.66 27.42 -5.26
C ASP E 72 -9.24 28.48 -4.34
N LEU E 73 -9.93 29.44 -4.95
CA LEU E 73 -10.60 30.49 -4.20
C LEU E 73 -12.04 30.14 -3.88
N ASN E 74 -12.54 29.01 -4.39
CA ASN E 74 -13.94 28.65 -4.22
C ASN E 74 -14.12 27.25 -3.67
N ARG E 75 -13.10 26.68 -3.07
CA ARG E 75 -13.19 25.35 -2.48
C ARG E 75 -12.97 25.44 -0.98
N LEU E 76 -13.78 24.68 -0.25
CA LEU E 76 -13.62 24.55 1.19
C LEU E 76 -13.17 23.13 1.49
N PRO E 77 -11.95 22.91 1.99
CA PRO E 77 -10.97 23.91 2.38
C PRO E 77 -10.28 24.56 1.21
N GLN E 78 -9.66 25.72 1.44
CA GLN E 78 -9.01 26.45 0.35
C GLN E 78 -7.91 25.62 -0.28
N ASP E 79 -7.45 24.59 0.42
CA ASP E 79 -6.37 23.74 -0.07
C ASP E 79 -6.84 22.29 -0.05
N LEU E 80 -6.53 21.56 -1.11
CA LEU E 80 -6.71 20.12 -1.18
C LEU E 80 -5.44 19.54 -1.80
N TYR E 81 -5.20 18.26 -1.58
CA TYR E 81 -3.94 17.64 -2.00
C TYR E 81 -4.21 16.32 -2.71
N HIS E 82 -3.59 16.16 -3.88
CA HIS E 82 -3.67 14.93 -4.66
C HIS E 82 -2.30 14.29 -4.74
N ALA E 83 -2.15 13.15 -4.09
CA ALA E 83 -0.85 12.50 -4.03
C ALA E 83 -0.56 11.79 -5.34
N ARG E 84 0.67 11.91 -5.83
CA ARG E 84 1.15 11.07 -6.92
C ARG E 84 2.48 10.50 -6.45
N CYS E 85 2.47 9.22 -6.09
CA CYS E 85 3.71 8.54 -5.75
C CYS E 85 4.63 8.51 -6.96
N LEU E 86 5.90 8.85 -6.75
CA LEU E 86 6.83 8.94 -7.85
C LEU E 86 7.28 7.58 -8.37
N CYS E 87 7.00 6.50 -7.64
CA CYS E 87 7.55 5.20 -7.94
C CYS E 87 6.71 4.50 -9.00
N PRO E 88 7.29 4.11 -10.13
CA PRO E 88 6.61 3.20 -11.06
C PRO E 88 6.76 1.73 -10.68
N HIS E 89 7.56 1.43 -9.66
CA HIS E 89 7.71 0.08 -9.13
C HIS E 89 7.96 0.17 -7.64
N CYS E 90 7.64 -0.90 -6.94
CA CYS E 90 7.79 -0.93 -5.49
C CYS E 90 9.26 -1.10 -5.13
N VAL E 91 9.71 -0.35 -4.12
CA VAL E 91 11.13 -0.34 -3.77
C VAL E 91 11.50 -1.66 -3.08
N SER E 92 12.80 -1.91 -3.00
CA SER E 92 13.29 -3.12 -2.37
C SER E 92 13.27 -2.98 -0.86
N LEU E 93 12.90 -4.06 -0.16
CA LEU E 93 12.86 -4.07 1.29
C LEU E 93 14.22 -4.30 1.94
N GLN E 94 15.22 -4.74 1.16
CA GLN E 94 16.53 -5.00 1.71
C GLN E 94 17.47 -3.80 1.66
N THR E 95 17.28 -2.91 0.68
CA THR E 95 18.13 -1.74 0.52
C THR E 95 17.41 -0.43 0.74
N GLY E 96 16.22 -0.27 0.17
CA GLY E 96 15.49 0.98 0.26
C GLY E 96 15.88 2.01 -0.78
N SER E 97 16.89 1.73 -1.59
CA SER E 97 17.33 2.63 -2.66
C SER E 97 17.40 1.94 -4.01
N HIS E 98 17.75 0.65 -4.05
CA HIS E 98 17.75 -0.09 -5.30
C HIS E 98 16.32 -0.22 -5.83
N MET E 99 16.21 -0.24 -7.15
CA MET E 99 14.92 -0.20 -7.82
C MET E 99 14.46 -1.62 -8.08
N ASP E 100 13.39 -2.04 -7.40
CA ASP E 100 12.83 -3.37 -7.58
C ASP E 100 11.65 -3.31 -8.54
N PRO E 101 11.76 -3.85 -9.75
CA PRO E 101 10.70 -3.70 -10.74
C PRO E 101 9.57 -4.73 -10.64
N ARG E 102 9.65 -5.72 -9.75
CA ARG E 102 8.64 -6.76 -9.68
C ARG E 102 7.29 -6.26 -9.21
N GLY E 103 7.16 -4.97 -8.90
CA GLY E 103 5.91 -4.43 -8.44
C GLY E 103 5.53 -3.20 -9.24
N ASN E 104 4.28 -2.77 -9.06
CA ASN E 104 3.80 -1.53 -9.64
C ASN E 104 3.00 -0.77 -8.61
N SER E 105 2.80 0.51 -8.89
CA SER E 105 2.03 1.40 -8.03
C SER E 105 0.75 1.82 -8.74
N GLU E 106 -0.37 1.75 -8.03
CA GLU E 106 -1.64 2.20 -8.57
C GLU E 106 -2.32 3.11 -7.56
N LEU E 107 -2.89 4.19 -8.05
CA LEU E 107 -3.48 5.19 -7.18
C LEU E 107 -4.74 4.66 -6.51
N LEU E 108 -4.95 5.10 -5.28
CA LEU E 108 -6.14 4.77 -4.49
C LEU E 108 -6.91 6.05 -4.28
N TYR E 109 -8.22 6.00 -4.47
CA TYR E 109 -9.03 7.20 -4.37
C TYR E 109 -10.18 6.98 -3.40
N HIS E 110 -10.92 8.05 -3.18
CA HIS E 110 -12.26 7.99 -2.61
C HIS E 110 -13.03 9.15 -3.18
N ASN E 111 -14.13 9.49 -2.52
CA ASN E 111 -14.85 10.70 -2.84
C ASN E 111 -15.12 11.42 -1.53
N GLN E 112 -15.00 12.75 -1.54
CA GLN E 112 -15.01 13.54 -0.32
C GLN E 112 -16.01 14.68 -0.43
N THR E 113 -16.26 15.32 0.70
CA THR E 113 -17.18 16.45 0.78
C THR E 113 -16.41 17.75 0.59
N VAL E 114 -16.96 18.63 -0.25
CA VAL E 114 -16.45 19.98 -0.45
C VAL E 114 -17.63 20.92 -0.58
N PHE E 115 -17.37 22.21 -0.43
CA PHE E 115 -18.40 23.24 -0.56
C PHE E 115 -17.97 24.31 -1.55
N TYR E 116 -18.95 24.93 -2.19
CA TYR E 116 -18.75 26.00 -3.16
C TYR E 116 -19.80 27.08 -2.94
N ARG E 117 -19.53 28.29 -3.45
CA ARG E 117 -20.56 29.31 -3.46
C ARG E 117 -20.74 29.81 -4.89
N ARG E 118 -22.00 29.98 -5.29
CA ARG E 118 -22.35 30.57 -6.56
C ARG E 118 -23.12 31.83 -6.23
N PRO E 119 -23.07 32.86 -7.07
CA PRO E 119 -23.97 33.99 -6.86
C PRO E 119 -25.41 33.65 -7.23
N CYS E 120 -26.35 34.35 -6.61
CA CYS E 120 -27.75 33.98 -6.72
C CYS E 120 -28.20 33.99 -8.18
N HIS E 121 -28.83 32.89 -8.60
CA HIS E 121 -29.38 32.82 -9.95
C HIS E 121 -30.57 33.75 -10.12
N GLY E 122 -31.44 33.81 -9.10
CA GLY E 122 -32.53 34.76 -9.09
C GLY E 122 -32.01 36.19 -9.10
N GLU E 123 -32.59 37.04 -9.95
CA GLU E 123 -32.14 38.42 -10.09
C GLU E 123 -32.71 39.26 -8.93
N LYS E 124 -32.10 39.06 -7.76
CA LYS E 124 -32.54 39.80 -6.58
C LYS E 124 -32.21 41.29 -6.71
N GLY E 125 -30.98 41.61 -7.08
CA GLY E 125 -30.54 42.99 -7.23
C GLY E 125 -30.11 43.67 -5.96
N THR E 126 -30.33 43.05 -4.79
CA THR E 126 -29.89 43.65 -3.53
C THR E 126 -28.39 43.46 -3.33
N HIS E 127 -27.86 42.31 -3.75
CA HIS E 127 -26.46 41.96 -3.52
C HIS E 127 -26.13 40.79 -4.43
N LYS E 128 -24.84 40.45 -4.48
CA LYS E 128 -24.40 39.26 -5.21
C LYS E 128 -25.01 37.99 -4.62
N GLY E 129 -25.07 37.91 -3.29
CA GLY E 129 -25.63 36.76 -2.64
C GLY E 129 -24.69 35.57 -2.63
N TYR E 130 -25.17 34.48 -2.02
CA TYR E 130 -24.38 33.26 -1.91
C TYR E 130 -25.31 32.07 -1.72
N CYS E 131 -24.83 30.91 -2.14
CA CYS E 131 -25.56 29.66 -1.96
C CYS E 131 -24.57 28.58 -1.54
N LEU E 132 -25.05 27.60 -0.77
CA LEU E 132 -24.21 26.50 -0.33
C LEU E 132 -24.51 25.29 -1.21
N GLU E 133 -23.93 25.29 -2.40
CA GLU E 133 -24.14 24.22 -3.37
C GLU E 133 -23.12 23.13 -3.10
N ARG E 134 -23.52 21.88 -3.32
CA ARG E 134 -22.75 20.72 -2.91
C ARG E 134 -22.66 19.72 -4.06
N ARG E 135 -21.53 19.72 -4.76
CA ARG E 135 -21.15 18.59 -5.60
C ARG E 135 -19.95 17.90 -4.98
N LEU E 136 -19.60 16.77 -5.56
CA LEU E 136 -18.57 15.90 -5.02
C LEU E 136 -17.26 16.15 -5.74
N TYR E 137 -16.21 15.49 -5.28
CA TYR E 137 -14.88 15.63 -5.85
C TYR E 137 -14.12 14.33 -5.72
N ARG E 138 -13.09 14.17 -6.54
CA ARG E 138 -12.20 13.01 -6.49
C ARG E 138 -10.84 13.42 -5.98
N VAL E 139 -10.37 12.76 -4.93
CA VAL E 139 -9.03 12.99 -4.41
C VAL E 139 -8.44 11.64 -4.01
N SER E 140 -7.15 11.49 -4.24
CA SER E 140 -6.46 10.26 -3.89
C SER E 140 -6.21 10.19 -2.39
N LEU E 141 -5.66 9.07 -1.93
CA LEU E 141 -5.17 8.97 -0.57
C LEU E 141 -3.74 8.43 -0.52
N ALA E 142 -3.43 7.48 -1.38
CA ALA E 142 -2.15 6.78 -1.27
C ALA E 142 -1.95 5.90 -2.49
N CYS E 143 -0.80 5.25 -2.52
CA CYS E 143 -0.44 4.29 -3.55
C CYS E 143 -0.25 2.93 -2.91
N VAL E 144 -0.58 1.87 -3.64
CA VAL E 144 -0.42 0.52 -3.14
C VAL E 144 0.48 -0.25 -4.10
N CYS E 145 1.19 -1.23 -3.57
CA CYS E 145 1.98 -2.14 -4.38
C CYS E 145 1.06 -3.21 -4.95
N VAL E 146 1.11 -3.42 -6.26
CA VAL E 146 0.17 -4.30 -6.95
C VAL E 146 0.94 -5.35 -7.74
N ARG E 147 0.46 -6.59 -7.68
CA ARG E 147 0.94 -7.62 -8.57
C ARG E 147 0.32 -7.44 -9.95
N PRO E 148 1.12 -7.48 -11.01
CA PRO E 148 0.61 -7.09 -12.35
C PRO E 148 -0.44 -8.03 -12.91
N ARG E 149 -0.98 -7.68 -14.09
CA ARG E 149 -1.90 -8.52 -14.84
C ARG E 149 -1.17 -9.00 -16.08
N VAL E 150 -0.85 -10.30 -16.11
CA VAL E 150 -0.05 -10.83 -17.20
C VAL E 150 -0.89 -11.79 -18.04
N MET E 151 -0.49 -11.96 -19.31
CA MET E 151 -1.13 -12.89 -20.23
C MET E 151 -0.07 -13.78 -20.85
N GLY E 152 -0.43 -15.04 -21.09
CA GLY E 152 0.49 -15.99 -21.69
C GLY E 152 0.43 -17.37 -21.08
N GLU F 2 -1.63 50.40 21.40
CA GLU F 2 -0.86 49.16 21.36
C GLU F 2 -1.78 47.96 21.14
N PRO F 3 -2.05 47.64 19.87
CA PRO F 3 -2.98 46.56 19.56
C PRO F 3 -2.46 45.20 20.00
N THR F 4 -3.40 44.32 20.34
CA THR F 4 -3.14 42.93 20.71
C THR F 4 -4.12 42.03 19.96
N VAL F 5 -3.92 40.72 20.08
CA VAL F 5 -4.74 39.76 19.37
C VAL F 5 -5.20 38.67 20.35
N GLN F 6 -6.51 38.48 20.42
CA GLN F 6 -7.11 37.47 21.28
C GLN F 6 -7.92 36.54 20.40
N CYS F 7 -7.68 35.23 20.51
CA CYS F 7 -8.22 34.28 19.56
C CYS F 7 -8.95 33.13 20.25
N GLY F 8 -9.95 32.60 19.54
CA GLY F 8 -10.59 31.37 19.94
C GLY F 8 -10.84 30.50 18.72
N SER F 9 -11.00 29.21 18.97
CA SER F 9 -11.17 28.25 17.89
C SER F 9 -12.49 28.49 17.15
N GLU F 10 -12.43 28.47 15.82
CA GLU F 10 -13.62 28.62 15.00
C GLU F 10 -13.35 28.00 13.63
N THR F 11 -14.04 26.91 13.34
CA THR F 11 -13.90 26.21 12.07
C THR F 11 -15.26 26.13 11.39
N GLY F 12 -15.28 26.35 10.09
CA GLY F 12 -16.49 26.31 9.31
C GLY F 12 -16.56 27.44 8.32
N PRO F 13 -17.76 27.71 7.80
CA PRO F 13 -17.92 28.84 6.87
C PRO F 13 -17.77 30.18 7.57
N SER F 14 -17.09 31.09 6.88
CA SER F 14 -16.91 32.44 7.41
C SER F 14 -18.07 33.32 6.98
N PRO F 15 -18.80 33.93 7.92
CA PRO F 15 -19.88 34.86 7.55
C PRO F 15 -19.45 35.98 6.62
N GLU F 16 -18.15 36.22 6.46
CA GLU F 16 -17.69 37.23 5.51
C GLU F 16 -17.92 36.82 4.06
N TRP F 17 -17.95 35.52 3.76
CA TRP F 17 -18.18 35.09 2.39
C TRP F 17 -19.56 35.43 1.88
N MET F 18 -20.49 35.77 2.76
CA MET F 18 -21.83 36.15 2.34
C MET F 18 -21.91 37.59 1.85
N LEU F 19 -20.87 38.39 2.08
CA LEU F 19 -20.87 39.79 1.66
C LEU F 19 -19.63 40.07 0.83
N GLN F 20 -19.82 40.71 -0.33
CA GLN F 20 -18.72 41.12 -1.19
C GLN F 20 -18.27 42.51 -0.80
N HIS F 21 -17.03 42.62 -0.33
CA HIS F 21 -16.50 43.88 0.16
C HIS F 21 -15.92 44.70 -0.98
N ASP F 22 -16.21 46.00 -0.96
CA ASP F 22 -15.72 46.88 -2.02
C ASP F 22 -14.19 47.01 -1.98
N LEU F 23 -13.64 47.20 -0.80
CA LEU F 23 -12.20 47.33 -0.62
C LEU F 23 -11.67 46.14 0.16
N ILE F 24 -10.49 45.68 -0.21
CA ILE F 24 -9.90 44.49 0.41
C ILE F 24 -8.50 44.82 0.91
N PRO F 25 -8.02 44.15 1.96
CA PRO F 25 -6.69 44.43 2.48
C PRO F 25 -5.59 43.79 1.65
N GLY F 26 -4.37 43.96 2.13
CA GLY F 26 -3.22 43.40 1.47
C GLY F 26 -2.94 41.98 1.91
N ASP F 27 -1.84 41.44 1.40
CA ASP F 27 -1.37 40.11 1.73
C ASP F 27 -0.62 40.13 3.06
N LEU F 28 0.15 39.09 3.32
CA LEU F 28 1.04 39.03 4.48
C LEU F 28 2.49 38.97 4.01
N ARG F 29 3.36 39.74 4.66
CA ARG F 29 4.76 39.77 4.25
C ARG F 29 5.45 38.42 4.47
N ASP F 30 5.19 37.79 5.61
CA ASP F 30 5.97 36.64 6.01
C ASP F 30 5.15 35.77 6.95
N LEU F 31 5.68 34.58 7.23
CA LEU F 31 5.04 33.62 8.12
C LEU F 31 6.07 32.57 8.50
N ARG F 32 6.17 32.27 9.78
CA ARG F 32 7.10 31.25 10.24
C ARG F 32 6.55 30.66 11.53
N VAL F 33 6.77 29.37 11.73
CA VAL F 33 6.16 28.64 12.83
C VAL F 33 7.25 27.94 13.63
N GLU F 34 7.20 28.09 14.94
CA GLU F 34 8.26 27.52 15.77
C GLU F 34 7.72 26.45 16.69
N PRO F 35 8.48 25.37 16.89
CA PRO F 35 8.10 24.35 17.86
C PRO F 35 8.73 24.58 19.22
N VAL F 36 7.94 24.33 20.26
CA VAL F 36 8.38 24.50 21.64
C VAL F 36 8.00 23.26 22.44
N THR F 37 8.64 23.13 23.59
CA THR F 37 8.36 22.05 24.54
C THR F 37 7.91 22.64 25.86
N THR F 38 6.77 22.19 26.37
CA THR F 38 6.22 22.71 27.61
C THR F 38 6.83 22.00 28.81
N SER F 39 6.73 22.66 29.96
CA SER F 39 7.30 22.15 31.21
C SER F 39 6.42 21.05 31.79
N VAL F 40 7.06 20.15 32.55
CA VAL F 40 6.36 19.07 33.23
C VAL F 40 6.31 19.34 34.73
N TYR F 45 3.57 17.95 30.00
CA TYR F 45 4.81 17.68 29.26
C TYR F 45 4.48 17.47 27.79
N SER F 46 3.42 18.14 27.34
CA SER F 46 2.95 18.07 25.97
C SER F 46 3.64 19.13 25.13
N ILE F 47 3.29 19.16 23.85
CA ILE F 47 3.88 20.06 22.88
C ILE F 47 2.78 20.95 22.29
N LEU F 48 3.00 22.26 22.33
CA LEU F 48 2.12 23.23 21.68
C LEU F 48 2.95 24.05 20.71
N MET F 49 2.26 24.85 19.90
CA MET F 49 2.88 25.48 18.74
C MET F 49 2.58 26.97 18.69
N ASN F 50 3.61 27.76 18.41
CA ASN F 50 3.51 29.20 18.20
C ASN F 50 3.62 29.52 16.72
N VAL F 51 2.90 30.53 16.27
CA VAL F 51 2.86 30.95 14.88
C VAL F 51 3.35 32.39 14.80
N SER F 52 4.13 32.71 13.77
CA SER F 52 4.71 34.02 13.60
C SER F 52 4.56 34.49 12.16
N TRP F 53 4.17 35.74 11.99
CA TRP F 53 3.98 36.35 10.69
C TRP F 53 4.24 37.85 10.78
N VAL F 54 4.52 38.47 9.63
CA VAL F 54 4.83 39.88 9.56
C VAL F 54 3.76 40.58 8.73
N LEU F 55 2.95 41.41 9.38
CA LEU F 55 1.89 42.13 8.70
C LEU F 55 2.51 43.15 7.77
N ARG F 56 1.77 43.50 6.72
CA ARG F 56 2.35 44.28 5.63
C ARG F 56 2.84 45.64 6.11
N ALA F 57 3.95 46.07 5.51
CA ALA F 57 4.58 47.35 5.84
C ALA F 57 4.21 48.43 4.83
N ASP F 58 4.04 48.06 3.56
CA ASP F 58 3.81 49.04 2.50
C ASP F 58 2.36 49.53 2.58
N ALA F 59 2.01 50.13 3.72
CA ALA F 59 0.80 50.91 3.88
C ALA F 59 -0.48 50.13 3.57
N SER F 60 -0.37 48.81 3.40
CA SER F 60 -1.52 47.99 3.05
C SER F 60 -2.55 47.88 4.17
N ILE F 61 -2.41 48.67 5.23
CA ILE F 61 -3.06 48.38 6.50
C ILE F 61 -4.42 49.03 6.64
N ARG F 62 -4.74 50.03 5.80
CA ARG F 62 -5.84 50.96 6.08
C ARG F 62 -7.11 50.26 6.55
N LEU F 63 -7.31 48.99 6.18
CA LEU F 63 -8.49 48.25 6.62
C LEU F 63 -8.12 46.79 6.78
N LEU F 64 -8.42 46.23 7.96
CA LEU F 64 -8.22 44.83 8.27
C LEU F 64 -8.82 44.57 9.65
N LYS F 65 -9.50 43.45 9.79
CA LYS F 65 -10.00 43.05 11.11
C LYS F 65 -9.47 41.71 11.59
N ALA F 66 -9.55 40.67 10.78
CA ALA F 66 -9.25 39.33 11.27
C ALA F 66 -8.26 38.67 10.31
N THR F 67 -7.47 37.76 10.86
CA THR F 67 -6.54 36.95 10.06
C THR F 67 -6.61 35.52 10.60
N LYS F 68 -7.36 34.67 9.92
CA LYS F 68 -7.52 33.31 10.42
C LYS F 68 -6.41 32.41 9.85
N ILE F 69 -5.74 31.74 10.76
CA ILE F 69 -4.63 30.84 10.45
C ILE F 69 -5.05 29.44 10.84
N CYS F 70 -4.97 28.51 9.89
CA CYS F 70 -5.34 27.14 10.23
C CYS F 70 -4.76 26.13 9.27
N VAL F 71 -4.91 24.86 9.65
CA VAL F 71 -4.09 23.76 9.18
C VAL F 71 -4.94 22.51 9.08
N THR F 72 -4.63 21.66 8.12
CA THR F 72 -5.11 20.30 8.10
C THR F 72 -3.99 19.41 8.62
N GLY F 73 -4.29 18.59 9.61
CA GLY F 73 -3.35 17.60 10.12
C GLY F 73 -3.55 16.31 9.34
N LYS F 74 -2.45 15.80 8.78
CA LYS F 74 -2.56 14.65 7.88
C LYS F 74 -1.60 13.57 8.35
N SER F 75 -2.13 12.64 9.11
CA SER F 75 -1.48 11.40 9.51
C SER F 75 -2.34 10.24 9.01
N ASN F 76 -2.06 9.05 9.52
CA ASN F 76 -3.00 7.94 9.36
C ASN F 76 -4.42 8.42 9.66
N PHE F 77 -4.56 9.33 10.62
CA PHE F 77 -5.80 10.03 10.85
C PHE F 77 -5.81 11.34 10.05
N GLN F 78 -7.00 11.82 9.73
CA GLN F 78 -7.17 13.04 8.95
C GLN F 78 -7.84 14.09 9.82
N SER F 79 -7.14 15.20 10.07
CA SER F 79 -7.58 16.19 11.03
C SER F 79 -7.44 17.59 10.44
N TYR F 80 -8.30 18.48 10.91
CA TYR F 80 -8.39 19.85 10.39
C TYR F 80 -9.25 20.69 11.33
N SER F 81 -8.77 21.87 11.68
CA SER F 81 -9.52 22.83 12.48
C SER F 81 -8.97 24.23 12.23
N CYS F 82 -9.76 25.24 12.54
CA CYS F 82 -9.36 26.61 12.26
C CYS F 82 -9.60 27.53 13.45
N VAL F 83 -8.86 28.64 13.44
CA VAL F 83 -8.86 29.64 14.50
C VAL F 83 -9.12 31.00 13.89
N ARG F 84 -10.16 31.69 14.38
CA ARG F 84 -10.56 32.98 13.86
C ARG F 84 -10.48 34.01 14.98
N CYS F 85 -9.85 35.15 14.70
CA CYS F 85 -9.74 36.20 15.70
C CYS F 85 -9.39 37.53 15.06
N ASN F 86 -9.82 38.60 15.71
CA ASN F 86 -9.62 39.96 15.24
C ASN F 86 -8.39 40.57 15.91
N TYR F 87 -7.98 41.73 15.42
CA TYR F 87 -7.01 42.59 16.10
C TYR F 87 -7.79 43.67 16.85
N THR F 88 -7.46 43.86 18.12
CA THR F 88 -8.35 44.59 19.02
C THR F 88 -8.30 46.10 18.84
N GLU F 89 -7.29 46.64 18.17
CA GLU F 89 -7.16 48.08 18.00
C GLU F 89 -7.00 48.43 16.53
N ALA F 90 -7.47 49.63 16.18
CA ALA F 90 -7.38 50.11 14.80
C ALA F 90 -6.00 50.68 14.55
N PHE F 91 -5.32 50.17 13.53
CA PHE F 91 -3.96 50.60 13.25
C PHE F 91 -3.95 52.03 12.71
N GLN F 92 -2.84 52.73 12.93
CA GLN F 92 -2.61 54.04 12.33
C GLN F 92 -1.20 54.24 11.81
N THR F 93 -0.25 53.41 12.23
CA THR F 93 1.15 53.58 11.84
C THR F 93 1.60 52.41 10.99
N GLN F 94 2.47 52.69 10.04
CA GLN F 94 2.97 51.66 9.13
C GLN F 94 4.04 50.78 9.75
N THR F 95 4.52 51.12 10.95
CA THR F 95 5.38 50.27 11.77
C THR F 95 5.04 50.54 13.23
N ARG F 96 5.76 49.87 14.13
CA ARG F 96 5.71 50.25 15.53
C ARG F 96 6.10 51.72 15.68
N PRO F 97 5.35 52.52 16.43
CA PRO F 97 5.87 53.86 16.78
C PRO F 97 7.22 53.77 17.46
N SER F 98 7.53 52.65 18.11
CA SER F 98 8.89 52.40 18.59
C SER F 98 9.81 52.02 17.45
N GLY F 99 9.30 51.30 16.45
CA GLY F 99 10.11 50.92 15.30
C GLY F 99 9.94 49.47 14.87
N GLY F 100 10.11 49.22 13.58
CA GLY F 100 10.02 47.87 13.06
C GLY F 100 8.62 47.46 12.67
N LYS F 101 8.56 46.50 11.75
CA LYS F 101 7.31 45.98 11.24
C LYS F 101 6.53 45.30 12.37
N TRP F 102 5.20 45.37 12.29
CA TRP F 102 4.37 44.81 13.35
C TRP F 102 4.51 43.29 13.39
N THR F 103 4.33 42.74 14.58
CA THR F 103 4.42 41.29 14.81
C THR F 103 3.32 40.88 15.78
N PHE F 104 2.83 39.66 15.63
CA PHE F 104 1.94 39.04 16.60
C PHE F 104 2.18 37.53 16.56
N SER F 105 1.67 36.84 17.57
CA SER F 105 1.89 35.40 17.66
C SER F 105 0.74 34.77 18.44
N TYR F 106 0.74 33.43 18.46
CA TYR F 106 -0.36 32.71 19.09
C TYR F 106 0.10 31.30 19.46
N ILE F 107 -0.62 30.70 20.41
CA ILE F 107 -0.32 29.37 20.95
C ILE F 107 -1.62 28.57 21.03
N GLY F 108 -1.47 27.25 21.01
CA GLY F 108 -2.59 26.38 21.36
C GLY F 108 -2.87 25.23 20.43
N PHE F 109 -2.07 25.06 19.39
CA PHE F 109 -2.31 23.97 18.44
C PHE F 109 -1.71 22.67 18.95
N PRO F 110 -2.51 21.65 19.22
CA PRO F 110 -1.96 20.37 19.66
C PRO F 110 -1.16 19.69 18.56
N VAL F 111 -0.15 18.92 18.98
CA VAL F 111 0.78 18.27 18.07
C VAL F 111 0.89 16.80 18.46
N GLU F 112 0.90 15.93 17.46
CA GLU F 112 0.91 14.48 17.63
C GLU F 112 2.17 13.89 17.00
N LEU F 113 2.21 12.56 16.91
CA LEU F 113 3.41 11.84 16.55
C LEU F 113 3.48 11.55 15.05
N ASN F 114 4.56 12.01 14.42
CA ASN F 114 4.77 11.91 12.98
C ASN F 114 3.55 12.44 12.24
N THR F 115 3.15 13.66 12.58
CA THR F 115 2.03 14.34 11.95
C THR F 115 2.52 15.61 11.27
N VAL F 116 2.33 15.69 9.96
CA VAL F 116 2.80 16.84 9.18
C VAL F 116 1.64 17.81 9.05
N TYR F 117 1.90 19.07 9.36
CA TYR F 117 0.86 20.09 9.36
C TYR F 117 1.10 21.08 8.23
N PHE F 118 0.02 21.47 7.56
CA PHE F 118 0.07 22.41 6.45
C PHE F 118 -0.72 23.64 6.84
N ILE F 119 0.01 24.68 7.28
CA ILE F 119 -0.58 25.85 7.91
C ILE F 119 -0.56 26.99 6.91
N GLY F 120 -1.73 27.57 6.64
CA GLY F 120 -1.83 28.65 5.67
C GLY F 120 -2.63 29.80 6.23
N ALA F 121 -2.35 30.99 5.71
CA ALA F 121 -2.98 32.20 6.22
C ALA F 121 -3.48 33.05 5.07
N HIS F 122 -4.52 33.82 5.37
CA HIS F 122 -4.92 34.93 4.52
C HIS F 122 -5.79 35.86 5.35
N ASN F 123 -5.81 37.11 4.94
CA ASN F 123 -6.50 38.17 5.66
C ASN F 123 -8.01 37.99 5.49
N ILE F 124 -8.75 38.69 6.34
CA ILE F 124 -10.21 38.69 6.30
C ILE F 124 -10.67 40.14 6.21
N PRO F 125 -11.52 40.49 5.25
CA PRO F 125 -12.11 39.60 4.25
C PRO F 125 -11.18 39.28 3.08
N ASN F 126 -11.57 38.30 2.27
CA ASN F 126 -10.85 37.99 1.05
C ASN F 126 -11.45 38.75 -0.12
N ALA F 127 -10.91 38.48 -1.31
CA ALA F 127 -11.40 39.10 -2.52
C ALA F 127 -12.69 38.43 -2.98
N ASN F 128 -13.31 39.02 -4.00
CA ASN F 128 -14.50 38.47 -4.63
C ASN F 128 -14.08 37.35 -5.58
N MET F 129 -14.97 36.99 -6.50
CA MET F 129 -14.63 36.01 -7.51
C MET F 129 -13.66 36.59 -8.55
N ASN F 130 -12.75 35.74 -9.02
CA ASN F 130 -11.87 36.02 -10.16
C ASN F 130 -10.90 37.17 -9.90
N GLU F 131 -10.03 36.98 -8.91
CA GLU F 131 -8.84 37.80 -8.75
C GLU F 131 -7.66 36.92 -8.39
N ASP F 132 -6.55 37.54 -8.01
CA ASP F 132 -5.33 36.82 -7.68
C ASP F 132 -5.45 36.13 -6.32
N GLY F 133 -4.82 34.97 -6.21
CA GLY F 133 -4.86 34.18 -5.01
C GLY F 133 -3.95 34.71 -3.92
N PRO F 134 -4.46 34.80 -2.69
CA PRO F 134 -3.66 35.26 -1.55
C PRO F 134 -2.86 34.18 -0.84
N SER F 135 -2.69 33.01 -1.44
CA SER F 135 -2.14 31.86 -0.74
C SER F 135 -0.73 32.12 -0.23
N MET F 136 -0.50 31.71 1.01
CA MET F 136 0.77 31.78 1.73
C MET F 136 0.74 30.75 2.85
N SER F 137 1.59 29.73 2.75
CA SER F 137 1.57 28.60 3.67
C SER F 137 2.99 28.09 3.88
N VAL F 138 3.19 27.38 4.98
CA VAL F 138 4.50 26.88 5.37
C VAL F 138 4.41 25.40 5.70
N ASN F 139 5.27 24.61 5.08
CA ASN F 139 5.37 23.20 5.40
C ASN F 139 6.35 22.98 6.54
N PHE F 140 6.27 21.80 7.15
CA PHE F 140 6.90 21.57 8.44
C PHE F 140 7.25 20.10 8.57
N THR F 141 8.14 19.79 9.50
CA THR F 141 8.53 18.42 9.79
C THR F 141 8.58 18.21 11.30
N SER F 142 7.86 17.22 11.75
CA SER F 142 7.87 16.90 13.17
C SER F 142 8.62 15.59 13.40
N PRO F 143 9.28 15.44 14.55
CA PRO F 143 10.04 14.21 14.81
C PRO F 143 9.14 13.10 15.33
N GLY F 144 9.68 11.88 15.29
CA GLY F 144 9.03 10.69 15.80
C GLY F 144 9.52 10.33 17.19
N CYS F 145 9.52 9.03 17.48
CA CYS F 145 9.99 8.52 18.77
C CYS F 145 11.37 7.88 18.61
N LEU F 146 12.13 8.34 17.62
CA LEU F 146 13.50 7.91 17.45
C LEU F 146 14.50 8.95 17.97
N ASP F 147 14.02 10.02 18.58
CA ASP F 147 14.87 11.05 19.15
C ASP F 147 15.17 10.75 20.60
N HIS F 148 16.41 11.06 21.01
CA HIS F 148 16.83 10.74 22.37
C HIS F 148 16.16 11.63 23.40
N ILE F 149 15.59 12.76 22.97
CA ILE F 149 15.00 13.70 23.92
C ILE F 149 13.70 13.14 24.49
N MET F 150 12.90 12.48 23.66
CA MET F 150 11.47 12.35 23.91
C MET F 150 11.00 10.90 24.05
N LYS F 151 11.66 10.10 24.88
CA LYS F 151 11.13 8.77 25.17
C LYS F 151 10.05 8.79 26.24
N TYR F 152 9.70 9.95 26.77
CA TYR F 152 8.96 10.03 28.03
C TYR F 152 7.45 10.08 27.85
N LYS F 153 6.94 10.09 26.62
CA LYS F 153 5.50 9.94 26.43
C LYS F 153 5.08 8.52 26.80
N LYS F 154 3.97 8.41 27.52
CA LYS F 154 3.49 7.10 27.94
C LYS F 154 3.14 6.23 26.74
N LYS F 155 2.66 6.84 25.65
CA LYS F 155 2.27 6.07 24.48
C LYS F 155 3.45 5.30 23.90
N CYS F 156 4.60 5.96 23.78
CA CYS F 156 5.80 5.29 23.27
C CYS F 156 6.45 4.38 24.31
N VAL F 157 6.34 4.72 25.59
CA VAL F 157 6.86 3.84 26.64
C VAL F 157 6.13 2.50 26.61
N LYS F 158 4.80 2.53 26.43
CA LYS F 158 4.06 1.28 26.29
C LYS F 158 4.58 0.44 25.13
N ALA F 159 5.19 1.07 24.13
CA ALA F 159 5.85 0.34 23.06
C ALA F 159 7.23 -0.18 23.48
N GLY F 160 7.54 -0.17 24.76
CA GLY F 160 8.82 -0.64 25.24
C GLY F 160 9.97 0.24 24.77
N SER F 161 9.74 1.55 24.77
CA SER F 161 10.77 2.48 24.34
C SER F 161 12.00 2.40 25.24
N LEU F 162 11.77 2.32 26.55
CA LEU F 162 12.87 2.21 27.50
C LEU F 162 13.25 0.78 27.81
N TRP F 163 12.52 -0.20 27.27
CA TRP F 163 12.83 -1.60 27.52
C TRP F 163 14.12 -2.02 26.84
N ASP F 164 14.99 -2.68 27.61
CA ASP F 164 16.23 -3.22 27.07
C ASP F 164 16.08 -4.72 26.90
N PRO F 165 16.05 -5.23 25.67
CA PRO F 165 15.95 -6.68 25.48
C PRO F 165 17.14 -7.44 26.04
N ASN F 166 18.32 -6.82 26.06
CA ASN F 166 19.55 -7.48 26.50
C ASN F 166 19.80 -8.77 25.71
N ILE F 167 19.77 -8.64 24.39
CA ILE F 167 19.96 -9.78 23.52
C ILE F 167 21.43 -10.20 23.52
N THR F 168 21.68 -11.47 23.83
CA THR F 168 23.01 -12.05 23.73
C THR F 168 22.88 -13.31 22.89
N ALA F 169 23.29 -13.23 21.62
CA ALA F 169 23.12 -14.32 20.68
C ALA F 169 24.48 -14.90 20.33
N CYS F 170 24.56 -16.23 20.38
CA CYS F 170 25.82 -16.91 20.16
C CYS F 170 25.56 -18.19 19.39
N LYS F 171 26.59 -18.64 18.68
CA LYS F 171 26.49 -19.81 17.80
C LYS F 171 26.98 -21.04 18.54
N LYS F 172 26.10 -22.03 18.69
CA LYS F 172 26.50 -23.27 19.35
C LYS F 172 27.39 -24.12 18.44
N ASN F 173 26.86 -24.52 17.28
CA ASN F 173 27.63 -25.27 16.30
C ASN F 173 27.25 -24.75 14.92
N GLU F 174 27.65 -25.47 13.88
CA GLU F 174 27.42 -25.02 12.51
C GLU F 174 25.93 -24.90 12.17
N GLU F 175 25.06 -25.54 12.94
CA GLU F 175 23.63 -25.55 12.61
C GLU F 175 22.73 -24.97 13.69
N THR F 176 23.22 -24.77 14.92
CA THR F 176 22.39 -24.30 16.01
C THR F 176 22.95 -23.02 16.60
N VAL F 177 22.07 -22.07 16.87
CA VAL F 177 22.43 -20.76 17.40
C VAL F 177 21.63 -20.54 18.68
N GLU F 178 22.29 -19.99 19.70
CA GLU F 178 21.67 -19.80 21.01
C GLU F 178 21.60 -18.31 21.36
N VAL F 179 20.44 -17.89 21.84
CA VAL F 179 20.18 -16.50 22.21
C VAL F 179 19.72 -16.48 23.66
N ASN F 180 20.21 -15.51 24.42
CA ASN F 180 19.86 -15.36 25.83
C ASN F 180 19.45 -13.92 26.10
N PHE F 181 18.38 -13.74 26.86
CA PHE F 181 17.86 -12.41 27.15
C PHE F 181 16.81 -12.49 28.24
N THR F 182 16.65 -11.38 28.96
CA THR F 182 15.70 -11.31 30.07
C THR F 182 14.29 -11.07 29.55
N THR F 183 13.32 -11.73 30.19
CA THR F 183 11.92 -11.61 29.79
C THR F 183 11.35 -10.28 30.28
N THR F 184 10.03 -10.10 30.14
CA THR F 184 9.39 -8.83 30.45
C THR F 184 7.91 -9.03 30.73
N PRO F 185 7.34 -8.36 31.74
CA PRO F 185 5.90 -8.47 32.00
C PRO F 185 5.02 -7.70 31.02
N LEU F 186 5.61 -7.02 30.03
CA LEU F 186 4.84 -6.24 29.08
C LEU F 186 4.43 -7.04 27.83
N GLY F 187 4.96 -8.25 27.66
CA GLY F 187 4.68 -9.03 26.47
C GLY F 187 4.73 -10.51 26.75
N ASN F 188 4.34 -11.29 25.75
CA ASN F 188 4.30 -12.74 25.89
C ASN F 188 4.86 -13.51 24.70
N ARG F 189 5.12 -12.88 23.55
CA ARG F 189 5.56 -13.61 22.38
C ARG F 189 6.76 -12.90 21.76
N TYR F 190 7.80 -13.69 21.51
CA TYR F 190 9.03 -13.18 20.91
C TYR F 190 9.40 -14.05 19.72
N MET F 191 9.88 -13.40 18.67
CA MET F 191 10.33 -14.07 17.45
C MET F 191 11.76 -13.64 17.16
N ALA F 192 12.34 -14.16 16.07
CA ALA F 192 13.74 -13.89 15.77
C ALA F 192 13.98 -13.94 14.28
N LEU F 193 14.63 -12.91 13.75
CA LEU F 193 15.08 -12.88 12.37
C LEU F 193 16.60 -12.77 12.32
N ILE F 194 17.22 -13.70 11.60
CA ILE F 194 18.65 -13.68 11.34
C ILE F 194 18.84 -13.42 9.86
N GLN F 195 19.42 -12.27 9.53
CA GLN F 195 19.54 -11.82 8.16
C GLN F 195 20.99 -11.47 7.87
N HIS F 196 21.59 -12.19 6.92
CA HIS F 196 22.90 -11.85 6.37
C HIS F 196 22.76 -11.38 4.93
N SER F 197 22.15 -12.19 4.07
CA SER F 197 21.67 -11.77 2.76
C SER F 197 20.21 -12.12 2.57
N THR F 198 19.79 -13.29 3.04
CA THR F 198 18.40 -13.74 3.06
C THR F 198 18.08 -14.29 4.44
N ILE F 199 16.97 -15.02 4.55
CA ILE F 199 16.60 -15.63 5.83
C ILE F 199 17.44 -16.88 6.03
N ILE F 200 18.19 -16.92 7.14
CA ILE F 200 19.00 -18.09 7.48
C ILE F 200 18.25 -19.05 8.40
N GLY F 201 17.55 -18.55 9.41
CA GLY F 201 16.80 -19.42 10.29
C GLY F 201 15.71 -18.63 10.98
N PHE F 202 14.73 -19.38 11.50
CA PHE F 202 13.59 -18.75 12.13
C PHE F 202 13.09 -19.65 13.25
N SER F 203 12.45 -19.02 14.24
CA SER F 203 11.82 -19.73 15.34
C SER F 203 10.81 -18.80 15.98
N GLN F 204 9.92 -19.39 16.77
CA GLN F 204 8.92 -18.64 17.52
C GLN F 204 8.96 -19.07 18.97
N VAL F 205 8.71 -18.13 19.88
CA VAL F 205 8.76 -18.39 21.31
C VAL F 205 7.47 -17.89 21.94
N PHE F 206 6.88 -18.71 22.81
CA PHE F 206 5.69 -18.35 23.56
C PHE F 206 5.97 -18.55 25.04
N GLU F 207 5.82 -17.49 25.83
CA GLU F 207 5.99 -17.54 27.28
C GLU F 207 5.20 -16.41 27.91
N PRO F 208 4.23 -16.71 28.78
CA PRO F 208 3.34 -15.65 29.30
C PRO F 208 4.07 -14.59 30.11
N HIS F 209 4.75 -15.00 31.18
CA HIS F 209 5.45 -14.08 32.08
C HIS F 209 6.17 -14.91 33.14
N GLN F 210 6.97 -14.22 33.94
CA GLN F 210 7.67 -14.85 35.06
C GLN F 210 8.06 -13.77 36.06
N LYS F 211 7.95 -14.11 37.34
CA LYS F 211 8.34 -13.17 38.39
C LYS F 211 9.86 -13.10 38.54
N LYS F 212 10.55 -14.22 38.35
CA LYS F 212 12.00 -14.23 38.53
C LYS F 212 12.69 -13.36 37.48
N GLN F 213 12.20 -13.40 36.24
CA GLN F 213 12.72 -12.55 35.14
C GLN F 213 14.18 -12.86 34.86
N THR F 214 14.46 -14.11 34.48
CA THR F 214 15.81 -14.56 34.19
C THR F 214 16.11 -14.47 32.70
N ARG F 215 17.37 -14.69 32.34
CA ARG F 215 17.76 -14.72 30.95
C ARG F 215 17.23 -15.97 30.28
N ALA F 216 16.67 -15.81 29.07
CA ALA F 216 16.08 -16.91 28.35
C ALA F 216 17.16 -17.72 27.63
N SER F 217 16.74 -18.77 26.92
CA SER F 217 17.66 -19.57 26.11
C SER F 217 16.83 -20.31 25.08
N VAL F 218 17.06 -20.00 23.81
CA VAL F 218 16.26 -20.54 22.70
C VAL F 218 17.21 -21.18 21.69
N VAL F 219 16.83 -22.36 21.19
CA VAL F 219 17.58 -23.08 20.16
C VAL F 219 16.96 -22.75 18.82
N ILE F 220 17.74 -22.17 17.92
CA ILE F 220 17.25 -21.82 16.59
C ILE F 220 18.16 -22.42 15.54
N PRO F 221 17.65 -23.28 14.66
CA PRO F 221 18.49 -23.84 13.60
C PRO F 221 18.84 -22.79 12.55
N VAL F 222 20.00 -22.98 11.93
CA VAL F 222 20.48 -22.09 10.89
C VAL F 222 21.06 -22.94 9.75
N THR F 223 21.07 -22.36 8.55
CA THR F 223 21.58 -23.02 7.36
C THR F 223 22.81 -22.29 6.85
N GLY F 224 23.81 -23.04 6.42
CA GLY F 224 25.02 -22.46 5.88
C GLY F 224 25.87 -21.77 6.92
N ASP F 225 26.81 -20.97 6.43
CA ASP F 225 27.70 -20.23 7.31
C ASP F 225 26.97 -19.01 7.88
N SER F 226 26.79 -18.99 9.19
CA SER F 226 26.12 -17.90 9.88
C SER F 226 27.08 -16.90 10.49
N GLU F 227 28.37 -17.01 10.20
CA GLU F 227 29.35 -16.09 10.78
C GLU F 227 29.14 -14.69 10.24
N GLY F 228 29.09 -13.72 11.14
CA GLY F 228 28.88 -12.34 10.76
C GLY F 228 27.46 -11.95 10.45
N ALA F 229 26.48 -12.77 10.85
CA ALA F 229 25.08 -12.50 10.56
C ALA F 229 24.57 -11.38 11.47
N THR F 230 23.28 -11.06 11.36
CA THR F 230 22.67 -10.01 12.14
C THR F 230 21.44 -10.56 12.85
N VAL F 231 21.31 -10.26 14.14
CA VAL F 231 20.20 -10.72 14.96
C VAL F 231 19.24 -9.56 15.17
N GLN F 232 17.95 -9.83 15.05
CA GLN F 232 16.92 -8.82 15.28
C GLN F 232 15.76 -9.45 16.05
N LEU F 233 15.26 -8.70 17.03
CA LEU F 233 14.14 -9.12 17.87
C LEU F 233 12.93 -8.24 17.61
N THR F 234 11.77 -8.87 17.47
CA THR F 234 10.51 -8.17 17.33
C THR F 234 9.61 -8.54 18.51
N PRO F 235 9.43 -7.66 19.49
CA PRO F 235 8.53 -7.96 20.60
C PRO F 235 7.10 -7.55 20.32
N TYR F 236 6.18 -8.38 20.81
CA TYR F 236 4.76 -8.14 20.64
C TYR F 236 4.19 -7.63 21.96
N PHE F 237 3.49 -6.50 21.89
CA PHE F 237 2.65 -5.97 22.95
C PHE F 237 1.22 -5.86 22.45
N PRO F 238 0.24 -5.97 23.35
CA PRO F 238 -1.17 -5.80 22.91
C PRO F 238 -1.47 -4.43 22.35
N THR F 239 -0.69 -3.41 22.72
CA THR F 239 -0.97 -2.05 22.26
C THR F 239 -0.41 -1.80 20.87
N CYS F 240 0.92 -1.91 20.71
CA CYS F 240 1.55 -1.57 19.44
C CYS F 240 1.23 -2.56 18.32
N GLY F 241 0.96 -3.83 18.64
CA GLY F 241 0.51 -4.77 17.63
C GLY F 241 1.55 -5.02 16.57
N SER F 242 1.33 -4.48 15.37
CA SER F 242 2.22 -4.69 14.24
C SER F 242 3.30 -3.63 14.12
N ASP F 243 3.07 -2.43 14.64
CA ASP F 243 4.05 -1.35 14.57
C ASP F 243 4.96 -1.30 15.79
N CYS F 244 5.19 -2.44 16.42
CA CYS F 244 6.00 -2.48 17.64
C CYS F 244 7.46 -2.19 17.31
N ILE F 245 8.10 -1.38 18.15
CA ILE F 245 9.49 -0.99 17.92
C ILE F 245 10.40 -2.19 18.14
N ARG F 246 11.55 -2.20 17.46
CA ARG F 246 12.47 -3.33 17.49
C ARG F 246 13.87 -2.85 17.88
N HIS F 247 14.76 -3.82 18.11
CA HIS F 247 16.13 -3.56 18.54
C HIS F 247 17.11 -4.47 17.81
N LYS F 248 18.38 -4.08 17.80
CA LYS F 248 19.43 -4.88 17.19
C LYS F 248 19.73 -6.13 18.02
N GLY F 249 20.60 -6.97 17.47
CA GLY F 249 21.17 -8.11 18.15
C GLY F 249 22.50 -8.42 17.51
N THR F 250 23.35 -9.11 18.26
CA THR F 250 24.74 -9.34 17.86
C THR F 250 24.99 -10.82 17.65
N VAL F 251 26.06 -11.14 16.92
CA VAL F 251 26.48 -12.50 16.65
C VAL F 251 27.88 -12.68 17.19
N VAL F 252 28.05 -13.66 18.08
CA VAL F 252 29.35 -14.00 18.65
C VAL F 252 29.51 -15.51 18.63
N LEU F 253 30.75 -15.95 18.78
CA LEU F 253 31.09 -17.36 18.88
C LEU F 253 31.45 -17.70 20.32
N CYS F 254 30.92 -18.81 20.82
CA CYS F 254 31.17 -19.21 22.20
C CYS F 254 32.34 -20.17 22.25
N GLU G 53 -2.55 -14.93 -8.58
CA GLU G 53 -3.61 -14.20 -7.90
C GLU G 53 -4.14 -13.09 -8.80
N ASP G 54 -5.45 -13.12 -9.07
CA ASP G 54 -6.09 -12.11 -9.89
C ASP G 54 -7.37 -11.65 -9.22
N GLY G 55 -7.82 -10.45 -9.58
CA GLY G 55 -9.02 -9.89 -9.03
C GLY G 55 -8.93 -8.38 -8.92
N PRO G 56 -9.85 -7.79 -8.18
CA PRO G 56 -9.87 -6.32 -8.01
C PRO G 56 -8.83 -5.81 -7.01
N LEU G 57 -7.62 -6.35 -7.11
CA LEU G 57 -6.49 -5.94 -6.28
C LEU G 57 -6.69 -6.30 -4.82
N ASN G 58 -7.88 -6.83 -4.49
CA ASN G 58 -8.16 -7.20 -3.12
C ASN G 58 -7.52 -8.55 -2.82
N SER G 59 -7.00 -9.20 -3.85
CA SER G 59 -6.29 -10.46 -3.70
C SER G 59 -4.91 -10.34 -4.31
N ARG G 60 -4.67 -9.26 -5.05
CA ARG G 60 -3.41 -9.09 -5.76
C ARG G 60 -2.40 -8.22 -5.05
N ALA G 61 -2.79 -7.49 -4.01
CA ALA G 61 -1.84 -6.69 -3.25
C ALA G 61 -0.92 -7.59 -2.44
N ILE G 62 0.30 -7.11 -2.22
CA ILE G 62 1.24 -7.81 -1.34
C ILE G 62 0.68 -7.87 0.08
N SER G 63 -0.24 -6.97 0.41
CA SER G 63 -0.95 -6.99 1.68
C SER G 63 -2.42 -7.33 1.42
N PRO G 64 -2.75 -8.61 1.23
CA PRO G 64 -4.15 -8.96 0.97
C PRO G 64 -5.02 -8.68 2.18
N TRP G 65 -6.29 -8.42 1.91
CA TRP G 65 -7.20 -7.94 2.94
C TRP G 65 -8.64 -8.23 2.58
N ARG G 66 -9.33 -8.90 3.50
CA ARG G 66 -10.71 -9.32 3.34
C ARG G 66 -11.66 -8.25 3.86
N TYR G 67 -12.93 -8.62 4.03
CA TYR G 67 -13.94 -7.72 4.57
C TYR G 67 -14.64 -8.39 5.73
N GLU G 68 -15.24 -7.59 6.60
CA GLU G 68 -16.16 -8.06 7.62
C GLU G 68 -17.40 -7.19 7.59
N LEU G 69 -18.53 -7.78 7.93
CA LEU G 69 -19.81 -7.10 7.86
C LEU G 69 -20.01 -6.27 9.12
N ASP G 70 -20.68 -5.13 8.98
CA ASP G 70 -21.09 -4.32 10.10
C ASP G 70 -22.54 -3.98 9.87
N ARG G 71 -23.44 -4.61 10.61
CA ARG G 71 -24.87 -4.40 10.47
C ARG G 71 -25.31 -3.32 11.44
N ASP G 72 -26.35 -2.59 11.06
CA ASP G 72 -26.99 -1.64 11.97
C ASP G 72 -28.32 -1.22 11.37
N LEU G 73 -29.30 -1.02 12.25
CA LEU G 73 -30.66 -0.71 11.83
C LEU G 73 -30.82 0.72 11.36
N ASN G 74 -29.92 1.63 11.74
CA ASN G 74 -30.13 3.03 11.40
C ASN G 74 -28.86 3.70 10.89
N ARG G 75 -28.07 3.01 10.08
CA ARG G 75 -27.00 3.64 9.32
C ARG G 75 -27.37 3.70 7.85
N LEU G 76 -27.13 4.86 7.25
CA LEU G 76 -27.18 5.04 5.82
C LEU G 76 -25.77 5.37 5.35
N PRO G 77 -25.10 4.48 4.60
CA PRO G 77 -25.68 3.20 4.19
C PRO G 77 -25.62 2.16 5.29
N GLN G 78 -26.59 1.23 5.26
CA GLN G 78 -26.55 0.10 6.17
C GLN G 78 -25.27 -0.69 6.00
N ASP G 79 -24.65 -0.59 4.84
CA ASP G 79 -23.45 -1.33 4.50
C ASP G 79 -22.24 -0.42 4.67
N LEU G 80 -21.42 -0.71 5.66
CA LEU G 80 -20.04 -0.28 5.72
C LEU G 80 -19.17 -1.49 5.99
N TYR G 81 -18.06 -1.59 5.28
CA TYR G 81 -17.14 -2.71 5.45
C TYR G 81 -15.82 -2.20 6.02
N HIS G 82 -15.28 -2.96 6.96
CA HIS G 82 -14.01 -2.63 7.57
C HIS G 82 -12.92 -3.55 7.01
N ALA G 83 -11.85 -2.94 6.54
CA ALA G 83 -10.75 -3.71 6.00
C ALA G 83 -10.04 -4.43 7.14
N ARG G 84 -9.91 -5.74 7.02
CA ARG G 84 -9.23 -6.55 8.03
C ARG G 84 -8.25 -7.43 7.28
N CYS G 85 -7.05 -6.90 7.06
CA CYS G 85 -6.03 -7.68 6.37
C CYS G 85 -5.63 -8.87 7.22
N LEU G 86 -5.08 -9.88 6.55
CA LEU G 86 -4.97 -11.21 7.12
C LEU G 86 -3.53 -11.66 7.34
N CYS G 87 -2.54 -10.87 6.91
CA CYS G 87 -1.15 -11.27 7.02
C CYS G 87 -0.49 -10.58 8.19
N PRO G 88 0.46 -11.23 8.88
CA PRO G 88 1.26 -10.53 9.88
C PRO G 88 2.45 -9.78 9.30
N HIS G 89 2.84 -10.10 8.07
CA HIS G 89 3.89 -9.40 7.35
C HIS G 89 3.58 -9.47 5.87
N CYS G 90 4.35 -8.74 5.07
CA CYS G 90 4.10 -8.66 3.64
C CYS G 90 4.42 -9.98 2.96
N VAL G 91 3.64 -10.32 1.94
CA VAL G 91 3.85 -11.59 1.25
C VAL G 91 5.06 -11.49 0.33
N SER G 92 5.53 -12.65 -0.13
CA SER G 92 6.68 -12.70 -1.02
C SER G 92 6.28 -12.30 -2.44
N LEU G 93 7.25 -11.79 -3.18
CA LEU G 93 7.04 -11.34 -4.56
C LEU G 93 7.47 -12.35 -5.61
N GLN G 94 8.44 -13.21 -5.30
CA GLN G 94 9.00 -14.12 -6.29
C GLN G 94 8.35 -15.49 -6.30
N THR G 95 7.61 -15.84 -5.26
CA THR G 95 6.90 -17.11 -5.18
C THR G 95 5.40 -16.96 -5.08
N GLY G 96 4.91 -15.91 -4.41
CA GLY G 96 3.50 -15.68 -4.25
C GLY G 96 2.85 -16.49 -3.13
N SER G 97 3.58 -17.43 -2.52
CA SER G 97 3.04 -18.26 -1.45
C SER G 97 3.86 -18.20 -0.17
N HIS G 98 5.18 -18.17 -0.27
CA HIS G 98 6.01 -18.12 0.92
C HIS G 98 5.93 -16.73 1.56
N MET G 99 6.49 -16.62 2.76
CA MET G 99 6.13 -15.56 3.69
C MET G 99 7.33 -14.64 3.90
N ASP G 100 7.13 -13.33 3.73
CA ASP G 100 8.22 -12.37 3.83
C ASP G 100 8.09 -11.58 5.13
N PRO G 101 8.96 -11.79 6.12
CA PRO G 101 8.73 -11.21 7.45
C PRO G 101 9.21 -9.79 7.66
N ARG G 102 9.90 -9.16 6.71
CA ARG G 102 10.46 -7.84 6.96
C ARG G 102 9.45 -6.70 6.88
N GLY G 103 8.20 -6.95 6.47
CA GLY G 103 7.25 -5.88 6.29
C GLY G 103 6.10 -5.99 7.26
N ASN G 104 5.34 -4.90 7.34
CA ASN G 104 4.18 -4.80 8.22
C ASN G 104 3.00 -4.23 7.46
N SER G 105 1.80 -4.50 7.95
CA SER G 105 0.56 -4.00 7.37
C SER G 105 -0.15 -3.10 8.38
N GLU G 106 -0.60 -1.94 7.92
CA GLU G 106 -1.26 -1.01 8.83
C GLU G 106 -2.51 -0.46 8.18
N LEU G 107 -3.52 -0.18 9.01
CA LEU G 107 -4.75 0.39 8.52
C LEU G 107 -4.55 1.84 8.11
N LEU G 108 -5.35 2.28 7.14
CA LEU G 108 -5.47 3.68 6.75
C LEU G 108 -6.93 4.09 6.82
N TYR G 109 -7.23 5.08 7.65
CA TYR G 109 -8.59 5.48 7.96
C TYR G 109 -9.01 6.67 7.11
N HIS G 110 -10.28 7.03 7.22
CA HIS G 110 -10.80 8.26 6.65
C HIS G 110 -12.18 8.51 7.23
N ASN G 111 -12.71 9.69 6.97
CA ASN G 111 -14.00 10.11 7.50
C ASN G 111 -15.01 10.21 6.38
N GLN G 112 -16.09 9.45 6.50
CA GLN G 112 -17.20 9.50 5.56
C GLN G 112 -18.51 9.66 6.32
N THR G 113 -19.26 10.71 5.98
CA THR G 113 -20.43 11.10 6.75
C THR G 113 -21.56 10.12 6.54
N VAL G 114 -22.31 9.83 7.60
CA VAL G 114 -23.44 8.91 7.57
C VAL G 114 -24.58 9.52 8.39
N PHE G 115 -25.69 8.80 8.47
CA PHE G 115 -26.89 9.28 9.12
C PHE G 115 -27.33 8.30 10.20
N TYR G 116 -27.78 8.83 11.34
CA TYR G 116 -28.18 8.03 12.49
C TYR G 116 -29.54 8.46 13.00
N ARG G 117 -30.11 7.65 13.89
CA ARG G 117 -31.42 7.89 14.46
C ARG G 117 -31.40 8.08 15.97
N ARG G 118 -32.03 9.17 16.39
CA ARG G 118 -32.58 9.30 17.73
C ARG G 118 -34.04 9.72 17.57
N PRO G 119 -34.91 9.36 18.50
CA PRO G 119 -36.29 9.87 18.44
C PRO G 119 -36.31 11.36 18.69
N CYS G 120 -37.41 11.99 18.32
CA CYS G 120 -37.55 13.42 18.51
C CYS G 120 -37.44 13.77 20.00
N HIS G 121 -36.56 14.73 20.31
CA HIS G 121 -36.36 15.10 21.70
C HIS G 121 -37.60 15.77 22.28
N GLY G 122 -38.26 16.62 21.50
CA GLY G 122 -39.48 17.24 21.95
C GLY G 122 -40.58 16.20 22.12
N GLU G 123 -41.34 16.33 23.22
CA GLU G 123 -42.42 15.38 23.52
C GLU G 123 -43.68 15.81 22.77
N LYS G 124 -43.61 15.71 21.44
CA LYS G 124 -44.74 16.12 20.61
C LYS G 124 -45.96 15.24 20.86
N GLY G 125 -45.76 13.93 20.99
CA GLY G 125 -46.84 13.00 21.21
C GLY G 125 -47.53 12.51 19.95
N THR G 126 -47.23 13.09 18.80
CA THR G 126 -47.82 12.62 17.54
C THR G 126 -47.31 11.22 17.20
N HIS G 127 -46.00 11.00 17.32
CA HIS G 127 -45.40 9.72 17.04
C HIS G 127 -43.98 9.74 17.60
N LYS G 128 -43.30 8.59 17.48
CA LYS G 128 -41.92 8.50 17.97
C LYS G 128 -40.98 9.42 17.21
N GLY G 129 -41.11 9.50 15.88
CA GLY G 129 -40.31 10.43 15.11
C GLY G 129 -38.91 9.93 14.85
N TYR G 130 -38.17 10.76 14.11
CA TYR G 130 -36.79 10.45 13.73
C TYR G 130 -36.09 11.74 13.35
N CYS G 131 -34.76 11.69 13.28
CA CYS G 131 -33.98 12.86 12.92
C CYS G 131 -32.72 12.43 12.18
N LEU G 132 -32.21 13.35 11.36
CA LEU G 132 -31.03 13.11 10.54
C LEU G 132 -29.78 13.48 11.34
N GLU G 133 -29.33 12.57 12.18
CA GLU G 133 -28.13 12.75 12.99
C GLU G 133 -26.93 12.55 12.07
N ARG G 134 -26.16 13.61 11.86
CA ARG G 134 -25.11 13.64 10.84
C ARG G 134 -23.75 13.80 11.51
N ARG G 135 -23.07 12.67 11.74
CA ARG G 135 -21.68 12.66 12.14
C ARG G 135 -20.94 11.57 11.37
N LEU G 136 -19.66 11.45 11.66
CA LEU G 136 -18.75 10.69 10.84
C LEU G 136 -18.61 9.26 11.34
N TYR G 137 -17.88 8.46 10.57
CA TYR G 137 -17.56 7.09 10.91
C TYR G 137 -16.16 6.80 10.40
N ARG G 138 -15.38 6.10 11.19
CA ARG G 138 -13.98 5.83 10.87
C ARG G 138 -13.89 4.39 10.41
N VAL G 139 -13.41 4.17 9.19
CA VAL G 139 -13.33 2.85 8.60
C VAL G 139 -11.92 2.61 8.08
N SER G 140 -11.64 1.40 7.66
CA SER G 140 -10.36 1.06 7.07
C SER G 140 -10.50 0.76 5.59
N LEU G 141 -9.47 1.11 4.82
CA LEU G 141 -9.52 1.01 3.37
C LEU G 141 -8.51 0.04 2.79
N ALA G 142 -7.26 0.10 3.21
CA ALA G 142 -6.28 -0.83 2.67
C ALA G 142 -5.11 -0.93 3.63
N CYS G 143 -4.68 -2.16 3.88
CA CYS G 143 -3.44 -2.42 4.59
C CYS G 143 -2.29 -2.29 3.61
N VAL G 144 -1.21 -1.64 4.03
CA VAL G 144 -0.10 -1.31 3.14
C VAL G 144 1.18 -1.89 3.72
N CYS G 145 2.14 -2.17 2.84
CA CYS G 145 3.43 -2.71 3.25
C CYS G 145 4.35 -1.54 3.63
N VAL G 146 4.83 -1.55 4.87
CA VAL G 146 5.53 -0.41 5.45
C VAL G 146 6.85 -0.87 6.05
N ARG G 147 7.87 -0.03 5.93
CA ARG G 147 9.15 -0.30 6.56
C ARG G 147 9.09 0.10 8.03
N PRO G 148 9.36 -0.83 8.95
CA PRO G 148 9.06 -0.58 10.37
C PRO G 148 9.99 0.43 11.03
N ARG G 149 9.69 0.77 12.28
CA ARG G 149 10.53 1.66 13.09
C ARG G 149 11.31 0.83 14.09
N VAL G 150 12.64 0.94 14.01
CA VAL G 150 13.54 0.11 14.80
C VAL G 150 14.59 1.00 15.46
N MET G 151 14.81 0.77 16.76
CA MET G 151 15.74 1.55 17.55
C MET G 151 16.99 0.73 17.81
N GLY G 152 18.14 1.40 17.89
CA GLY G 152 19.40 0.73 18.13
C GLY G 152 20.60 1.51 17.62
N GLU H 2 -52.59 -11.86 -11.25
CA GLU H 2 -51.17 -12.04 -11.55
C GLU H 2 -50.42 -10.72 -11.49
N PRO H 3 -49.98 -10.34 -10.29
CA PRO H 3 -49.22 -9.09 -10.16
C PRO H 3 -47.91 -9.14 -10.92
N THR H 4 -47.47 -7.98 -11.38
CA THR H 4 -46.20 -7.84 -12.07
C THR H 4 -45.31 -6.85 -11.32
N VAL H 5 -44.15 -6.57 -11.88
CA VAL H 5 -43.15 -5.72 -11.24
C VAL H 5 -42.65 -4.70 -12.25
N GLN H 6 -42.49 -3.45 -11.80
CA GLN H 6 -41.95 -2.37 -12.60
C GLN H 6 -41.01 -1.56 -11.72
N CYS H 7 -39.76 -1.39 -12.16
CA CYS H 7 -38.73 -0.78 -11.32
C CYS H 7 -38.07 0.41 -11.99
N GLY H 8 -37.81 1.45 -11.20
CA GLY H 8 -37.06 2.60 -11.64
C GLY H 8 -36.20 3.11 -10.50
N SER H 9 -35.05 3.67 -10.87
CA SER H 9 -34.03 4.03 -9.90
C SER H 9 -34.48 5.16 -8.99
N GLU H 10 -34.04 5.09 -7.72
CA GLU H 10 -34.30 6.13 -6.74
C GLU H 10 -33.29 5.97 -5.61
N THR H 11 -32.50 7.02 -5.37
CA THR H 11 -31.41 6.96 -4.40
C THR H 11 -31.66 7.97 -3.28
N GLY H 12 -31.07 7.70 -2.13
CA GLY H 12 -31.16 8.60 -1.00
C GLY H 12 -31.80 7.94 0.20
N PRO H 13 -32.33 8.75 1.12
CA PRO H 13 -33.02 8.19 2.29
C PRO H 13 -34.42 7.75 1.94
N SER H 14 -34.83 6.63 2.54
CA SER H 14 -36.19 6.15 2.35
C SER H 14 -37.15 6.96 3.23
N PRO H 15 -38.14 7.62 2.64
CA PRO H 15 -39.04 8.47 3.44
C PRO H 15 -39.83 7.67 4.46
N GLU H 16 -39.99 6.37 4.23
CA GLU H 16 -40.72 5.54 5.18
C GLU H 16 -39.97 5.35 6.49
N TRP H 17 -38.69 5.75 6.55
CA TRP H 17 -37.94 5.63 7.80
C TRP H 17 -38.39 6.59 8.88
N MET H 18 -39.08 7.68 8.55
CA MET H 18 -39.53 8.58 9.60
C MET H 18 -40.71 8.04 10.40
N LEU H 19 -41.38 6.99 9.92
CA LEU H 19 -42.57 6.47 10.59
C LEU H 19 -42.32 5.05 11.05
N GLN H 20 -42.73 4.75 12.29
CA GLN H 20 -42.66 3.41 12.84
C GLN H 20 -43.99 2.71 12.63
N HIS H 21 -43.98 1.67 11.80
CA HIS H 21 -45.19 0.93 11.47
C HIS H 21 -45.48 -0.12 12.52
N ASP H 22 -46.76 -0.30 12.83
CA ASP H 22 -47.16 -1.27 13.85
C ASP H 22 -46.81 -2.69 13.44
N LEU H 23 -47.08 -3.05 12.19
CA LEU H 23 -46.85 -4.39 11.68
C LEU H 23 -45.71 -4.37 10.69
N ILE H 24 -44.92 -5.43 10.68
CA ILE H 24 -43.73 -5.49 9.84
C ILE H 24 -43.71 -6.80 9.06
N PRO H 25 -43.71 -6.75 7.73
CA PRO H 25 -43.71 -7.98 6.93
C PRO H 25 -42.39 -8.73 7.04
N GLY H 26 -42.47 -10.02 6.78
CA GLY H 26 -41.31 -10.88 6.92
C GLY H 26 -40.21 -10.55 5.94
N ASP H 27 -39.09 -11.22 6.13
CA ASP H 27 -37.92 -11.02 5.28
C ASP H 27 -38.11 -11.74 3.95
N LEU H 28 -37.06 -11.79 3.14
CA LEU H 28 -37.09 -12.45 1.84
C LEU H 28 -36.66 -13.89 2.01
N ARG H 29 -37.46 -14.82 1.50
CA ARG H 29 -37.19 -16.23 1.71
C ARG H 29 -35.87 -16.63 1.06
N ASP H 30 -35.59 -16.14 -0.15
CA ASP H 30 -34.38 -16.53 -0.83
C ASP H 30 -34.02 -15.47 -1.87
N LEU H 31 -32.77 -15.52 -2.33
CA LEU H 31 -32.23 -14.54 -3.25
C LEU H 31 -31.08 -15.17 -4.02
N ARG H 32 -31.05 -14.96 -5.33
CA ARG H 32 -29.98 -15.48 -6.16
C ARG H 32 -29.70 -14.49 -7.30
N VAL H 33 -28.46 -14.45 -7.72
CA VAL H 33 -27.99 -13.54 -8.76
C VAL H 33 -27.16 -14.32 -9.75
N GLU H 34 -27.39 -14.09 -11.04
CA GLU H 34 -26.59 -14.66 -12.10
C GLU H 34 -26.20 -13.59 -13.10
N PRO H 35 -25.06 -13.73 -13.76
CA PRO H 35 -24.64 -12.74 -14.75
C PRO H 35 -25.17 -13.04 -16.14
N VAL H 36 -25.54 -11.97 -16.84
CA VAL H 36 -26.06 -12.05 -18.20
C VAL H 36 -25.28 -11.11 -19.10
N THR H 37 -25.27 -11.44 -20.39
CA THR H 37 -24.58 -10.66 -21.41
C THR H 37 -25.56 -10.30 -22.51
N THR H 38 -25.56 -9.03 -22.92
CA THR H 38 -26.43 -8.56 -23.99
C THR H 38 -25.80 -8.83 -25.36
N SER H 39 -26.64 -8.82 -26.38
CA SER H 39 -26.21 -9.07 -27.73
C SER H 39 -25.61 -7.82 -28.36
N VAL H 40 -24.84 -8.03 -29.43
CA VAL H 40 -24.22 -6.93 -30.15
C VAL H 40 -24.82 -6.82 -31.56
N TYR H 45 -22.48 -4.07 -27.09
CA TYR H 45 -22.03 -5.31 -26.48
C TYR H 45 -21.64 -5.09 -25.03
N SER H 46 -22.65 -5.03 -24.15
CA SER H 46 -22.47 -4.72 -22.75
C SER H 46 -22.82 -5.93 -21.88
N ILE H 47 -22.54 -5.79 -20.59
CA ILE H 47 -22.81 -6.82 -19.60
C ILE H 47 -23.80 -6.27 -18.58
N LEU H 48 -24.84 -7.03 -18.30
CA LEU H 48 -25.87 -6.63 -17.34
C LEU H 48 -25.98 -7.68 -16.24
N MET H 49 -26.83 -7.37 -15.26
CA MET H 49 -26.96 -8.17 -14.06
C MET H 49 -28.35 -8.80 -13.98
N ASN H 50 -28.42 -10.06 -13.59
CA ASN H 50 -29.68 -10.73 -13.34
C ASN H 50 -29.77 -11.12 -11.88
N VAL H 51 -30.76 -10.55 -11.18
CA VAL H 51 -30.98 -10.81 -9.76
C VAL H 51 -32.32 -11.52 -9.62
N SER H 52 -32.37 -12.51 -8.75
CA SER H 52 -33.60 -13.28 -8.51
C SER H 52 -33.80 -13.44 -7.02
N TRP H 53 -34.98 -13.03 -6.55
CA TRP H 53 -35.31 -13.13 -5.14
C TRP H 53 -36.57 -13.95 -4.98
N VAL H 54 -36.59 -14.77 -3.92
CA VAL H 54 -37.74 -15.59 -3.56
C VAL H 54 -38.34 -15.04 -2.28
N LEU H 55 -39.62 -14.73 -2.33
CA LEU H 55 -40.31 -14.10 -1.21
C LEU H 55 -40.89 -15.16 -0.28
N ARG H 56 -41.03 -14.78 1.00
CA ARG H 56 -41.53 -15.71 1.99
C ARG H 56 -43.04 -15.57 2.06
N ALA H 57 -43.74 -16.70 2.20
CA ALA H 57 -45.15 -16.74 1.81
C ALA H 57 -46.13 -16.60 2.97
N ASP H 58 -45.85 -17.20 4.12
CA ASP H 58 -46.90 -17.43 5.11
C ASP H 58 -47.28 -16.11 5.76
N ALA H 59 -48.36 -15.51 5.24
CA ALA H 59 -49.03 -14.35 5.83
C ALA H 59 -48.17 -13.10 5.78
N SER H 60 -46.93 -13.24 5.32
CA SER H 60 -46.07 -12.09 5.08
C SER H 60 -46.46 -11.35 3.81
N ILE H 61 -47.12 -12.03 2.88
CA ILE H 61 -47.52 -11.40 1.63
C ILE H 61 -48.70 -10.48 1.82
N ARG H 62 -49.54 -10.74 2.82
CA ARG H 62 -50.79 -10.01 2.97
C ARG H 62 -50.57 -8.51 3.11
N LEU H 63 -49.39 -8.10 3.59
CA LEU H 63 -49.02 -6.69 3.60
C LEU H 63 -47.55 -6.59 3.18
N LEU H 64 -47.33 -5.91 2.05
CA LEU H 64 -46.01 -5.72 1.49
C LEU H 64 -46.13 -4.73 0.33
N LYS H 65 -45.16 -3.84 0.20
CA LYS H 65 -45.20 -2.81 -0.83
C LYS H 65 -44.05 -2.91 -1.81
N ALA H 66 -42.82 -3.08 -1.32
CA ALA H 66 -41.65 -3.02 -2.19
C ALA H 66 -40.64 -4.07 -1.73
N THR H 67 -39.50 -4.09 -2.40
CA THR H 67 -38.42 -5.04 -2.10
C THR H 67 -37.11 -4.32 -2.37
N LYS H 68 -36.48 -3.81 -1.32
CA LYS H 68 -35.29 -3.00 -1.47
C LYS H 68 -34.06 -3.87 -1.68
N ILE H 69 -33.54 -3.82 -2.90
CA ILE H 69 -32.46 -4.69 -3.34
C ILE H 69 -31.43 -3.84 -4.07
N CYS H 70 -30.18 -3.86 -3.59
CA CYS H 70 -29.10 -3.19 -4.30
C CYS H 70 -27.72 -3.52 -3.73
N VAL H 71 -26.70 -3.08 -4.47
CA VAL H 71 -25.32 -3.45 -4.22
C VAL H 71 -24.55 -2.21 -3.80
N THR H 72 -23.41 -2.41 -3.16
CA THR H 72 -22.38 -1.40 -3.01
C THR H 72 -21.23 -1.80 -3.92
N GLY H 73 -20.57 -0.82 -4.51
CA GLY H 73 -19.43 -1.06 -5.37
C GLY H 73 -18.20 -0.35 -4.83
N LYS H 74 -17.09 -1.08 -4.77
CA LYS H 74 -15.87 -0.57 -4.17
C LYS H 74 -14.64 -1.28 -4.75
N SER H 75 -13.86 -0.48 -5.47
CA SER H 75 -12.68 -0.83 -6.24
C SER H 75 -11.72 0.35 -6.10
N ASN H 76 -10.86 0.52 -7.10
CA ASN H 76 -10.25 1.83 -7.32
C ASN H 76 -11.27 2.92 -7.07
N PHE H 77 -12.51 2.69 -7.51
CA PHE H 77 -13.66 3.53 -7.21
C PHE H 77 -14.38 3.01 -5.97
N GLN H 78 -15.17 3.88 -5.36
CA GLN H 78 -16.22 3.46 -4.43
C GLN H 78 -17.55 3.97 -4.95
N SER H 79 -18.53 3.08 -5.06
CA SER H 79 -19.83 3.42 -5.60
C SER H 79 -20.94 2.85 -4.74
N TYR H 80 -21.90 3.70 -4.40
CA TYR H 80 -23.14 3.28 -3.74
C TYR H 80 -24.28 4.07 -4.34
N SER H 81 -25.18 3.38 -5.04
CA SER H 81 -26.35 3.99 -5.65
C SER H 81 -27.24 2.87 -6.14
N CYS H 82 -28.54 2.98 -5.88
CA CYS H 82 -29.41 1.85 -6.15
C CYS H 82 -30.88 2.24 -6.19
N VAL H 83 -31.73 1.21 -6.30
CA VAL H 83 -33.06 1.32 -6.88
C VAL H 83 -34.10 0.83 -5.88
N ARG H 84 -35.22 1.55 -5.79
CA ARG H 84 -36.40 1.12 -5.06
C ARG H 84 -37.52 0.91 -6.07
N CYS H 85 -38.32 -0.13 -5.87
CA CYS H 85 -39.48 -0.36 -6.74
C CYS H 85 -40.52 -1.21 -6.03
N ASN H 86 -41.78 -0.98 -6.37
CA ASN H 86 -42.90 -1.61 -5.69
C ASN H 86 -43.46 -2.76 -6.52
N TYR H 87 -44.53 -3.37 -6.01
CA TYR H 87 -45.27 -4.41 -6.71
C TYR H 87 -46.66 -3.88 -7.07
N THR H 88 -47.20 -4.36 -8.19
CA THR H 88 -48.33 -3.66 -8.81
C THR H 88 -49.66 -3.98 -8.15
N GLU H 89 -50.03 -5.26 -8.07
CA GLU H 89 -51.38 -5.66 -7.72
C GLU H 89 -51.49 -6.08 -6.26
N ALA H 90 -52.68 -5.89 -5.70
CA ALA H 90 -52.97 -6.33 -4.34
C ALA H 90 -52.91 -7.84 -4.24
N PHE H 91 -52.37 -8.34 -3.13
CA PHE H 91 -52.10 -9.76 -3.00
C PHE H 91 -53.17 -10.46 -2.16
N GLN H 92 -53.47 -11.71 -2.52
CA GLN H 92 -54.43 -12.51 -1.78
C GLN H 92 -53.99 -13.95 -1.53
N THR H 93 -52.96 -14.44 -2.21
CA THR H 93 -52.55 -15.84 -2.12
C THR H 93 -51.16 -15.93 -1.50
N GLN H 94 -50.76 -17.16 -1.21
CA GLN H 94 -49.41 -17.47 -0.76
C GLN H 94 -48.57 -18.18 -1.80
N THR H 95 -49.20 -18.93 -2.70
CA THR H 95 -48.50 -19.64 -3.75
C THR H 95 -49.12 -19.28 -5.09
N ARG H 96 -48.44 -19.69 -6.15
CA ARG H 96 -48.94 -19.40 -7.49
C ARG H 96 -50.24 -20.17 -7.74
N PRO H 97 -51.32 -19.51 -8.15
CA PRO H 97 -52.51 -20.26 -8.56
C PRO H 97 -52.23 -21.26 -9.66
N SER H 98 -51.36 -20.89 -10.62
CA SER H 98 -50.94 -21.84 -11.63
C SER H 98 -50.11 -22.97 -11.03
N GLY H 99 -49.46 -22.71 -9.89
CA GLY H 99 -48.67 -23.72 -9.21
C GLY H 99 -47.27 -23.22 -8.92
N GLY H 100 -46.76 -23.62 -7.76
CA GLY H 100 -45.42 -23.25 -7.35
C GLY H 100 -45.38 -21.98 -6.51
N LYS H 101 -44.16 -21.64 -6.11
CA LYS H 101 -43.92 -20.44 -5.31
C LYS H 101 -43.70 -19.24 -6.22
N TRP H 102 -43.51 -18.08 -5.59
CA TRP H 102 -43.38 -16.84 -6.34
C TRP H 102 -41.93 -16.64 -6.78
N THR H 103 -41.76 -16.35 -8.06
CA THR H 103 -40.43 -16.14 -8.62
C THR H 103 -40.42 -14.83 -9.38
N PHE H 104 -39.37 -14.03 -9.18
CA PHE H 104 -39.22 -12.74 -9.81
C PHE H 104 -37.77 -12.48 -10.13
N SER H 105 -37.54 -11.57 -11.08
CA SER H 105 -36.19 -11.21 -11.48
C SER H 105 -36.22 -9.81 -12.08
N TYR H 106 -35.05 -9.18 -12.09
CA TYR H 106 -34.92 -7.84 -12.65
C TYR H 106 -33.51 -7.66 -13.19
N ILE H 107 -33.39 -6.86 -14.24
CA ILE H 107 -32.12 -6.58 -14.89
C ILE H 107 -32.05 -5.08 -15.11
N GLY H 108 -30.83 -4.55 -15.19
CA GLY H 108 -30.66 -3.15 -15.54
C GLY H 108 -29.49 -2.45 -14.90
N PHE H 109 -28.84 -3.09 -13.94
CA PHE H 109 -27.67 -2.49 -13.31
C PHE H 109 -26.45 -2.68 -14.21
N PRO H 110 -25.78 -1.60 -14.63
CA PRO H 110 -24.56 -1.75 -15.42
C PRO H 110 -23.45 -2.38 -14.59
N VAL H 111 -22.59 -3.15 -15.27
CA VAL H 111 -21.49 -3.86 -14.63
C VAL H 111 -20.19 -3.50 -15.34
N GLU H 112 -19.18 -3.19 -14.55
CA GLU H 112 -17.84 -2.91 -15.02
C GLU H 112 -16.96 -4.14 -14.80
N LEU H 113 -15.67 -3.98 -15.04
CA LEU H 113 -14.72 -5.09 -15.00
C LEU H 113 -13.85 -5.01 -13.75
N ASN H 114 -13.33 -6.17 -13.34
CA ASN H 114 -12.34 -6.25 -12.27
C ASN H 114 -12.85 -5.67 -10.96
N THR H 115 -14.10 -5.96 -10.60
CA THR H 115 -14.73 -5.38 -9.42
C THR H 115 -15.60 -6.42 -8.73
N VAL H 116 -15.57 -6.42 -7.40
CA VAL H 116 -16.45 -7.25 -6.60
C VAL H 116 -17.60 -6.41 -6.08
N TYR H 117 -18.83 -6.88 -6.28
CA TYR H 117 -20.03 -6.21 -5.80
C TYR H 117 -20.73 -7.07 -4.77
N PHE H 118 -21.27 -6.44 -3.73
CA PHE H 118 -22.01 -7.14 -2.70
C PHE H 118 -23.47 -6.76 -2.76
N ILE H 119 -24.33 -7.77 -2.94
CA ILE H 119 -25.76 -7.58 -3.09
C ILE H 119 -26.47 -8.01 -1.82
N GLY H 120 -27.18 -7.06 -1.21
CA GLY H 120 -27.97 -7.36 -0.05
C GLY H 120 -29.36 -6.79 -0.24
N ALA H 121 -30.32 -7.40 0.44
CA ALA H 121 -31.71 -7.10 0.12
C ALA H 121 -32.55 -7.14 1.37
N HIS H 122 -33.72 -6.51 1.29
CA HIS H 122 -34.71 -6.54 2.35
C HIS H 122 -36.01 -6.00 1.79
N ASN H 123 -37.10 -6.31 2.49
CA ASN H 123 -38.42 -5.84 2.10
C ASN H 123 -38.61 -4.39 2.52
N ILE H 124 -39.70 -3.81 2.03
CA ILE H 124 -40.09 -2.45 2.39
C ILE H 124 -41.54 -2.48 2.88
N PRO H 125 -41.85 -1.91 4.04
CA PRO H 125 -40.92 -1.20 4.91
C PRO H 125 -40.02 -2.11 5.74
N ASN H 126 -39.20 -1.49 6.59
CA ASN H 126 -38.37 -2.18 7.57
C ASN H 126 -39.05 -2.22 8.93
N ALA H 127 -38.40 -2.90 9.86
CA ALA H 127 -38.87 -2.90 11.25
C ALA H 127 -38.53 -1.57 11.91
N ASN H 128 -39.23 -1.29 13.01
CA ASN H 128 -38.93 -0.10 13.79
C ASN H 128 -37.72 -0.37 14.68
N MET H 129 -37.51 0.51 15.65
CA MET H 129 -36.28 0.45 16.44
C MET H 129 -36.23 -0.79 17.32
N ASN H 130 -35.02 -1.34 17.45
CA ASN H 130 -34.68 -2.39 18.41
C ASN H 130 -35.45 -3.69 18.15
N GLU H 131 -35.18 -4.28 16.98
CA GLU H 131 -35.50 -5.68 16.70
C GLU H 131 -34.37 -6.29 15.90
N ASP H 132 -34.63 -7.48 15.36
CA ASP H 132 -33.60 -8.26 14.68
C ASP H 132 -33.23 -7.66 13.34
N GLY H 133 -31.98 -7.88 12.94
CA GLY H 133 -31.50 -7.48 11.64
C GLY H 133 -31.97 -8.42 10.55
N PRO H 134 -32.74 -7.89 9.60
CA PRO H 134 -33.31 -8.74 8.55
C PRO H 134 -32.35 -8.98 7.40
N SER H 135 -31.08 -8.61 7.57
CA SER H 135 -30.19 -8.51 6.44
C SER H 135 -29.80 -9.88 5.88
N MET H 136 -30.31 -10.18 4.69
CA MET H 136 -29.87 -11.29 3.88
C MET H 136 -29.11 -10.73 2.68
N SER H 137 -28.06 -11.44 2.26
CA SER H 137 -27.18 -10.96 1.20
C SER H 137 -26.38 -12.13 0.64
N VAL H 138 -25.50 -11.81 -0.30
CA VAL H 138 -24.63 -12.82 -0.92
C VAL H 138 -23.51 -12.10 -1.66
N ASN H 139 -22.39 -12.80 -1.81
CA ASN H 139 -21.20 -12.31 -2.49
C ASN H 139 -21.15 -12.82 -3.92
N PHE H 140 -20.10 -12.43 -4.62
CA PHE H 140 -19.97 -12.73 -6.04
C PHE H 140 -18.55 -12.44 -6.50
N THR H 141 -18.19 -13.00 -7.64
CA THR H 141 -16.90 -12.72 -8.26
C THR H 141 -17.12 -12.37 -9.72
N SER H 142 -16.73 -11.20 -10.09
CA SER H 142 -16.95 -10.75 -11.45
C SER H 142 -15.67 -10.85 -12.26
N PRO H 143 -15.76 -11.16 -13.55
CA PRO H 143 -14.55 -11.30 -14.36
C PRO H 143 -14.00 -9.96 -14.81
N GLY H 144 -12.76 -10.00 -15.24
CA GLY H 144 -12.05 -8.86 -15.79
C GLY H 144 -11.80 -9.01 -17.28
N CYS H 145 -10.57 -8.75 -17.70
CA CYS H 145 -10.20 -8.91 -19.10
C CYS H 145 -9.14 -9.99 -19.26
N LEU H 146 -9.17 -11.00 -18.38
CA LEU H 146 -8.32 -12.16 -18.52
C LEU H 146 -9.12 -13.37 -19.02
N ASP H 147 -10.36 -13.14 -19.43
CA ASP H 147 -11.23 -14.18 -19.95
C ASP H 147 -11.36 -14.04 -21.46
N HIS H 148 -11.52 -15.17 -22.14
CA HIS H 148 -11.53 -15.16 -23.60
C HIS H 148 -12.75 -14.45 -24.17
N ILE H 149 -13.88 -14.48 -23.46
CA ILE H 149 -15.12 -13.95 -24.01
C ILE H 149 -15.06 -12.43 -24.16
N MET H 150 -14.38 -11.74 -23.23
CA MET H 150 -14.45 -10.29 -23.16
C MET H 150 -13.17 -9.60 -23.64
N LYS H 151 -12.36 -10.27 -24.47
CA LYS H 151 -11.19 -9.58 -25.02
C LYS H 151 -11.61 -8.45 -25.94
N TYR H 152 -12.85 -8.46 -26.42
CA TYR H 152 -13.32 -7.52 -27.42
C TYR H 152 -13.84 -6.23 -26.82
N LYS H 153 -13.73 -6.06 -25.50
CA LYS H 153 -14.08 -4.79 -24.89
C LYS H 153 -13.16 -3.69 -25.43
N LYS H 154 -13.77 -2.58 -25.84
CA LYS H 154 -13.00 -1.50 -26.47
C LYS H 154 -11.96 -0.93 -25.51
N LYS H 155 -12.35 -0.73 -24.25
CA LYS H 155 -11.41 -0.17 -23.28
C LYS H 155 -10.20 -1.09 -23.09
N CYS H 156 -10.42 -2.40 -23.03
CA CYS H 156 -9.33 -3.34 -22.89
C CYS H 156 -8.43 -3.39 -24.11
N VAL H 157 -9.00 -3.23 -25.31
CA VAL H 157 -8.18 -3.20 -26.53
C VAL H 157 -7.22 -2.02 -26.47
N LYS H 158 -7.65 -0.90 -25.89
CA LYS H 158 -6.76 0.25 -25.71
C LYS H 158 -5.55 -0.12 -24.87
N ALA H 159 -5.66 -1.16 -24.05
CA ALA H 159 -4.52 -1.69 -23.32
C ALA H 159 -3.73 -2.72 -24.12
N GLY H 160 -4.13 -2.99 -25.36
CA GLY H 160 -3.44 -3.97 -26.18
C GLY H 160 -3.86 -5.40 -25.86
N SER H 161 -5.17 -5.63 -25.82
CA SER H 161 -5.69 -6.94 -25.42
C SER H 161 -5.28 -8.03 -26.42
N LEU H 162 -5.37 -7.74 -27.71
CA LEU H 162 -5.15 -8.74 -28.75
C LEU H 162 -3.77 -8.66 -29.38
N TRP H 163 -2.91 -7.76 -28.94
CA TRP H 163 -1.61 -7.60 -29.58
C TRP H 163 -0.71 -8.81 -29.30
N ASP H 164 0.03 -9.22 -30.32
CA ASP H 164 0.95 -10.34 -30.24
C ASP H 164 2.38 -9.83 -30.28
N PRO H 165 3.16 -9.98 -29.22
CA PRO H 165 4.56 -9.51 -29.24
C PRO H 165 5.42 -10.18 -30.30
N ASN H 166 5.16 -11.45 -30.61
CA ASN H 166 5.96 -12.22 -31.56
C ASN H 166 7.44 -12.22 -31.16
N ILE H 167 7.71 -12.77 -29.97
CA ILE H 167 9.04 -12.71 -29.40
C ILE H 167 9.94 -13.75 -30.07
N THR H 168 11.10 -13.30 -30.56
CA THR H 168 12.16 -14.17 -31.03
C THR H 168 13.47 -13.67 -30.45
N ALA H 169 13.96 -14.35 -29.41
CA ALA H 169 15.17 -13.95 -28.72
C ALA H 169 16.02 -15.16 -28.42
N CYS H 170 17.33 -14.96 -28.31
CA CYS H 170 18.25 -16.04 -28.03
C CYS H 170 19.54 -15.48 -27.45
N LYS H 171 20.32 -16.37 -26.84
CA LYS H 171 21.57 -16.00 -26.18
C LYS H 171 22.66 -15.83 -27.25
N LYS H 172 23.06 -14.59 -27.49
CA LYS H 172 24.13 -14.34 -28.45
C LYS H 172 25.45 -14.94 -27.98
N ASN H 173 25.82 -14.68 -26.72
CA ASN H 173 27.02 -15.25 -26.13
C ASN H 173 26.85 -15.23 -24.62
N GLU H 174 27.95 -15.44 -23.89
CA GLU H 174 27.88 -15.57 -22.44
C GLU H 174 27.42 -14.30 -21.74
N GLU H 175 27.47 -13.14 -22.41
CA GLU H 175 27.14 -11.88 -21.76
C GLU H 175 26.23 -10.99 -22.61
N THR H 176 25.86 -11.40 -23.82
CA THR H 176 25.01 -10.60 -24.68
C THR H 176 23.86 -11.45 -25.21
N VAL H 177 22.68 -10.85 -25.27
CA VAL H 177 21.48 -11.52 -25.77
C VAL H 177 20.78 -10.55 -26.71
N GLU H 178 20.29 -11.08 -27.84
CA GLU H 178 19.56 -10.28 -28.80
C GLU H 178 18.09 -10.68 -28.77
N VAL H 179 17.21 -9.68 -28.79
CA VAL H 179 15.77 -9.88 -28.72
C VAL H 179 15.12 -9.21 -29.92
N ASN H 180 14.38 -9.98 -30.70
CA ASN H 180 13.67 -9.48 -31.86
C ASN H 180 12.18 -9.69 -31.65
N PHE H 181 11.40 -8.61 -31.71
CA PHE H 181 9.96 -8.70 -31.55
C PHE H 181 9.31 -7.61 -32.39
N THR H 182 8.06 -7.86 -32.78
CA THR H 182 7.32 -6.93 -33.62
C THR H 182 6.82 -5.76 -32.78
N THR H 183 6.87 -4.57 -33.36
CA THR H 183 6.37 -3.38 -32.69
C THR H 183 4.90 -3.14 -33.06
N THR H 184 4.35 -2.02 -32.62
CA THR H 184 2.96 -1.67 -32.91
C THR H 184 2.83 -0.16 -32.80
N PRO H 185 1.94 0.45 -33.60
CA PRO H 185 1.76 1.91 -33.51
C PRO H 185 1.00 2.38 -32.28
N LEU H 186 0.58 1.47 -31.41
CA LEU H 186 -0.15 1.84 -30.20
C LEU H 186 0.76 2.15 -29.02
N GLY H 187 2.06 1.89 -29.15
CA GLY H 187 2.98 2.14 -28.05
C GLY H 187 4.40 2.28 -28.51
N ASN H 188 5.22 2.90 -27.67
CA ASN H 188 6.63 3.10 -27.95
C ASN H 188 7.54 2.83 -26.76
N ARG H 189 7.01 2.44 -25.60
CA ARG H 189 7.81 2.28 -24.39
C ARG H 189 7.74 0.83 -23.91
N TYR H 190 8.90 0.27 -23.61
CA TYR H 190 9.01 -1.12 -23.20
C TYR H 190 10.12 -1.24 -22.17
N MET H 191 10.06 -2.31 -21.40
CA MET H 191 10.99 -2.64 -20.32
C MET H 191 11.86 -3.82 -20.74
N ALA H 192 12.70 -4.29 -19.82
CA ALA H 192 13.52 -5.48 -20.09
C ALA H 192 13.91 -6.13 -18.77
N LEU H 193 13.32 -7.28 -18.48
CA LEU H 193 13.77 -8.16 -17.40
C LEU H 193 13.76 -9.61 -17.86
N ILE H 194 14.84 -10.32 -17.55
CA ILE H 194 14.94 -11.77 -17.67
C ILE H 194 15.10 -12.31 -16.26
N GLN H 195 14.23 -13.24 -15.87
CA GLN H 195 14.16 -13.69 -14.49
C GLN H 195 14.35 -15.21 -14.45
N HIS H 196 15.46 -15.65 -13.87
CA HIS H 196 15.68 -17.06 -13.58
C HIS H 196 15.66 -17.31 -12.07
N SER H 197 16.54 -16.64 -11.33
CA SER H 197 16.48 -16.61 -9.87
C SER H 197 16.33 -15.18 -9.35
N THR H 198 17.15 -14.25 -9.85
CA THR H 198 17.02 -12.83 -9.55
C THR H 198 17.17 -12.04 -10.84
N ILE H 199 17.35 -10.72 -10.73
CA ILE H 199 17.57 -9.90 -11.93
C ILE H 199 18.95 -10.24 -12.50
N ILE H 200 18.98 -10.64 -13.76
CA ILE H 200 20.24 -11.01 -14.42
C ILE H 200 20.61 -10.06 -15.54
N GLY H 201 19.70 -9.22 -16.00
CA GLY H 201 20.01 -8.29 -17.06
C GLY H 201 18.79 -7.48 -17.42
N PHE H 202 19.03 -6.29 -17.95
CA PHE H 202 17.97 -5.36 -18.29
C PHE H 202 18.50 -4.38 -19.33
N SER H 203 17.58 -3.64 -19.94
CA SER H 203 17.93 -2.63 -20.92
C SER H 203 16.77 -1.68 -21.10
N GLN H 204 17.04 -0.54 -21.73
CA GLN H 204 16.05 0.46 -22.07
C GLN H 204 16.15 0.81 -23.54
N VAL H 205 15.00 0.89 -24.21
CA VAL H 205 14.93 1.09 -25.65
C VAL H 205 14.06 2.29 -25.93
N PHE H 206 14.57 3.23 -26.74
CA PHE H 206 13.83 4.41 -27.16
C PHE H 206 13.69 4.39 -28.67
N GLU H 207 12.48 4.15 -29.15
CA GLU H 207 12.19 4.20 -30.58
C GLU H 207 10.71 4.54 -30.76
N GLN H 210 7.63 3.22 -36.51
CA GLN H 210 8.14 3.00 -37.85
C GLN H 210 6.97 2.71 -38.77
N LYS H 211 7.10 3.11 -40.03
CA LYS H 211 6.06 2.83 -41.02
C LYS H 211 5.99 1.34 -41.32
N LYS H 212 7.15 0.70 -41.47
CA LYS H 212 7.17 -0.74 -41.79
C LYS H 212 6.66 -1.57 -40.63
N GLN H 213 6.94 -1.14 -39.38
CA GLN H 213 6.57 -1.89 -38.19
C GLN H 213 7.13 -3.31 -38.21
N THR H 214 8.38 -3.44 -38.65
CA THR H 214 9.06 -4.72 -38.66
C THR H 214 9.51 -5.09 -37.24
N ARG H 215 10.01 -6.31 -37.09
CA ARG H 215 10.49 -6.76 -35.79
C ARG H 215 11.67 -5.92 -35.34
N ALA H 216 11.73 -5.64 -34.04
CA ALA H 216 12.79 -4.82 -33.46
C ALA H 216 14.04 -5.67 -33.26
N SER H 217 15.06 -5.08 -32.64
CA SER H 217 16.30 -5.80 -32.33
C SER H 217 16.96 -5.10 -31.16
N VAL H 218 17.07 -5.80 -30.03
CA VAL H 218 17.52 -5.22 -28.77
C VAL H 218 18.72 -5.99 -28.25
N VAL H 219 19.74 -5.26 -27.83
CA VAL H 219 20.94 -5.84 -27.22
C VAL H 219 20.82 -5.66 -25.71
N ILE H 220 20.72 -6.78 -24.99
CA ILE H 220 20.56 -6.75 -23.54
C ILE H 220 21.71 -7.52 -22.89
N PRO H 221 22.54 -6.87 -22.08
CA PRO H 221 23.57 -7.61 -21.34
C PRO H 221 22.94 -8.50 -20.28
N VAL H 222 23.64 -9.61 -20.00
CA VAL H 222 23.19 -10.59 -19.02
C VAL H 222 24.33 -10.90 -18.07
N THR H 223 24.02 -11.00 -16.78
CA THR H 223 24.99 -11.35 -15.75
C THR H 223 24.85 -12.84 -15.46
N GLU H 227 20.56 -19.41 -19.68
CA GLU H 227 19.79 -20.57 -20.12
C GLU H 227 18.80 -20.99 -19.04
N GLY H 228 17.58 -21.32 -19.47
CA GLY H 228 16.54 -21.73 -18.55
C GLY H 228 15.78 -20.59 -17.92
N ALA H 229 16.11 -19.34 -18.24
CA ALA H 229 15.45 -18.19 -17.65
C ALA H 229 14.14 -17.90 -18.37
N THR H 230 13.52 -16.78 -18.04
CA THR H 230 12.26 -16.35 -18.64
C THR H 230 12.36 -14.88 -19.04
N VAL H 231 11.94 -14.57 -20.26
CA VAL H 231 11.96 -13.21 -20.79
C VAL H 231 10.63 -12.56 -20.49
N GLN H 232 10.66 -11.31 -20.03
CA GLN H 232 9.46 -10.61 -19.62
C GLN H 232 9.46 -9.22 -20.25
N LEU H 233 8.33 -8.80 -20.80
CA LEU H 233 8.20 -7.49 -21.43
C LEU H 233 6.83 -6.90 -21.10
N THR H 234 6.83 -5.63 -20.72
CA THR H 234 5.60 -4.92 -20.36
C THR H 234 5.48 -3.67 -21.22
N PRO H 235 4.58 -3.64 -22.20
CA PRO H 235 4.37 -2.40 -22.96
C PRO H 235 3.84 -1.30 -22.06
N TYR H 236 4.15 -0.05 -22.43
CA TYR H 236 3.67 1.14 -21.75
C TYR H 236 2.89 1.99 -22.75
N PHE H 237 1.55 1.91 -22.67
CA PHE H 237 0.63 2.73 -23.44
C PHE H 237 0.16 3.91 -22.60
N PRO H 238 -0.20 5.03 -23.24
CA PRO H 238 -0.65 6.20 -22.48
C PRO H 238 -1.88 5.94 -21.62
N THR H 239 -2.80 5.10 -22.09
CA THR H 239 -4.06 4.90 -21.38
C THR H 239 -3.89 4.04 -20.13
N CYS H 240 -3.32 2.84 -20.28
CA CYS H 240 -3.21 1.91 -19.16
C CYS H 240 -2.20 2.35 -18.12
N GLY H 241 -1.27 3.23 -18.45
CA GLY H 241 -0.37 3.78 -17.45
C GLY H 241 0.48 2.71 -16.80
N SER H 242 0.36 2.57 -15.48
CA SER H 242 1.12 1.58 -14.73
C SER H 242 0.46 0.22 -14.66
N ASP H 243 -0.82 0.12 -15.06
CA ASP H 243 -1.55 -1.14 -15.06
C ASP H 243 -1.66 -1.76 -16.44
N CYS H 244 -0.63 -1.59 -17.27
CA CYS H 244 -0.67 -2.13 -18.62
C CYS H 244 -0.49 -3.65 -18.60
N ILE H 245 -1.14 -4.32 -19.55
CA ILE H 245 -1.09 -5.77 -19.60
C ILE H 245 0.28 -6.22 -20.11
N ARG H 246 0.90 -7.15 -19.39
CA ARG H 246 2.22 -7.66 -19.72
C ARG H 246 2.15 -9.12 -20.13
N HIS H 247 3.28 -9.65 -20.58
CA HIS H 247 3.35 -10.97 -21.19
C HIS H 247 4.70 -11.63 -20.92
N LYS H 248 4.72 -12.96 -20.99
CA LYS H 248 5.92 -13.74 -20.73
C LYS H 248 6.78 -13.86 -21.99
N GLY H 249 7.81 -14.68 -21.87
CA GLY H 249 8.65 -15.04 -22.99
C GLY H 249 9.40 -16.31 -22.67
N THR H 250 10.24 -16.73 -23.61
CA THR H 250 11.05 -17.93 -23.43
C THR H 250 12.41 -17.69 -24.06
N VAL H 251 13.44 -18.31 -23.49
CA VAL H 251 14.81 -18.16 -23.96
C VAL H 251 15.24 -19.44 -24.67
N VAL H 252 15.87 -19.27 -25.84
CA VAL H 252 16.42 -20.37 -26.61
C VAL H 252 17.88 -20.03 -26.94
N LEU H 253 18.53 -20.95 -27.64
CA LEU H 253 19.94 -20.81 -27.98
C LEU H 253 20.10 -20.73 -29.49
N CYS H 254 20.87 -19.74 -29.95
CA CYS H 254 21.17 -19.58 -31.36
C CYS H 254 22.48 -20.30 -31.66
N LEU I 57 49.64 46.37 -13.08
CA LEU I 57 48.39 46.40 -13.81
C LEU I 57 48.60 46.15 -15.30
N ASN I 58 48.78 47.25 -16.03
CA ASN I 58 48.66 47.23 -17.48
C ASN I 58 49.79 46.48 -18.17
N SER I 59 50.91 46.26 -17.48
CA SER I 59 52.04 45.57 -18.09
C SER I 59 51.79 44.07 -18.26
N ARG I 60 50.71 43.53 -17.69
CA ARG I 60 50.50 42.10 -17.65
C ARG I 60 49.16 41.63 -18.21
N ALA I 61 48.21 42.53 -18.45
CA ALA I 61 46.88 42.10 -18.87
C ALA I 61 46.88 41.55 -20.30
N ILE I 62 45.87 40.73 -20.60
CA ILE I 62 45.71 40.22 -21.96
C ILE I 62 45.40 41.35 -22.92
N SER I 63 44.61 42.32 -22.48
CA SER I 63 44.29 43.47 -23.31
C SER I 63 44.87 44.74 -22.68
N PRO I 64 46.19 44.93 -22.76
CA PRO I 64 46.80 46.06 -22.07
C PRO I 64 46.50 47.37 -22.77
N TRP I 65 46.20 48.39 -21.97
CA TRP I 65 45.89 49.71 -22.50
C TRP I 65 46.78 50.74 -21.85
N ARG I 66 47.27 51.67 -22.66
CA ARG I 66 48.22 52.69 -22.23
C ARG I 66 47.52 54.05 -22.16
N TYR I 67 48.25 55.06 -21.68
CA TYR I 67 47.69 56.38 -21.46
C TYR I 67 48.46 57.40 -22.28
N GLU I 68 47.74 58.38 -22.82
CA GLU I 68 48.30 59.53 -23.51
C GLU I 68 47.80 60.82 -22.89
N LEU I 69 48.45 61.92 -23.27
CA LEU I 69 48.16 63.23 -22.74
C LEU I 69 46.82 63.74 -23.24
N ASP I 70 46.13 64.48 -22.38
CA ASP I 70 44.95 65.28 -22.73
C ASP I 70 45.19 66.58 -21.99
N ARG I 71 45.09 67.72 -22.66
CA ARG I 71 45.55 68.97 -22.07
C ARG I 71 44.71 70.14 -22.55
N ASP I 72 44.41 71.06 -21.63
CA ASP I 72 43.66 72.26 -21.94
C ASP I 72 43.73 73.24 -20.76
N LEU I 73 43.92 74.51 -21.08
CA LEU I 73 44.09 75.57 -20.10
C LEU I 73 42.80 75.96 -19.40
N ASN I 74 41.71 75.22 -19.60
CA ASN I 74 40.43 75.68 -19.10
C ASN I 74 39.59 74.57 -18.47
N ARG I 75 40.21 73.53 -17.93
CA ARG I 75 39.46 72.45 -17.32
C ARG I 75 39.91 72.18 -15.90
N LEU I 76 38.95 71.85 -15.05
CA LEU I 76 39.21 71.32 -13.71
C LEU I 76 38.57 69.94 -13.63
N PRO I 77 39.35 68.85 -13.51
CA PRO I 77 40.80 68.82 -13.30
C PRO I 77 41.60 69.16 -14.54
N GLN I 78 42.76 69.77 -14.31
CA GLN I 78 43.59 70.25 -15.42
C GLN I 78 44.09 69.10 -16.28
N ASP I 79 44.19 67.91 -15.72
CA ASP I 79 44.87 66.80 -16.37
C ASP I 79 43.89 65.63 -16.49
N LEU I 80 43.98 64.90 -17.59
CA LEU I 80 43.24 63.68 -17.84
C LEU I 80 44.05 62.84 -18.80
N TYR I 81 43.75 61.55 -18.87
CA TYR I 81 44.41 60.65 -19.80
C TYR I 81 43.38 59.74 -20.44
N HIS I 82 43.64 59.34 -21.68
CA HIS I 82 42.76 58.45 -22.42
C HIS I 82 43.44 57.10 -22.63
N ALA I 83 42.68 56.12 -23.09
CA ALA I 83 43.21 54.78 -23.28
C ALA I 83 43.20 54.43 -24.76
N ARG I 84 44.39 54.29 -25.34
CA ARG I 84 44.55 53.87 -26.74
C ARG I 84 45.49 52.67 -26.73
N CYS I 85 44.92 51.48 -26.53
CA CYS I 85 45.74 50.28 -26.43
C CYS I 85 46.32 49.91 -27.78
N LEU I 86 47.59 49.53 -27.78
CA LEU I 86 48.35 49.32 -29.00
C LEU I 86 48.04 48.00 -29.67
N CYS I 87 47.31 47.11 -29.01
CA CYS I 87 46.99 45.81 -29.57
C CYS I 87 45.56 45.82 -30.10
N PRO I 88 45.36 45.68 -31.41
CA PRO I 88 44.01 45.40 -31.94
C PRO I 88 43.60 43.94 -31.83
N HIS I 89 44.56 43.06 -31.59
CA HIS I 89 44.33 41.65 -31.31
C HIS I 89 45.10 41.28 -30.05
N CYS I 90 44.57 40.32 -29.31
CA CYS I 90 45.07 40.04 -27.98
C CYS I 90 46.39 39.28 -28.01
N VAL I 91 47.17 39.41 -26.93
CA VAL I 91 48.55 38.95 -26.90
C VAL I 91 48.60 37.47 -26.54
N SER I 92 49.74 36.84 -26.83
CA SER I 92 49.96 35.44 -26.47
C SER I 92 50.01 35.27 -24.96
N LEU I 93 49.59 34.08 -24.49
CA LEU I 93 49.63 33.75 -23.08
C LEU I 93 50.78 32.82 -22.70
N GLN I 94 51.12 31.85 -23.56
CA GLN I 94 52.21 30.93 -23.26
C GLN I 94 53.58 31.56 -23.44
N THR I 95 53.69 32.63 -24.21
CA THR I 95 54.95 33.33 -24.42
C THR I 95 54.92 34.77 -23.94
N GLY I 96 53.79 35.47 -24.12
CA GLY I 96 53.66 36.83 -23.67
C GLY I 96 54.09 37.88 -24.65
N SER I 97 54.78 37.50 -25.72
CA SER I 97 55.23 38.45 -26.74
C SER I 97 54.65 38.18 -28.11
N HIS I 98 54.19 36.96 -28.37
CA HIS I 98 53.66 36.62 -29.69
C HIS I 98 52.36 37.37 -29.96
N MET I 99 52.23 37.86 -31.18
CA MET I 99 51.09 38.67 -31.61
C MET I 99 50.03 37.71 -32.15
N ASP I 100 48.99 37.46 -31.34
CA ASP I 100 47.95 36.53 -31.73
C ASP I 100 46.79 37.28 -32.35
N PRO I 101 46.51 37.10 -33.65
CA PRO I 101 45.34 37.72 -34.27
C PRO I 101 44.02 36.99 -34.01
N ARG I 102 44.07 35.76 -33.48
CA ARG I 102 42.88 34.93 -33.31
C ARG I 102 41.95 35.47 -32.22
N GLY I 103 42.38 36.49 -31.48
CA GLY I 103 41.49 37.22 -30.61
C GLY I 103 41.55 38.68 -30.98
N ASN I 104 40.78 39.50 -30.24
CA ASN I 104 40.80 40.94 -30.42
C ASN I 104 40.16 41.63 -29.22
N SER I 105 40.39 42.93 -29.13
CA SER I 105 39.95 43.74 -28.00
C SER I 105 39.14 44.93 -28.49
N GLU I 106 38.55 45.67 -27.54
CA GLU I 106 37.70 46.80 -27.89
C GLU I 106 37.60 47.76 -26.71
N LEU I 107 36.87 48.85 -26.89
CA LEU I 107 36.95 50.01 -25.99
C LEU I 107 35.79 50.09 -25.02
N LEU I 108 36.07 50.60 -23.82
CA LEU I 108 35.08 50.88 -22.80
C LEU I 108 35.11 52.37 -22.49
N TYR I 109 34.04 52.88 -21.89
CA TYR I 109 33.93 54.30 -21.61
C TYR I 109 33.10 54.56 -20.35
N HIS I 110 33.15 55.79 -19.86
CA HIS I 110 32.25 56.25 -18.81
C HIS I 110 32.22 57.76 -18.81
N ASN I 111 31.39 58.32 -17.93
CA ASN I 111 31.30 59.77 -17.76
C ASN I 111 32.00 60.17 -16.47
N GLN I 112 33.04 60.99 -16.60
CA GLN I 112 33.89 61.39 -15.48
C GLN I 112 33.63 62.84 -15.10
N THR I 113 34.01 63.18 -13.87
CA THR I 113 33.84 64.53 -13.34
C THR I 113 34.85 65.47 -13.99
N VAL I 114 34.40 66.68 -14.34
CA VAL I 114 35.27 67.71 -14.90
C VAL I 114 34.55 69.06 -14.83
N PHE I 115 35.34 70.11 -14.64
CA PHE I 115 34.81 71.48 -14.61
C PHE I 115 35.56 72.33 -15.62
N TYR I 116 34.81 73.09 -16.42
CA TYR I 116 35.37 74.09 -17.32
C TYR I 116 35.05 75.47 -16.78
N ARG I 117 35.45 76.49 -17.55
CA ARG I 117 35.10 77.86 -17.22
C ARG I 117 34.62 78.57 -18.47
N ARG I 118 33.78 79.58 -18.28
CA ARG I 118 33.23 80.36 -19.38
C ARG I 118 32.85 81.73 -18.84
N PRO I 119 33.16 82.81 -19.56
CA PRO I 119 32.83 84.15 -19.06
C PRO I 119 31.33 84.33 -18.91
N CYS I 120 30.95 85.09 -17.89
CA CYS I 120 29.53 85.32 -17.61
C CYS I 120 28.86 86.06 -18.75
N HIS I 121 27.65 85.61 -19.10
CA HIS I 121 26.90 86.26 -20.18
C HIS I 121 26.50 87.67 -19.80
N GLY I 122 26.12 87.88 -18.53
CA GLY I 122 25.71 89.19 -18.07
C GLY I 122 26.80 90.24 -18.20
N GLU I 123 26.46 91.38 -18.78
CA GLU I 123 27.43 92.45 -19.02
C GLU I 123 27.59 93.29 -17.74
N LYS I 124 28.27 92.68 -16.77
CA LYS I 124 28.53 93.37 -15.50
C LYS I 124 29.43 94.58 -15.73
N GLY I 125 30.49 94.42 -16.50
CA GLY I 125 31.42 95.50 -16.78
C GLY I 125 32.50 95.70 -15.73
N THR I 126 32.34 95.10 -14.55
CA THR I 126 33.37 95.23 -13.52
C THR I 126 34.56 94.32 -13.81
N HIS I 127 34.29 93.11 -14.29
CA HIS I 127 35.34 92.12 -14.54
C HIS I 127 34.80 91.10 -15.52
N LYS I 128 35.71 90.27 -16.05
CA LYS I 128 35.29 89.19 -16.93
C LYS I 128 34.39 88.19 -16.21
N GLY I 129 34.55 88.05 -14.89
CA GLY I 129 33.72 87.15 -14.12
C GLY I 129 34.18 85.71 -14.24
N TYR I 130 33.40 84.84 -13.60
CA TYR I 130 33.68 83.41 -13.60
C TYR I 130 32.37 82.64 -13.52
N CYS I 131 32.38 81.44 -14.10
CA CYS I 131 31.21 80.57 -14.06
C CYS I 131 31.69 79.12 -14.00
N LEU I 132 31.02 78.33 -13.16
CA LEU I 132 31.37 76.93 -12.98
C LEU I 132 30.70 76.12 -14.09
N GLU I 133 31.43 75.91 -15.18
CA GLU I 133 30.92 75.20 -16.35
C GLU I 133 30.95 73.70 -16.04
N ARG I 134 29.77 73.14 -15.80
CA ARG I 134 29.61 71.79 -15.26
C ARG I 134 28.70 70.95 -16.15
N ARG I 135 29.33 70.14 -17.01
CA ARG I 135 28.68 68.99 -17.62
C ARG I 135 29.66 67.82 -17.55
N LEU I 136 29.18 66.63 -17.86
CA LEU I 136 30.02 65.45 -17.87
C LEU I 136 30.87 65.43 -19.13
N TYR I 137 31.87 64.57 -19.13
CA TYR I 137 32.79 64.45 -20.27
C TYR I 137 33.24 63.01 -20.36
N ARG I 138 33.57 62.60 -21.58
CA ARG I 138 33.82 61.20 -21.92
C ARG I 138 35.30 60.89 -21.75
N VAL I 139 35.61 59.64 -21.45
CA VAL I 139 37.00 59.21 -21.37
C VAL I 139 37.08 57.70 -21.44
N SER I 140 38.16 57.21 -22.04
CA SER I 140 38.43 55.79 -22.14
C SER I 140 38.98 55.25 -20.82
N LEU I 141 38.68 53.99 -20.54
CA LEU I 141 39.13 53.32 -19.32
C LEU I 141 40.06 52.14 -19.61
N ALA I 142 39.64 51.21 -20.45
CA ALA I 142 40.42 50.02 -20.65
C ALA I 142 39.97 49.30 -21.92
N CYS I 143 40.86 48.49 -22.46
CA CYS I 143 40.56 47.57 -23.55
C CYS I 143 40.31 46.19 -22.97
N VAL I 144 39.31 45.49 -23.50
CA VAL I 144 38.96 44.16 -23.05
C VAL I 144 38.91 43.21 -24.24
N CYS I 145 39.45 42.01 -24.06
CA CYS I 145 39.54 41.03 -25.13
C CYS I 145 38.20 40.34 -25.31
N VAL I 146 37.76 40.18 -26.55
CA VAL I 146 36.40 39.76 -26.85
C VAL I 146 36.41 38.69 -27.94
N ARG I 147 35.49 37.74 -27.84
CA ARG I 147 35.28 36.77 -28.91
C ARG I 147 34.62 37.46 -30.10
N PRO I 148 35.13 37.25 -31.31
CA PRO I 148 34.52 37.90 -32.48
C PRO I 148 33.19 37.25 -32.86
N ARG I 149 32.40 37.95 -33.67
CA ARG I 149 31.10 37.46 -34.14
C ARG I 149 31.32 36.83 -35.51
N VAL I 150 30.82 35.61 -35.67
CA VAL I 150 31.06 34.86 -36.90
C VAL I 150 29.83 34.90 -37.80
N MET I 151 30.07 34.89 -39.11
CA MET I 151 29.01 34.81 -40.11
C MET I 151 29.29 33.63 -41.03
N GLY I 152 28.25 32.86 -41.33
CA GLY I 152 28.39 31.70 -42.19
C GLY I 152 27.68 30.47 -41.66
N GLU J 2 65.97 85.09 3.53
CA GLU J 2 66.01 83.72 3.03
C GLU J 2 64.62 83.10 3.02
N PRO J 3 63.96 83.15 1.86
CA PRO J 3 62.61 82.59 1.77
C PRO J 3 62.58 81.09 2.04
N THR J 4 61.52 80.65 2.71
CA THR J 4 61.24 79.25 2.97
C THR J 4 59.81 78.94 2.56
N VAL J 5 59.35 77.74 2.89
CA VAL J 5 58.03 77.26 2.46
C VAL J 5 57.37 76.51 3.62
N GLN J 6 56.05 76.72 3.76
CA GLN J 6 55.23 75.95 4.68
C GLN J 6 54.05 75.39 3.90
N CYS J 7 53.69 74.13 4.17
CA CYS J 7 52.69 73.45 3.36
C CYS J 7 51.66 72.69 4.19
N GLY J 8 50.44 72.64 3.65
CA GLY J 8 49.39 71.80 4.21
C GLY J 8 48.45 71.36 3.10
N SER J 9 47.97 70.13 3.22
CA SER J 9 47.18 69.51 2.17
C SER J 9 45.83 70.20 2.02
N GLU J 10 45.27 70.10 0.80
CA GLU J 10 43.99 70.74 0.49
C GLU J 10 43.48 70.20 -0.84
N THR J 11 42.17 70.32 -1.05
CA THR J 11 41.54 70.01 -2.33
C THR J 11 40.45 71.05 -2.61
N GLY J 12 40.18 71.28 -3.89
CA GLY J 12 39.11 72.17 -4.27
C GLY J 12 39.52 73.27 -5.24
N PRO J 13 38.73 74.33 -5.30
CA PRO J 13 38.98 75.41 -6.25
C PRO J 13 39.97 76.45 -5.73
N SER J 14 40.81 76.93 -6.65
CA SER J 14 41.79 77.97 -6.32
C SER J 14 41.15 79.35 -6.44
N PRO J 15 41.17 80.16 -5.38
CA PRO J 15 40.56 81.49 -5.46
C PRO J 15 41.18 82.41 -6.50
N GLU J 16 42.46 82.23 -6.85
CA GLU J 16 43.11 83.11 -7.81
C GLU J 16 42.55 82.99 -9.22
N TRP J 17 41.84 81.90 -9.53
CA TRP J 17 41.41 81.62 -10.88
C TRP J 17 40.39 82.62 -11.41
N MET J 18 39.54 83.20 -10.57
CA MET J 18 38.45 84.03 -11.03
C MET J 18 38.80 85.51 -11.16
N LEU J 19 40.06 85.88 -10.91
CA LEU J 19 40.49 87.27 -11.07
C LEU J 19 41.58 87.33 -12.13
N GLN J 20 41.51 88.36 -12.98
CA GLN J 20 42.47 88.53 -14.07
C GLN J 20 43.60 89.42 -13.60
N HIS J 21 44.84 88.95 -13.78
CA HIS J 21 46.03 89.66 -13.37
C HIS J 21 46.73 90.24 -14.57
N ASP J 22 47.24 91.47 -14.42
CA ASP J 22 47.89 92.16 -15.54
C ASP J 22 49.16 91.44 -15.98
N LEU J 23 49.97 91.00 -15.02
CA LEU J 23 51.26 90.37 -15.31
C LEU J 23 51.29 88.98 -14.71
N ILE J 24 52.01 88.07 -15.37
CA ILE J 24 52.13 86.69 -14.90
C ILE J 24 53.60 86.37 -14.71
N PRO J 25 53.95 85.47 -13.80
CA PRO J 25 55.36 85.13 -13.58
C PRO J 25 55.88 84.19 -14.66
N GLY J 26 57.15 83.82 -14.51
CA GLY J 26 57.79 82.92 -15.43
C GLY J 26 57.39 81.47 -15.20
N ASP J 27 57.94 80.61 -16.04
CA ASP J 27 57.66 79.18 -15.97
C ASP J 27 58.53 78.55 -14.90
N LEU J 28 58.54 77.22 -14.85
CA LEU J 28 59.42 76.48 -13.95
C LEU J 28 60.64 76.02 -14.76
N ARG J 29 61.83 76.45 -14.34
CA ARG J 29 63.03 76.15 -15.10
C ARG J 29 63.33 74.66 -15.13
N ASP J 30 63.20 73.99 -13.99
CA ASP J 30 63.49 72.57 -13.92
C ASP J 30 62.75 71.98 -12.74
N LEU J 31 62.66 70.65 -12.72
CA LEU J 31 61.96 69.91 -11.69
C LEU J 31 62.65 68.56 -11.53
N ARG J 32 62.61 68.02 -10.32
CA ARG J 32 63.09 66.66 -10.08
C ARG J 32 62.42 66.14 -8.82
N VAL J 33 61.90 64.92 -8.90
CA VAL J 33 61.11 64.35 -7.81
C VAL J 33 61.83 63.11 -7.29
N GLU J 34 61.88 62.96 -5.97
CA GLU J 34 62.67 61.89 -5.40
C GLU J 34 61.84 61.07 -4.42
N PRO J 35 62.09 59.77 -4.37
CA PRO J 35 61.50 58.93 -3.32
C PRO J 35 62.42 58.80 -2.12
N VAL J 36 61.80 58.68 -0.95
CA VAL J 36 62.53 58.46 0.29
C VAL J 36 61.91 57.29 1.04
N THR J 37 62.76 56.54 1.74
CA THR J 37 62.36 55.40 2.54
C THR J 37 62.56 55.73 4.01
N THR J 38 61.50 55.62 4.80
CA THR J 38 61.54 55.99 6.20
C THR J 38 62.03 54.82 7.05
N SER J 39 62.44 55.15 8.27
CA SER J 39 62.89 54.14 9.21
C SER J 39 61.71 53.36 9.76
N VAL J 40 62.02 52.26 10.44
CA VAL J 40 60.99 51.42 11.03
C VAL J 40 61.38 51.03 12.44
N TYR J 45 57.03 51.83 8.81
CA TYR J 45 57.89 51.64 7.64
C TYR J 45 57.18 52.10 6.37
N SER J 46 57.08 53.41 6.19
CA SER J 46 56.38 54.01 5.06
C SER J 46 57.39 54.54 4.04
N ILE J 47 56.90 54.74 2.83
CA ILE J 47 57.69 55.27 1.72
C ILE J 47 57.09 56.61 1.32
N LEU J 48 57.94 57.62 1.20
CA LEU J 48 57.48 58.98 0.90
C LEU J 48 58.21 59.53 -0.31
N MET J 49 57.70 60.66 -0.80
CA MET J 49 58.23 61.32 -1.98
C MET J 49 58.69 62.73 -1.64
N ASN J 50 59.86 63.09 -2.16
CA ASN J 50 60.35 64.46 -2.12
C ASN J 50 60.26 65.04 -3.53
N VAL J 51 59.87 66.31 -3.63
CA VAL J 51 59.76 66.99 -4.92
C VAL J 51 60.63 68.23 -4.87
N SER J 52 61.42 68.44 -5.92
CA SER J 52 62.36 69.55 -6.00
C SER J 52 62.28 70.21 -7.38
N TRP J 53 62.19 71.53 -7.39
CA TRP J 53 62.04 72.29 -8.61
C TRP J 53 63.01 73.46 -8.63
N VAL J 54 63.51 73.77 -9.83
CA VAL J 54 64.50 74.82 -10.03
C VAL J 54 63.80 76.02 -10.67
N LEU J 55 64.06 77.21 -10.13
CA LEU J 55 63.30 78.40 -10.46
C LEU J 55 64.03 79.23 -11.50
N ARG J 56 63.24 79.90 -12.36
CA ARG J 56 63.81 80.64 -13.48
C ARG J 56 64.51 81.91 -13.01
N ALA J 59 64.71 87.30 -14.89
CA ALA J 59 63.73 88.33 -14.56
C ALA J 59 62.36 87.75 -14.22
N SER J 60 62.22 86.43 -14.33
CA SER J 60 60.97 85.77 -14.00
C SER J 60 60.69 85.72 -12.51
N ILE J 61 61.67 86.13 -11.69
CA ILE J 61 61.54 86.06 -10.24
C ILE J 61 60.84 87.28 -9.66
N ARG J 62 60.27 88.13 -10.51
CA ARG J 62 59.64 89.36 -10.04
C ARG J 62 58.55 89.10 -9.00
N LEU J 63 57.60 88.23 -9.31
CA LEU J 63 56.51 87.93 -8.39
C LEU J 63 56.31 86.42 -8.35
N LEU J 64 56.17 85.86 -7.15
CA LEU J 64 55.87 84.45 -6.98
C LEU J 64 55.30 84.23 -5.59
N LYS J 65 54.32 83.35 -5.49
CA LYS J 65 53.65 83.08 -4.22
C LYS J 65 53.65 81.60 -3.85
N ALA J 66 53.56 80.71 -4.83
CA ALA J 66 53.46 79.28 -4.54
C ALA J 66 53.98 78.49 -5.74
N THR J 67 54.10 77.18 -5.55
CA THR J 67 54.54 76.28 -6.62
C THR J 67 53.59 75.08 -6.61
N LYS J 68 52.57 75.13 -7.47
CA LYS J 68 51.57 74.07 -7.46
C LYS J 68 52.03 72.89 -8.31
N ILE J 69 52.61 71.91 -7.63
CA ILE J 69 53.07 70.67 -8.25
C ILE J 69 52.32 69.52 -7.60
N CYS J 70 51.72 68.66 -8.41
CA CYS J 70 51.01 67.51 -7.87
C CYS J 70 50.74 66.45 -8.94
N VAL J 71 49.96 65.45 -8.55
CA VAL J 71 49.97 64.14 -9.18
C VAL J 71 48.56 63.58 -9.22
N THR J 72 48.28 62.75 -10.23
CA THR J 72 47.11 61.88 -10.26
C THR J 72 47.60 60.44 -10.31
N GLY J 73 46.94 59.57 -9.57
CA GLY J 73 47.33 58.16 -9.50
C GLY J 73 46.33 57.28 -10.21
N LYS J 74 46.83 56.39 -11.05
CA LYS J 74 46.00 55.43 -11.77
C LYS J 74 46.38 54.05 -11.27
N SER J 75 45.45 53.44 -10.54
CA SER J 75 45.54 52.10 -10.00
C SER J 75 44.29 51.34 -10.39
N ASN J 76 44.06 50.22 -9.72
CA ASN J 76 42.69 49.70 -9.65
C ASN J 76 41.74 50.86 -9.39
N PHE J 77 42.15 51.77 -8.50
CA PHE J 77 41.44 53.00 -8.25
C PHE J 77 42.05 54.14 -9.06
N GLN J 78 41.50 55.33 -8.91
CA GLN J 78 42.07 56.53 -9.49
C GLN J 78 42.17 57.61 -8.42
N SER J 79 43.40 57.89 -8.00
CA SER J 79 43.63 58.81 -6.90
C SER J 79 44.14 60.13 -7.44
N TYR J 80 43.44 61.20 -7.04
CA TYR J 80 43.90 62.55 -7.37
C TYR J 80 43.52 63.46 -6.22
N SER J 81 44.48 63.71 -5.33
CA SER J 81 44.35 64.67 -4.24
C SER J 81 45.73 65.23 -3.95
N CYS J 82 45.87 66.53 -4.15
CA CYS J 82 47.20 67.13 -4.21
C CYS J 82 47.19 68.55 -3.65
N VAL J 83 48.39 69.05 -3.36
CA VAL J 83 48.61 70.10 -2.37
C VAL J 83 49.14 71.36 -3.05
N ARG J 84 48.81 72.51 -2.48
CA ARG J 84 49.38 73.82 -2.80
C ARG J 84 49.75 74.50 -1.50
N CYS J 85 50.80 75.32 -1.51
CA CYS J 85 51.26 75.91 -0.26
C CYS J 85 52.07 77.16 -0.50
N ASN J 86 52.24 77.96 0.56
CA ASN J 86 52.73 79.32 0.48
C ASN J 86 54.23 79.41 0.76
N TYR J 87 54.84 80.53 0.37
CA TYR J 87 56.21 80.89 0.72
C TYR J 87 56.19 81.99 1.77
N THR J 88 57.24 82.05 2.59
CA THR J 88 57.28 83.00 3.69
C THR J 88 57.87 84.35 3.31
N GLU J 89 58.65 84.44 2.23
CA GLU J 89 59.30 85.68 1.83
C GLU J 89 59.12 85.93 0.35
N ALA J 90 59.12 87.21 -0.02
CA ALA J 90 59.13 87.61 -1.42
C ALA J 90 60.58 87.64 -1.92
N PHE J 91 60.79 87.24 -3.16
CA PHE J 91 62.14 87.17 -3.71
C PHE J 91 62.74 88.57 -3.86
N GLN J 92 64.02 88.68 -3.51
CA GLN J 92 64.74 89.94 -3.62
C GLN J 92 65.86 89.94 -4.63
N THR J 93 66.39 88.77 -5.00
CA THR J 93 67.47 88.66 -5.95
C THR J 93 67.01 87.82 -7.14
N GLN J 94 67.86 87.77 -8.17
CA GLN J 94 67.63 86.88 -9.30
C GLN J 94 68.20 85.49 -9.08
N THR J 95 69.27 85.38 -8.30
CA THR J 95 69.90 84.10 -8.00
C THR J 95 70.27 84.07 -6.52
N ARG J 96 70.72 82.92 -6.06
CA ARG J 96 71.15 82.79 -4.68
C ARG J 96 72.46 83.54 -4.47
N PRO J 97 72.51 84.47 -3.52
CA PRO J 97 73.78 85.19 -3.27
C PRO J 97 74.92 84.26 -2.86
N SER J 98 74.62 83.20 -2.11
CA SER J 98 75.68 82.34 -1.58
C SER J 98 76.39 81.57 -2.68
N GLY J 99 75.64 81.05 -3.66
CA GLY J 99 76.22 80.22 -4.69
C GLY J 99 75.37 79.01 -5.00
N GLY J 100 75.18 78.72 -6.28
CA GLY J 100 74.23 77.70 -6.68
C GLY J 100 72.85 78.26 -6.91
N LYS J 101 72.03 77.48 -7.60
CA LYS J 101 70.68 77.89 -7.96
C LYS J 101 69.71 77.61 -6.82
N TRP J 102 68.53 78.23 -6.90
CA TRP J 102 67.48 77.99 -5.93
C TRP J 102 67.04 76.53 -5.98
N THR J 103 66.85 75.94 -4.81
CA THR J 103 66.45 74.55 -4.70
C THR J 103 65.53 74.38 -3.49
N PHE J 104 64.46 73.62 -3.67
CA PHE J 104 63.48 73.38 -2.62
C PHE J 104 63.27 71.88 -2.46
N SER J 105 62.45 71.52 -1.49
CA SER J 105 62.08 70.13 -1.26
C SER J 105 60.76 70.09 -0.49
N TYR J 106 59.99 69.03 -0.70
CA TYR J 106 58.75 68.87 0.03
C TYR J 106 58.35 67.40 0.04
N ILE J 107 57.81 66.95 1.18
CA ILE J 107 57.44 65.57 1.39
C ILE J 107 56.03 65.53 1.98
N GLY J 108 55.36 64.40 1.83
CA GLY J 108 54.06 64.22 2.45
C GLY J 108 53.04 63.40 1.69
N PHE J 109 53.35 63.01 0.46
CA PHE J 109 52.40 62.27 -0.35
C PHE J 109 52.48 60.78 -0.03
N PRO J 110 51.39 60.15 0.39
CA PRO J 110 51.42 58.70 0.62
C PRO J 110 51.77 57.94 -0.65
N VAL J 111 52.50 56.86 -0.48
CA VAL J 111 53.02 56.07 -1.60
C VAL J 111 52.71 54.60 -1.35
N GLU J 112 52.27 53.90 -2.40
CA GLU J 112 52.08 52.46 -2.33
C GLU J 112 52.61 51.80 -3.60
N LEU J 113 52.31 50.52 -3.74
CA LEU J 113 53.07 49.62 -4.60
C LEU J 113 52.38 49.37 -5.93
N ASN J 114 53.18 49.02 -6.95
CA ASN J 114 52.68 48.50 -8.22
C ASN J 114 51.78 49.50 -8.95
N THR J 115 52.07 50.79 -8.79
CA THR J 115 51.30 51.85 -9.45
C THR J 115 52.22 52.95 -9.92
N VAL J 116 51.78 53.70 -10.93
CA VAL J 116 52.57 54.78 -11.49
C VAL J 116 51.92 56.11 -11.10
N TYR J 117 52.76 57.09 -10.78
CA TYR J 117 52.31 58.41 -10.37
C TYR J 117 52.72 59.44 -11.41
N PHE J 118 51.76 60.27 -11.81
CA PHE J 118 51.96 61.25 -12.86
C PHE J 118 52.04 62.63 -12.25
N ILE J 119 53.25 63.05 -11.90
CA ILE J 119 53.46 64.27 -11.11
C ILE J 119 53.68 65.43 -12.06
N GLY J 120 52.84 66.44 -11.95
CA GLY J 120 52.87 67.56 -12.87
C GLY J 120 53.02 68.87 -12.12
N ALA J 121 53.65 69.83 -12.80
CA ALA J 121 54.00 71.10 -12.18
C ALA J 121 53.49 72.24 -13.04
N HIS J 122 52.92 73.24 -12.38
CA HIS J 122 52.54 74.48 -13.02
C HIS J 122 52.58 75.59 -11.99
N ASN J 123 53.00 76.78 -12.43
CA ASN J 123 53.14 77.93 -11.55
C ASN J 123 51.85 78.76 -11.57
N ILE J 124 51.73 79.64 -10.57
CA ILE J 124 50.57 80.49 -10.41
C ILE J 124 51.05 81.93 -10.34
N PRO J 125 50.22 82.92 -10.70
CA PRO J 125 48.88 82.80 -11.28
C PRO J 125 48.90 82.18 -12.67
N ASN J 126 47.81 81.51 -13.05
CA ASN J 126 47.73 80.85 -14.34
C ASN J 126 47.48 81.88 -15.45
N ALA J 127 47.81 81.47 -16.68
CA ALA J 127 47.62 82.34 -17.83
C ALA J 127 46.14 82.58 -18.09
N ASN J 128 45.85 83.69 -18.75
CA ASN J 128 44.48 84.04 -19.11
C ASN J 128 44.08 83.25 -20.35
N MET J 129 42.98 83.66 -20.98
CA MET J 129 42.51 82.96 -22.17
C MET J 129 43.49 83.08 -23.32
N ASN J 130 43.73 81.94 -23.99
CA ASN J 130 44.43 81.87 -25.28
C ASN J 130 45.85 82.42 -25.18
N GLU J 131 46.67 81.73 -24.40
CA GLU J 131 48.13 81.93 -24.41
C GLU J 131 48.81 80.57 -24.37
N ASP J 132 50.13 80.60 -24.22
CA ASP J 132 50.92 79.38 -24.23
C ASP J 132 50.72 78.59 -22.94
N GLY J 133 50.80 77.27 -23.05
CA GLY J 133 50.70 76.39 -21.92
C GLY J 133 51.98 76.34 -21.11
N PRO J 134 51.89 76.68 -19.82
CA PRO J 134 53.07 76.75 -18.96
C PRO J 134 53.39 75.49 -18.18
N SER J 135 52.49 74.50 -18.16
CA SER J 135 52.67 73.36 -17.28
C SER J 135 53.75 72.42 -17.81
N MET J 136 54.22 71.55 -16.91
CA MET J 136 55.16 70.49 -17.27
C MET J 136 55.03 69.38 -16.25
N SER J 137 55.08 68.14 -16.71
CA SER J 137 54.81 66.99 -15.86
C SER J 137 55.88 65.94 -16.02
N VAL J 138 56.14 65.23 -14.92
CA VAL J 138 57.06 64.09 -14.92
C VAL J 138 56.34 62.90 -14.33
N ASN J 139 56.34 61.79 -15.06
CA ASN J 139 55.76 60.55 -14.61
C ASN J 139 56.79 59.74 -13.82
N PHE J 140 56.29 58.88 -12.93
CA PHE J 140 57.15 58.09 -12.07
C PHE J 140 56.53 56.72 -11.87
N THR J 141 57.36 55.75 -11.52
CA THR J 141 56.93 54.37 -11.37
C THR J 141 57.50 53.77 -10.10
N SER J 142 56.65 53.02 -9.36
CA SER J 142 56.84 52.22 -8.17
C SER J 142 57.37 50.84 -8.52
N PRO J 143 58.04 50.16 -7.61
CA PRO J 143 58.38 48.75 -7.81
C PRO J 143 57.22 47.84 -7.43
N GLY J 144 57.51 46.54 -7.42
CA GLY J 144 56.54 45.53 -7.05
C GLY J 144 56.80 44.93 -5.69
N CYS J 145 56.19 43.77 -5.43
CA CYS J 145 56.45 43.00 -4.22
C CYS J 145 57.31 41.79 -4.54
N LEU J 146 57.92 41.80 -5.73
CA LEU J 146 58.84 40.74 -6.14
C LEU J 146 60.29 41.12 -5.85
N ASP J 147 60.53 42.27 -5.23
CA ASP J 147 61.87 42.72 -4.87
C ASP J 147 62.09 42.52 -3.37
N HIS J 148 63.28 42.04 -3.04
CA HIS J 148 63.60 41.70 -1.65
C HIS J 148 63.51 42.91 -0.72
N ILE J 149 63.71 44.11 -1.25
CA ILE J 149 63.88 45.28 -0.39
C ILE J 149 62.59 45.61 0.36
N MET J 150 61.43 45.36 -0.24
CA MET J 150 60.18 45.88 0.31
C MET J 150 59.18 44.75 0.58
N LYS J 151 59.66 43.53 0.78
CA LYS J 151 58.78 42.41 1.08
C LYS J 151 58.14 42.52 2.45
N TYR J 152 58.60 43.44 3.29
CA TYR J 152 58.21 43.46 4.70
C TYR J 152 56.94 44.25 4.97
N LYS J 153 56.27 44.75 3.93
CA LYS J 153 54.98 45.38 4.15
C LYS J 153 53.95 44.32 4.50
N LYS J 154 53.09 44.63 5.47
CA LYS J 154 52.27 43.62 6.12
C LYS J 154 51.20 43.04 5.18
N LYS J 155 50.59 43.86 4.34
CA LYS J 155 49.54 43.36 3.47
C LYS J 155 50.10 42.31 2.51
N CYS J 156 51.25 42.60 1.89
CA CYS J 156 51.91 41.59 1.07
C CYS J 156 52.36 40.38 1.88
N VAL J 157 52.58 40.56 3.19
CA VAL J 157 52.83 39.42 4.05
C VAL J 157 51.59 38.54 4.13
N LYS J 158 50.40 39.14 4.24
CA LYS J 158 49.19 38.33 4.15
C LYS J 158 49.00 37.74 2.75
N ALA J 159 49.76 38.22 1.78
CA ALA J 159 49.74 37.61 0.45
C ALA J 159 50.65 36.39 0.36
N GLY J 160 51.33 36.03 1.44
CA GLY J 160 52.20 34.87 1.43
C GLY J 160 53.59 35.20 0.94
N SER J 161 54.13 36.33 1.41
CA SER J 161 55.44 36.79 0.95
C SER J 161 56.56 35.92 1.50
N LEU J 162 56.42 35.42 2.73
CA LEU J 162 57.50 34.70 3.39
C LEU J 162 57.30 33.19 3.42
N TRP J 163 56.10 32.71 3.12
CA TRP J 163 55.85 31.28 3.06
C TRP J 163 56.75 30.64 2.00
N ASP J 164 57.47 29.60 2.41
CA ASP J 164 58.16 28.74 1.45
C ASP J 164 57.48 27.39 1.43
N PRO J 165 56.67 27.08 0.42
CA PRO J 165 56.00 25.78 0.39
C PRO J 165 56.95 24.61 0.29
N ASN J 166 58.18 24.85 -0.17
CA ASN J 166 59.20 23.82 -0.31
C ASN J 166 58.70 22.68 -1.20
N ILE J 167 58.40 23.02 -2.45
CA ILE J 167 57.88 22.04 -3.39
C ILE J 167 59.01 21.15 -3.88
N THR J 168 58.88 19.86 -3.66
CA THR J 168 59.84 18.86 -4.14
C THR J 168 59.06 17.78 -4.87
N ALA J 169 59.36 17.59 -6.14
CA ALA J 169 58.60 16.66 -6.97
C ALA J 169 59.52 15.82 -7.84
N CYS J 170 59.05 14.63 -8.19
CA CYS J 170 59.77 13.71 -9.07
C CYS J 170 58.76 12.80 -9.75
N LYS J 171 59.18 12.18 -10.84
CA LYS J 171 58.29 11.32 -11.61
C LYS J 171 58.02 10.04 -10.83
N LYS J 172 56.76 9.82 -10.44
CA LYS J 172 56.38 8.55 -9.85
C LYS J 172 56.44 7.43 -10.88
N ASN J 173 55.64 7.53 -11.93
CA ASN J 173 55.53 6.50 -12.95
C ASN J 173 55.07 7.16 -14.25
N GLU J 174 54.67 6.34 -15.21
CA GLU J 174 54.33 6.84 -16.54
C GLU J 174 53.06 7.66 -16.56
N GLU J 175 52.21 7.56 -15.53
CA GLU J 175 50.89 8.17 -15.58
C GLU J 175 50.51 8.98 -14.35
N THR J 176 51.29 8.95 -13.28
CA THR J 176 50.98 9.71 -12.06
C THR J 176 52.23 10.43 -11.57
N VAL J 177 52.03 11.56 -10.91
CA VAL J 177 53.11 12.41 -10.42
C VAL J 177 52.82 12.79 -8.97
N GLU J 178 53.85 12.73 -8.13
CA GLU J 178 53.75 13.12 -6.73
C GLU J 178 54.19 14.57 -6.54
N VAL J 179 53.71 15.18 -5.46
CA VAL J 179 54.17 16.49 -5.02
C VAL J 179 54.43 16.42 -3.52
N ASN J 180 55.52 17.02 -3.08
CA ASN J 180 55.94 16.98 -1.69
C ASN J 180 56.30 18.38 -1.25
N PHE J 181 55.42 19.00 -0.47
CA PHE J 181 55.56 20.40 -0.11
C PHE J 181 55.14 20.61 1.33
N THR J 182 55.68 21.67 1.94
CA THR J 182 55.39 21.97 3.33
C THR J 182 54.15 22.83 3.44
N THR J 183 53.20 22.37 4.25
CA THR J 183 51.97 23.10 4.51
C THR J 183 52.22 24.14 5.60
N THR J 184 51.18 24.91 5.91
CA THR J 184 51.18 25.97 6.93
C THR J 184 49.73 26.41 7.12
N PRO J 185 49.27 26.66 8.35
CA PRO J 185 47.87 27.00 8.58
C PRO J 185 47.43 28.32 7.95
N LEU J 186 48.27 28.99 7.17
CA LEU J 186 47.88 30.21 6.48
C LEU J 186 47.02 29.96 5.24
N GLY J 187 46.86 28.71 4.84
CA GLY J 187 46.04 28.38 3.69
C GLY J 187 45.37 27.04 3.88
N ASN J 188 44.35 26.79 3.06
CA ASN J 188 43.59 25.56 3.20
C ASN J 188 43.28 24.83 1.88
N ARG J 189 43.44 25.47 0.72
CA ARG J 189 43.13 24.80 -0.54
C ARG J 189 44.12 25.28 -1.61
N TYR J 190 44.64 24.31 -2.36
CA TYR J 190 45.69 24.59 -3.33
C TYR J 190 45.41 23.81 -4.61
N MET J 191 45.81 24.38 -5.74
CA MET J 191 45.75 23.70 -7.02
C MET J 191 47.16 23.40 -7.50
N ALA J 192 47.25 22.74 -8.65
CA ALA J 192 48.55 22.36 -9.19
C ALA J 192 48.43 22.22 -10.70
N LEU J 193 49.45 22.66 -11.41
CA LEU J 193 49.58 22.45 -12.85
C LEU J 193 50.94 21.87 -13.16
N ILE J 194 50.98 20.90 -14.06
CA ILE J 194 52.23 20.42 -14.65
C ILE J 194 52.24 20.85 -16.11
N GLN J 195 53.34 21.48 -16.52
CA GLN J 195 53.42 22.14 -17.82
C GLN J 195 54.76 21.84 -18.46
N HIS J 196 54.73 21.25 -19.65
CA HIS J 196 55.88 21.24 -20.54
C HIS J 196 55.60 22.09 -21.77
N SER J 197 54.51 21.82 -22.48
CA SER J 197 54.07 22.63 -23.61
C SER J 197 52.68 23.22 -23.41
N THR J 198 51.72 22.40 -22.98
CA THR J 198 50.35 22.83 -22.72
C THR J 198 49.87 22.18 -21.43
N ILE J 199 48.56 22.21 -21.21
CA ILE J 199 47.99 21.57 -20.03
C ILE J 199 48.11 20.07 -20.19
N ILE J 200 49.03 19.47 -19.43
CA ILE J 200 49.23 18.02 -19.44
C ILE J 200 48.84 17.38 -18.12
N GLY J 201 48.39 18.15 -17.14
CA GLY J 201 47.92 17.57 -15.90
C GLY J 201 47.65 18.66 -14.87
N PHE J 202 46.68 18.38 -14.01
CA PHE J 202 46.29 19.29 -12.94
C PHE J 202 45.47 18.53 -11.92
N SER J 203 45.33 19.13 -10.73
CA SER J 203 44.53 18.56 -9.67
C SER J 203 44.18 19.66 -8.67
N GLN J 204 43.22 19.34 -7.80
CA GLN J 204 42.80 20.24 -6.73
C GLN J 204 43.03 19.56 -5.39
N VAL J 205 43.52 20.32 -4.42
CA VAL J 205 43.93 19.78 -3.13
C VAL J 205 43.21 20.54 -2.02
N PHE J 206 42.62 19.79 -1.08
CA PHE J 206 41.95 20.35 0.08
C PHE J 206 42.59 19.80 1.34
N GLU J 207 43.17 20.68 2.15
CA GLU J 207 43.75 20.34 3.44
C GLU J 207 43.61 21.53 4.38
N PRO J 208 42.67 21.49 5.33
CA PRO J 208 42.40 22.68 6.15
C PRO J 208 43.59 23.12 6.99
N HIS J 209 44.09 22.24 7.85
CA HIS J 209 45.22 22.54 8.73
C HIS J 209 45.59 21.28 9.48
N GLN J 210 46.69 21.36 10.23
CA GLN J 210 47.17 20.26 11.05
C GLN J 210 48.01 20.84 12.18
N LYS J 211 48.05 20.11 13.29
CA LYS J 211 48.93 20.51 14.38
C LYS J 211 50.38 20.16 14.09
N LYS J 212 50.64 19.01 13.46
CA LYS J 212 52.00 18.60 13.17
C LYS J 212 52.57 19.38 11.99
N GLN J 213 51.75 19.63 10.97
CA GLN J 213 52.16 20.38 9.78
C GLN J 213 53.36 19.70 9.09
N THR J 214 53.13 18.48 8.61
CA THR J 214 54.14 17.74 7.87
C THR J 214 54.02 18.04 6.39
N ARG J 215 54.97 17.51 5.62
CA ARG J 215 54.96 17.69 4.18
C ARG J 215 53.76 16.96 3.57
N ALA J 216 53.05 17.64 2.69
CA ALA J 216 51.88 17.08 2.04
C ALA J 216 52.33 16.18 0.88
N SER J 217 51.43 15.33 0.40
CA SER J 217 51.75 14.43 -0.70
C SER J 217 50.47 14.17 -1.50
N VAL J 218 50.45 14.63 -2.75
CA VAL J 218 49.30 14.48 -3.62
C VAL J 218 49.77 13.85 -4.93
N VAL J 219 49.05 12.82 -5.37
CA VAL J 219 49.36 12.09 -6.59
C VAL J 219 48.45 12.59 -7.69
N ILE J 220 49.06 13.06 -8.79
CA ILE J 220 48.31 13.69 -9.88
C ILE J 220 48.44 12.82 -11.12
N PRO J 221 47.32 12.31 -11.66
CA PRO J 221 47.39 11.59 -12.93
C PRO J 221 47.86 12.49 -14.05
N VAL J 222 48.70 11.93 -14.93
CA VAL J 222 49.22 12.64 -16.08
C VAL J 222 49.21 11.72 -17.29
N THR J 223 49.32 12.32 -18.47
CA THR J 223 49.39 11.59 -19.73
C THR J 223 50.72 11.88 -20.41
N GLY J 224 51.27 10.85 -21.07
CA GLY J 224 52.50 11.01 -21.81
C GLY J 224 53.71 11.18 -20.91
N GLY J 228 60.90 16.99 -17.85
CA GLY J 228 61.20 18.31 -18.35
C GLY J 228 60.08 19.32 -18.22
N ALA J 229 58.96 18.95 -17.60
CA ALA J 229 57.83 19.84 -17.45
C ALA J 229 58.09 20.78 -16.27
N THR J 230 57.05 21.51 -15.85
CA THR J 230 57.16 22.43 -14.72
C THR J 230 55.96 22.25 -13.80
N VAL J 231 56.22 22.19 -12.50
CA VAL J 231 55.18 22.05 -11.49
C VAL J 231 54.67 23.44 -11.14
N GLN J 232 53.41 23.52 -10.69
CA GLN J 232 52.79 24.80 -10.38
C GLN J 232 51.94 24.63 -9.13
N LEU J 233 51.79 25.71 -8.36
CA LEU J 233 50.99 25.71 -7.15
C LEU J 233 50.20 27.02 -7.03
N THR J 234 48.88 26.88 -6.94
CA THR J 234 47.97 28.03 -6.86
C THR J 234 47.22 27.99 -5.54
N PRO J 235 47.54 28.87 -4.59
CA PRO J 235 46.81 28.91 -3.32
C PRO J 235 45.69 29.93 -3.32
N TYR J 236 44.75 29.73 -2.40
CA TYR J 236 43.73 30.72 -2.05
C TYR J 236 43.95 31.19 -0.62
N PHE J 237 44.75 32.25 -0.48
CA PHE J 237 44.67 32.87 0.83
C PHE J 237 43.50 33.84 0.87
N PRO J 238 42.91 34.08 2.04
CA PRO J 238 41.74 35.00 2.09
C PRO J 238 42.04 36.40 1.62
N THR J 239 43.27 36.89 1.79
CA THR J 239 43.57 38.28 1.44
C THR J 239 43.82 38.44 -0.06
N CYS J 240 44.81 37.73 -0.60
CA CYS J 240 45.18 37.90 -2.01
C CYS J 240 44.10 37.41 -2.97
N GLY J 241 43.24 36.49 -2.54
CA GLY J 241 42.14 36.08 -3.40
C GLY J 241 42.62 35.43 -4.69
N SER J 242 42.38 36.12 -5.81
CA SER J 242 42.77 35.61 -7.11
C SER J 242 44.17 36.04 -7.53
N ASP J 243 44.77 37.01 -6.83
CA ASP J 243 46.11 37.49 -7.14
C ASP J 243 47.18 36.90 -6.21
N CYS J 244 47.02 35.65 -5.80
CA CYS J 244 47.92 35.07 -4.81
C CYS J 244 49.24 34.68 -5.46
N ILE J 245 50.33 34.87 -4.71
CA ILE J 245 51.67 34.70 -5.25
C ILE J 245 51.90 33.25 -5.65
N ARG J 246 52.76 33.03 -6.63
CA ARG J 246 53.08 31.71 -7.15
C ARG J 246 54.59 31.54 -7.21
N HIS J 247 55.04 30.30 -6.98
CA HIS J 247 56.46 29.96 -6.92
C HIS J 247 56.79 28.89 -7.95
N LYS J 248 57.95 29.03 -8.59
CA LYS J 248 58.38 28.15 -9.65
C LYS J 248 58.93 26.84 -9.07
N GLY J 249 58.93 25.80 -9.89
CA GLY J 249 59.45 24.52 -9.47
C GLY J 249 60.04 23.77 -10.64
N THR J 250 60.77 22.70 -10.32
CA THR J 250 61.49 21.90 -11.30
C THR J 250 60.99 20.46 -11.26
N VAL J 251 61.53 19.63 -12.15
CA VAL J 251 61.10 18.25 -12.32
C VAL J 251 62.34 17.36 -12.40
N VAL J 252 62.36 16.30 -11.59
CA VAL J 252 63.46 15.35 -11.55
C VAL J 252 62.90 13.93 -11.54
N LEU J 253 63.81 12.97 -11.42
CA LEU J 253 63.48 11.55 -11.41
C LEU J 253 63.73 10.96 -10.03
N CYS J 254 62.85 10.06 -9.60
CA CYS J 254 63.09 9.26 -8.40
C CYS J 254 63.48 7.85 -8.80
N GLU K 53 30.18 32.67 -30.75
CA GLU K 53 29.16 33.23 -29.89
C GLU K 53 28.78 34.64 -30.33
N ASP K 54 27.55 35.04 -30.01
CA ASP K 54 27.04 36.37 -30.31
C ASP K 54 26.27 36.89 -29.11
N GLY K 55 26.46 38.17 -28.80
CA GLY K 55 25.76 38.79 -27.69
C GLY K 55 26.37 40.09 -27.24
N PRO K 56 25.76 40.71 -26.24
CA PRO K 56 26.18 42.04 -25.77
C PRO K 56 27.47 42.01 -24.94
N LEU K 57 28.50 41.38 -25.50
CA LEU K 57 29.88 41.57 -25.05
C LEU K 57 30.14 40.95 -23.68
N ASN K 58 29.08 40.54 -22.98
CA ASN K 58 29.26 39.87 -21.71
C ASN K 58 29.03 38.39 -21.91
N SER K 59 28.82 38.01 -23.17
CA SER K 59 28.75 36.61 -23.56
C SER K 59 29.93 36.30 -24.47
N ARG K 60 30.70 37.34 -24.80
CA ARG K 60 31.90 37.18 -25.60
C ARG K 60 33.18 37.62 -24.90
N ALA K 61 33.09 38.11 -23.67
CA ALA K 61 34.28 38.40 -22.90
C ALA K 61 34.92 37.12 -22.40
N ILE K 62 36.26 37.13 -22.32
CA ILE K 62 36.95 35.97 -21.76
C ILE K 62 36.50 35.72 -20.33
N SER K 63 36.39 36.78 -19.55
CA SER K 63 35.88 36.67 -18.18
C SER K 63 34.50 37.30 -18.14
N PRO K 64 33.45 36.59 -18.54
CA PRO K 64 32.13 37.19 -18.56
C PRO K 64 31.68 37.58 -17.16
N TRP K 65 31.05 38.74 -17.08
CA TRP K 65 30.63 39.28 -15.80
C TRP K 65 29.14 39.53 -15.82
N ARG K 66 28.47 39.10 -14.75
CA ARG K 66 27.03 39.29 -14.62
C ARG K 66 26.78 40.65 -13.99
N TYR K 67 25.53 40.90 -13.65
CA TYR K 67 25.11 42.21 -13.17
C TYR K 67 24.08 42.03 -12.07
N GLU K 68 24.51 42.22 -10.83
CA GLU K 68 23.67 41.94 -9.67
C GLU K 68 23.19 43.23 -9.02
N LEU K 69 22.15 43.11 -8.21
CA LEU K 69 21.37 44.26 -7.76
C LEU K 69 21.77 44.64 -6.34
N ASP K 70 21.59 45.92 -6.02
CA ASP K 70 21.66 46.42 -4.66
C ASP K 70 20.52 47.41 -4.50
N ARG K 71 20.00 47.55 -3.29
CA ARG K 71 18.88 48.45 -3.04
C ARG K 71 19.24 49.50 -2.01
N ASP K 72 18.64 50.68 -2.16
CA ASP K 72 18.62 51.70 -1.14
C ASP K 72 17.33 52.49 -1.28
N LEU K 73 16.87 53.06 -0.17
CA LEU K 73 15.68 53.88 -0.18
C LEU K 73 16.00 55.36 -0.32
N ASN K 74 17.27 55.75 -0.25
CA ASN K 74 17.64 57.16 -0.32
C ASN K 74 18.84 57.39 -1.24
N ARG K 75 19.00 56.56 -2.27
CA ARG K 75 20.15 56.64 -3.17
C ARG K 75 19.67 56.81 -4.60
N LEU K 76 20.53 57.39 -5.44
CA LEU K 76 20.24 57.54 -6.86
C LEU K 76 21.39 56.93 -7.64
N PRO K 77 21.16 56.02 -8.59
CA PRO K 77 19.88 55.38 -8.91
C PRO K 77 19.60 54.28 -7.90
N GLN K 78 18.34 53.91 -7.72
CA GLN K 78 17.98 53.00 -6.65
C GLN K 78 18.74 51.68 -6.77
N ASP K 79 19.18 51.34 -7.97
CA ASP K 79 19.96 50.14 -8.22
C ASP K 79 21.30 50.53 -8.84
N LEU K 80 22.36 49.89 -8.41
CA LEU K 80 23.67 50.02 -9.04
C LEU K 80 24.18 48.64 -9.38
N TYR K 81 23.95 48.21 -10.60
CA TYR K 81 24.24 46.85 -11.00
C TYR K 81 25.74 46.66 -11.05
N HIS K 82 26.30 46.10 -9.97
CA HIS K 82 27.72 45.81 -9.86
C HIS K 82 28.06 44.56 -10.63
N ALA K 83 29.35 44.32 -10.83
CA ALA K 83 29.81 43.11 -11.49
C ALA K 83 30.47 42.18 -10.49
N ARG K 84 30.09 40.91 -10.51
CA ARG K 84 30.73 39.86 -9.72
C ARG K 84 30.91 38.65 -10.64
N CYS K 85 32.06 38.60 -11.31
CA CYS K 85 32.28 37.54 -12.28
C CYS K 85 32.86 36.31 -11.59
N LEU K 86 32.30 35.14 -11.92
CA LEU K 86 32.76 33.88 -11.35
C LEU K 86 34.06 33.40 -11.96
N CYS K 87 34.34 33.75 -13.22
CA CYS K 87 35.43 33.20 -13.97
C CYS K 87 36.75 33.49 -13.26
N PRO K 88 37.43 32.47 -12.73
CA PRO K 88 38.69 32.70 -12.03
C PRO K 88 39.93 32.58 -12.90
N HIS K 89 39.77 32.19 -14.16
CA HIS K 89 40.89 31.94 -15.05
C HIS K 89 40.42 32.11 -16.49
N CYS K 90 41.27 32.73 -17.31
CA CYS K 90 40.93 33.05 -18.69
C CYS K 90 40.48 31.79 -19.44
N VAL K 91 39.23 31.79 -19.87
CA VAL K 91 38.67 30.63 -20.56
C VAL K 91 39.31 30.50 -21.94
N SER K 92 39.31 29.27 -22.46
CA SER K 92 39.90 29.01 -23.76
C SER K 92 39.10 29.70 -24.86
N LEU K 93 39.82 30.25 -25.84
CA LEU K 93 39.17 30.98 -26.91
C LEU K 93 38.79 30.10 -28.09
N GLN K 94 39.21 28.83 -28.09
CA GLN K 94 38.71 27.90 -29.08
C GLN K 94 37.38 27.26 -28.71
N THR K 95 36.94 27.39 -27.46
CA THR K 95 35.71 26.75 -27.02
C THR K 95 34.62 27.74 -26.61
N GLY K 96 34.91 28.64 -25.68
CA GLY K 96 33.88 29.43 -25.03
C GLY K 96 33.20 28.75 -23.86
N SER K 97 33.61 27.52 -23.54
CA SER K 97 33.11 26.79 -22.38
C SER K 97 34.21 26.14 -21.56
N HIS K 98 35.36 25.86 -22.16
CA HIS K 98 36.44 25.16 -21.47
C HIS K 98 37.04 26.05 -20.38
N MET K 99 37.73 25.41 -19.44
CA MET K 99 38.33 26.08 -18.29
C MET K 99 39.85 26.07 -18.45
N ASP K 100 40.42 27.24 -18.75
CA ASP K 100 41.87 27.34 -18.94
C ASP K 100 42.49 28.11 -17.77
N PRO K 101 43.36 27.49 -16.97
CA PRO K 101 43.84 28.12 -15.74
C PRO K 101 44.99 29.10 -15.91
N ARG K 102 45.43 29.41 -17.12
CA ARG K 102 46.67 30.16 -17.31
C ARG K 102 46.55 31.65 -16.97
N GLY K 103 45.45 32.10 -16.37
CA GLY K 103 45.30 33.52 -16.09
C GLY K 103 44.58 33.76 -14.77
N ASN K 104 44.88 34.91 -14.18
CA ASN K 104 44.21 35.36 -12.97
C ASN K 104 43.30 36.53 -13.30
N SER K 105 42.12 36.53 -12.69
CA SER K 105 41.10 37.52 -12.98
C SER K 105 40.91 38.46 -11.81
N GLU K 106 40.66 39.74 -12.10
CA GLU K 106 40.52 40.75 -11.08
C GLU K 106 39.55 41.82 -11.54
N LEU K 107 39.03 42.59 -10.58
CA LEU K 107 38.03 43.59 -10.87
C LEU K 107 38.68 44.93 -11.20
N LEU K 108 37.90 45.81 -11.84
CA LEU K 108 38.27 47.19 -12.08
C LEU K 108 37.19 48.10 -11.51
N TYR K 109 37.58 49.30 -11.09
CA TYR K 109 36.75 50.12 -10.22
C TYR K 109 36.68 51.56 -10.71
N HIS K 110 35.72 52.31 -10.18
CA HIS K 110 35.72 53.76 -10.27
C HIS K 110 34.83 54.28 -9.15
N ASN K 111 34.88 55.58 -8.94
CA ASN K 111 34.10 56.23 -7.90
C ASN K 111 33.05 57.11 -8.57
N GLN K 112 31.79 56.88 -8.23
CA GLN K 112 30.67 57.50 -8.92
C GLN K 112 29.93 58.46 -8.02
N THR K 113 29.75 59.68 -8.50
CA THR K 113 28.96 60.65 -7.77
C THR K 113 27.57 60.08 -7.57
N VAL K 114 27.15 60.00 -6.31
CA VAL K 114 25.86 59.43 -5.99
C VAL K 114 25.15 60.41 -5.05
N PHE K 115 23.92 60.07 -4.70
CA PHE K 115 23.10 60.94 -3.87
C PHE K 115 22.64 60.19 -2.63
N TYR K 116 22.87 60.80 -1.47
CA TYR K 116 22.32 60.35 -0.19
C TYR K 116 21.54 61.48 0.43
N ARG K 117 20.56 61.14 1.27
CA ARG K 117 19.94 62.13 2.14
C ARG K 117 19.66 61.59 3.54
N ARG K 118 20.18 62.33 4.52
CA ARG K 118 19.84 62.16 5.92
C ARG K 118 19.02 63.37 6.33
N PRO K 119 18.19 63.26 7.37
CA PRO K 119 17.28 64.37 7.70
C PRO K 119 18.03 65.65 8.07
N CYS K 120 17.28 66.74 8.12
CA CYS K 120 17.87 68.06 8.36
C CYS K 120 18.59 68.11 9.70
N HIS K 121 19.76 68.78 9.70
CA HIS K 121 20.51 68.94 10.94
C HIS K 121 19.75 69.79 11.95
N GLY K 122 19.18 70.90 11.50
CA GLY K 122 18.53 71.82 12.42
C GLY K 122 17.19 71.27 12.90
N GLU K 123 16.83 71.59 14.15
CA GLU K 123 15.55 71.20 14.72
C GLU K 123 14.51 72.26 14.39
N LYS K 124 14.20 72.36 13.10
CA LYS K 124 13.21 73.33 12.64
C LYS K 124 11.83 73.02 13.21
N GLY K 125 11.45 71.74 13.22
CA GLY K 125 10.16 71.33 13.73
C GLY K 125 9.03 71.38 12.73
N THR K 126 9.23 72.02 11.58
CA THR K 126 8.16 72.09 10.58
C THR K 126 7.92 70.73 9.95
N HIS K 127 8.99 70.01 9.61
CA HIS K 127 8.87 68.70 8.97
C HIS K 127 10.19 67.96 9.18
N LYS K 128 10.18 66.67 8.82
CA LYS K 128 11.38 65.86 8.95
C LYS K 128 12.54 66.37 8.10
N GLY K 129 12.29 66.72 6.84
CA GLY K 129 13.33 67.26 5.99
C GLY K 129 14.34 66.23 5.59
N TYR K 130 15.40 66.72 4.94
CA TYR K 130 16.51 65.87 4.53
C TYR K 130 17.69 66.78 4.23
N CYS K 131 18.81 66.17 3.88
CA CYS K 131 19.99 66.95 3.49
C CYS K 131 20.49 66.44 2.15
N LEU K 132 21.14 67.31 1.39
CA LEU K 132 21.53 67.02 0.02
C LEU K 132 22.97 66.54 0.05
N GLU K 133 23.17 65.32 0.54
CA GLU K 133 24.48 64.81 0.96
C GLU K 133 25.20 64.17 -0.22
N ARG K 134 26.35 64.73 -0.58
CA ARG K 134 27.16 64.17 -1.67
C ARG K 134 28.34 63.43 -1.06
N ARG K 135 28.38 62.10 -1.21
CA ARG K 135 29.61 61.38 -0.92
C ARG K 135 29.79 60.29 -1.97
N LEU K 136 31.04 60.02 -2.33
CA LEU K 136 31.38 59.14 -3.44
C LEU K 136 31.26 57.66 -3.04
N TYR K 137 30.81 56.85 -3.99
CA TYR K 137 30.42 55.48 -3.71
C TYR K 137 31.24 54.53 -4.58
N ARG K 138 31.64 53.42 -4.01
CA ARG K 138 32.63 52.53 -4.59
C ARG K 138 31.94 51.46 -5.42
N VAL K 139 32.29 51.39 -6.70
CA VAL K 139 31.59 50.54 -7.67
C VAL K 139 32.60 49.81 -8.54
N SER K 140 32.37 48.53 -8.74
CA SER K 140 33.14 47.74 -9.70
C SER K 140 32.44 47.77 -11.06
N LEU K 141 33.24 47.72 -12.13
CA LEU K 141 32.72 47.91 -13.48
C LEU K 141 32.88 46.68 -14.36
N ALA K 142 34.10 46.20 -14.57
CA ALA K 142 34.28 45.14 -15.57
C ALA K 142 35.51 44.33 -15.23
N CYS K 143 35.46 43.06 -15.64
CA CYS K 143 36.46 42.07 -15.29
C CYS K 143 37.46 41.93 -16.42
N VAL K 144 38.73 41.83 -16.08
CA VAL K 144 39.78 41.42 -16.99
C VAL K 144 40.59 40.35 -16.29
N CYS K 145 41.09 39.39 -17.05
CA CYS K 145 42.00 38.42 -16.47
C CYS K 145 43.42 38.78 -16.88
N VAL K 146 44.38 38.51 -15.99
CA VAL K 146 45.72 39.05 -16.10
C VAL K 146 46.72 37.93 -15.91
N ARG K 147 47.93 38.12 -16.42
CA ARG K 147 49.00 37.16 -16.20
C ARG K 147 49.40 37.16 -14.73
N PRO K 148 49.58 36.00 -14.12
CA PRO K 148 49.97 35.95 -12.70
C PRO K 148 51.41 36.36 -12.48
N ARG K 149 51.87 36.28 -11.24
CA ARG K 149 53.21 36.71 -10.86
C ARG K 149 54.12 35.51 -10.63
N VAL K 150 55.42 35.74 -10.77
CA VAL K 150 56.44 34.69 -10.67
C VAL K 150 57.39 35.03 -9.54
N MET K 151 57.62 34.05 -8.67
CA MET K 151 58.53 34.18 -7.55
C MET K 151 59.51 33.03 -7.56
N GLY K 152 60.80 33.34 -7.49
CA GLY K 152 61.84 32.33 -7.54
C GLY K 152 63.00 32.71 -8.45
N GLU L 2 -12.82 57.65 -17.52
CA GLU L 2 -11.82 56.66 -17.89
C GLU L 2 -10.42 57.26 -17.86
N PRO L 3 -9.69 57.02 -16.77
CA PRO L 3 -8.33 57.55 -16.67
C PRO L 3 -7.42 56.99 -17.75
N THR L 4 -6.55 57.85 -18.25
CA THR L 4 -5.63 57.51 -19.32
C THR L 4 -4.20 57.86 -18.91
N VAL L 5 -3.25 57.56 -19.79
CA VAL L 5 -1.83 57.70 -19.52
C VAL L 5 -1.23 58.69 -20.53
N GLN L 6 -0.41 59.60 -20.02
CA GLN L 6 0.29 60.58 -20.86
C GLN L 6 1.66 60.82 -20.24
N CYS L 7 2.71 60.56 -21.01
CA CYS L 7 4.08 60.60 -20.51
C CYS L 7 4.84 61.79 -21.07
N GLY L 8 5.64 62.42 -20.22
CA GLY L 8 6.54 63.46 -20.65
C GLY L 8 7.89 63.27 -19.99
N SER L 9 8.94 63.43 -20.79
CA SER L 9 10.28 63.11 -20.35
C SER L 9 10.72 64.05 -19.21
N GLU L 10 11.28 63.45 -18.17
CA GLU L 10 11.76 64.20 -17.01
C GLU L 10 12.68 63.31 -16.19
N THR L 11 13.91 63.77 -15.98
CA THR L 11 14.87 63.06 -15.14
C THR L 11 15.44 64.04 -14.11
N GLY L 12 15.82 63.52 -12.96
CA GLY L 12 16.39 64.33 -11.92
C GLY L 12 15.77 64.07 -10.56
N PRO L 13 15.89 65.03 -9.65
CA PRO L 13 15.34 64.84 -8.31
C PRO L 13 13.83 65.00 -8.28
N SER L 14 13.17 64.08 -7.61
CA SER L 14 11.71 64.13 -7.51
C SER L 14 11.29 65.13 -6.44
N PRO L 15 10.46 66.12 -6.77
CA PRO L 15 9.96 67.05 -5.74
C PRO L 15 9.29 66.34 -4.58
N GLU L 16 8.56 65.27 -4.90
CA GLU L 16 7.87 64.48 -3.87
C GLU L 16 8.81 63.80 -2.91
N TRP L 17 10.10 63.69 -3.26
CA TRP L 17 11.10 63.11 -2.37
C TRP L 17 11.53 64.09 -1.29
N MET L 18 11.13 65.36 -1.39
CA MET L 18 11.46 66.32 -0.34
C MET L 18 10.45 66.32 0.80
N LEU L 19 9.38 65.53 0.69
CA LEU L 19 8.33 65.51 1.70
C LEU L 19 8.05 64.07 2.13
N GLN L 20 7.83 63.88 3.43
CA GLN L 20 7.48 62.58 3.97
C GLN L 20 5.96 62.46 4.06
N HIS L 21 5.42 61.36 3.54
CA HIS L 21 3.98 61.17 3.46
C HIS L 21 3.51 60.20 4.53
N ASP L 22 2.36 60.51 5.13
CA ASP L 22 1.80 59.63 6.15
C ASP L 22 1.42 58.28 5.55
N LEU L 23 0.80 58.28 4.37
CA LEU L 23 0.40 57.07 3.67
C LEU L 23 1.14 57.01 2.34
N ILE L 24 1.60 55.82 1.97
CA ILE L 24 2.35 55.66 0.73
C ILE L 24 1.59 54.70 -0.20
N PRO L 25 1.74 54.81 -1.51
CA PRO L 25 1.07 53.88 -2.42
C PRO L 25 1.75 52.53 -2.43
N GLY L 26 0.99 51.53 -2.89
CA GLY L 26 1.42 50.15 -2.79
C GLY L 26 2.37 49.72 -3.89
N ASP L 27 2.56 48.41 -3.96
CA ASP L 27 3.49 47.79 -4.91
C ASP L 27 2.86 47.71 -6.29
N LEU L 28 3.46 46.91 -7.16
CA LEU L 28 2.86 46.58 -8.46
C LEU L 28 2.84 45.07 -8.61
N ARG L 29 1.82 44.56 -9.31
CA ARG L 29 1.72 43.11 -9.51
C ARG L 29 2.82 42.60 -10.42
N ASP L 30 2.86 43.07 -11.67
CA ASP L 30 3.84 42.56 -12.61
C ASP L 30 4.08 43.58 -13.71
N LEU L 31 5.29 43.52 -14.25
CA LEU L 31 5.77 44.44 -15.28
C LEU L 31 6.26 43.63 -16.46
N ARG L 32 5.63 43.81 -17.61
CA ARG L 32 6.02 43.13 -18.83
C ARG L 32 6.42 44.17 -19.86
N VAL L 33 7.44 43.83 -20.66
CA VAL L 33 7.90 44.71 -21.72
C VAL L 33 8.12 43.87 -22.97
N GLU L 34 7.75 44.41 -24.12
CA GLU L 34 7.81 43.68 -25.38
C GLU L 34 8.63 44.45 -26.41
N PRO L 35 9.43 43.73 -27.20
CA PRO L 35 10.16 44.36 -28.30
C PRO L 35 9.32 44.41 -29.57
N VAL L 36 9.30 45.60 -30.19
CA VAL L 36 8.52 45.82 -31.40
C VAL L 36 9.41 46.47 -32.44
N THR L 37 8.91 46.49 -33.68
CA THR L 37 9.58 47.10 -34.81
C THR L 37 8.65 48.12 -35.44
N THR L 38 9.21 49.27 -35.84
CA THR L 38 8.42 50.35 -36.41
C THR L 38 8.42 50.29 -37.93
N SER L 39 7.45 50.97 -38.53
CA SER L 39 7.35 51.07 -39.97
C SER L 39 8.24 52.19 -40.50
N VAL L 40 8.61 52.06 -41.77
CA VAL L 40 9.47 53.05 -42.42
C VAL L 40 8.75 53.71 -43.58
N TYR L 45 12.29 52.79 -39.93
CA TYR L 45 12.88 51.47 -39.80
C TYR L 45 13.67 51.38 -38.49
N SER L 46 12.97 51.51 -37.38
CA SER L 46 13.58 51.52 -36.06
C SER L 46 13.01 50.40 -35.19
N ILE L 47 13.64 50.21 -34.04
CA ILE L 47 13.21 49.23 -33.05
C ILE L 47 12.84 49.98 -31.77
N LEU L 48 11.63 49.73 -31.28
CA LEU L 48 11.16 50.34 -30.05
C LEU L 48 10.65 49.28 -29.09
N MET L 49 10.28 49.72 -27.90
CA MET L 49 9.86 48.85 -26.82
C MET L 49 8.54 49.33 -26.24
N ASN L 50 7.63 48.40 -26.01
CA ASN L 50 6.38 48.69 -25.31
C ASN L 50 6.47 48.09 -23.92
N VAL L 51 6.37 48.96 -22.90
CA VAL L 51 6.43 48.54 -21.51
C VAL L 51 5.01 48.35 -21.03
N SER L 52 4.82 47.48 -20.06
CA SER L 52 3.50 47.22 -19.52
C SER L 52 3.61 46.78 -18.07
N TRP L 53 2.71 47.29 -17.24
CA TRP L 53 2.71 46.96 -15.83
C TRP L 53 1.29 46.70 -15.37
N VAL L 54 1.18 45.99 -14.24
CA VAL L 54 -0.10 45.62 -13.65
C VAL L 54 -0.24 46.34 -12.32
N LEU L 55 -1.27 47.16 -12.19
CA LEU L 55 -1.46 48.03 -11.05
C LEU L 55 -2.33 47.34 -10.00
N ARG L 56 -2.18 47.77 -8.75
CA ARG L 56 -2.83 47.09 -7.63
C ARG L 56 -4.35 47.22 -7.70
N ALA L 57 -5.02 46.28 -7.04
CA ALA L 57 -6.46 46.32 -6.84
C ALA L 57 -6.83 46.40 -5.37
N ASP L 58 -5.86 46.19 -4.48
CA ASP L 58 -6.10 46.10 -3.04
C ASP L 58 -6.05 47.50 -2.43
N ALA L 59 -7.01 48.34 -2.82
CA ALA L 59 -7.27 49.62 -2.17
C ALA L 59 -6.13 50.63 -2.32
N SER L 60 -5.04 50.25 -2.98
CA SER L 60 -3.96 51.17 -3.22
C SER L 60 -4.26 52.17 -4.32
N ILE L 61 -5.33 51.94 -5.08
CA ILE L 61 -5.71 52.85 -6.16
C ILE L 61 -6.27 54.16 -5.60
N ARG L 62 -6.64 54.18 -4.31
CA ARG L 62 -7.19 55.39 -3.72
C ARG L 62 -6.22 56.55 -3.80
N LEU L 63 -4.92 56.27 -3.70
CA LEU L 63 -3.90 57.31 -3.84
C LEU L 63 -2.69 56.74 -4.56
N LEU L 64 -2.48 57.22 -5.79
CA LEU L 64 -1.26 57.02 -6.57
C LEU L 64 -1.34 57.94 -7.78
N LYS L 65 -0.29 58.74 -7.99
CA LYS L 65 -0.38 59.78 -9.01
C LYS L 65 0.63 59.59 -10.14
N ALA L 66 1.81 59.07 -9.86
CA ALA L 66 2.78 58.84 -10.92
C ALA L 66 3.45 57.50 -10.69
N THR L 67 3.98 56.92 -11.76
CA THR L 67 4.59 55.59 -11.70
C THR L 67 5.88 55.67 -12.51
N LYS L 68 6.99 55.94 -11.83
CA LYS L 68 8.22 56.21 -12.53
C LYS L 68 8.81 54.90 -13.05
N ILE L 69 9.15 54.88 -14.34
CA ILE L 69 9.68 53.69 -14.98
C ILE L 69 11.02 54.03 -15.63
N CYS L 70 12.05 53.24 -15.33
CA CYS L 70 13.38 53.57 -15.81
C CYS L 70 14.06 52.40 -16.49
N VAL L 71 14.95 52.73 -17.41
CA VAL L 71 15.67 51.78 -18.25
C VAL L 71 17.15 52.10 -18.15
N THR L 72 17.97 51.08 -17.93
CA THR L 72 19.40 51.26 -17.95
C THR L 72 20.02 50.26 -18.90
N GLY L 73 21.13 50.63 -19.50
CA GLY L 73 21.90 49.73 -20.35
C GLY L 73 23.37 49.81 -19.98
N LYS L 74 24.07 48.69 -20.06
CA LYS L 74 25.50 48.65 -19.84
C LYS L 74 26.16 47.98 -21.05
N SER L 75 26.56 48.82 -21.99
CA SER L 75 27.31 48.49 -23.19
C SER L 75 28.53 49.38 -23.22
N ASN L 76 29.15 49.49 -24.39
CA ASN L 76 30.19 50.49 -24.59
C ASN L 76 29.75 51.82 -24.00
N PHE L 77 28.48 52.19 -24.19
CA PHE L 77 27.86 53.29 -23.46
C PHE L 77 27.26 52.78 -22.17
N GLN L 78 26.97 53.71 -21.27
CA GLN L 78 26.13 53.45 -20.11
C GLN L 78 25.20 54.63 -19.93
N SER L 79 23.90 54.39 -20.04
CA SER L 79 22.93 55.45 -20.18
C SER L 79 21.85 55.33 -19.14
N TYR L 80 21.32 56.48 -18.71
CA TYR L 80 20.26 56.54 -17.73
C TYR L 80 19.46 57.79 -17.99
N SER L 81 18.35 57.66 -18.71
CA SER L 81 17.39 58.72 -18.88
C SER L 81 16.02 58.07 -19.03
N CYS L 82 15.14 58.36 -18.10
CA CYS L 82 13.90 57.63 -17.99
C CYS L 82 12.76 58.57 -17.68
N VAL L 83 11.57 58.18 -18.11
CA VAL L 83 10.42 59.08 -18.21
C VAL L 83 9.51 58.84 -17.02
N ARG L 84 8.96 59.93 -16.48
CA ARG L 84 7.91 59.84 -15.48
C ARG L 84 6.57 59.96 -16.19
N CYS L 85 5.58 59.23 -15.72
CA CYS L 85 4.28 59.21 -16.38
C CYS L 85 3.20 59.48 -15.34
N ASN L 86 2.32 60.42 -15.63
CA ASN L 86 1.23 60.72 -14.72
C ASN L 86 -0.04 60.02 -15.18
N TYR L 87 -1.00 59.88 -14.27
CA TYR L 87 -2.31 59.33 -14.58
C TYR L 87 -3.34 60.44 -14.58
N THR L 88 -4.12 60.51 -15.66
CA THR L 88 -4.93 61.69 -15.93
C THR L 88 -6.01 61.90 -14.88
N GLU L 89 -6.74 60.84 -14.51
CA GLU L 89 -7.94 60.98 -13.70
C GLU L 89 -7.80 60.22 -12.38
N ALA L 90 -8.62 60.61 -11.42
CA ALA L 90 -8.65 59.95 -10.12
C ALA L 90 -9.56 58.72 -10.16
N PHE L 91 -9.33 57.80 -9.22
CA PHE L 91 -10.07 56.54 -9.21
C PHE L 91 -10.98 56.47 -8.00
N GLN L 92 -12.15 55.84 -8.20
CA GLN L 92 -13.09 55.59 -7.12
C GLN L 92 -13.43 54.12 -6.93
N THR L 93 -13.03 53.25 -7.86
CA THR L 93 -13.32 51.82 -7.80
C THR L 93 -12.05 51.04 -8.11
N GLN L 94 -12.11 49.72 -7.89
CA GLN L 94 -10.95 48.86 -8.08
C GLN L 94 -10.70 48.47 -9.53
N THR L 95 -11.75 48.29 -10.33
CA THR L 95 -11.60 47.87 -11.71
C THR L 95 -12.59 48.63 -12.58
N ARG L 96 -12.37 48.57 -13.88
CA ARG L 96 -13.21 49.29 -14.83
C ARG L 96 -14.63 48.76 -14.77
N PRO L 97 -15.64 49.56 -15.09
CA PRO L 97 -16.99 48.99 -15.21
C PRO L 97 -17.05 47.86 -16.21
N SER L 98 -16.21 47.90 -17.24
CA SER L 98 -16.01 46.72 -18.07
C SER L 98 -15.39 45.58 -17.28
N GLY L 99 -14.43 45.88 -16.41
CA GLY L 99 -13.80 44.86 -15.57
C GLY L 99 -12.37 44.59 -16.00
N GLY L 100 -11.75 43.64 -15.33
CA GLY L 100 -10.41 43.20 -15.69
C GLY L 100 -9.33 43.96 -14.95
N LYS L 101 -8.13 43.41 -15.07
CA LYS L 101 -6.92 44.01 -14.49
C LYS L 101 -6.41 45.12 -15.39
N TRP L 102 -5.95 46.19 -14.74
CA TRP L 102 -5.49 47.36 -15.47
C TRP L 102 -4.12 47.13 -16.08
N THR L 103 -4.00 47.44 -17.37
CA THR L 103 -2.75 47.25 -18.10
C THR L 103 -2.49 48.52 -18.90
N PHE L 104 -1.25 49.00 -18.86
CA PHE L 104 -0.88 50.24 -19.53
C PHE L 104 0.38 50.00 -20.35
N SER L 105 0.64 50.93 -21.27
CA SER L 105 1.71 50.74 -22.23
C SER L 105 2.35 52.08 -22.58
N TYR L 106 3.57 52.02 -23.10
CA TYR L 106 4.27 53.21 -23.55
C TYR L 106 5.36 52.79 -24.54
N ILE L 107 5.57 53.63 -25.55
CA ILE L 107 6.53 53.40 -26.61
C ILE L 107 7.50 54.57 -26.65
N GLY L 108 8.71 54.33 -27.13
CA GLY L 108 9.61 55.44 -27.39
C GLY L 108 11.03 55.35 -26.87
N PHE L 109 11.34 54.32 -26.10
CA PHE L 109 12.71 54.16 -25.62
C PHE L 109 13.62 53.70 -26.75
N PRO L 110 14.69 54.42 -27.05
CA PRO L 110 15.58 53.99 -28.13
C PRO L 110 16.24 52.67 -27.81
N VAL L 111 16.54 51.92 -28.86
CA VAL L 111 17.05 50.56 -28.76
C VAL L 111 18.22 50.43 -29.71
N GLU L 112 19.25 49.69 -29.28
CA GLU L 112 20.47 49.55 -30.05
C GLU L 112 20.90 48.08 -30.08
N LEU L 113 22.13 47.85 -30.53
CA LEU L 113 22.59 46.51 -30.88
C LEU L 113 23.64 46.05 -29.88
N ASN L 114 23.69 44.74 -29.63
CA ASN L 114 24.62 44.13 -28.67
C ASN L 114 24.53 44.77 -27.29
N THR L 115 23.35 44.82 -26.70
CA THR L 115 23.14 45.47 -25.40
C THR L 115 22.26 44.61 -24.51
N VAL L 116 22.64 44.50 -23.23
CA VAL L 116 21.75 43.99 -22.20
C VAL L 116 21.21 45.14 -21.40
N TYR L 117 19.89 45.31 -21.40
CA TYR L 117 19.23 46.37 -20.66
C TYR L 117 18.70 45.82 -19.35
N PHE L 118 18.20 46.73 -18.51
CA PHE L 118 17.46 46.39 -17.31
C PHE L 118 16.35 47.41 -17.12
N ILE L 119 15.29 47.02 -16.44
CA ILE L 119 14.13 47.86 -16.23
C ILE L 119 13.90 47.95 -14.74
N GLY L 120 13.64 49.16 -14.25
CA GLY L 120 13.29 49.33 -12.86
C GLY L 120 11.78 49.34 -12.72
N ALA L 121 11.33 49.63 -11.51
CA ALA L 121 9.91 49.81 -11.25
C ALA L 121 9.73 50.39 -9.87
N HIS L 122 8.90 51.44 -9.82
CA HIS L 122 8.42 52.01 -8.56
C HIS L 122 7.44 53.11 -8.89
N ASN L 123 6.72 53.55 -7.88
CA ASN L 123 5.65 54.53 -8.05
C ASN L 123 5.95 55.84 -7.34
N ILE L 124 5.19 56.87 -7.72
CA ILE L 124 5.37 58.19 -7.14
C ILE L 124 4.05 58.60 -6.51
N PRO L 125 4.04 58.98 -5.23
CA PRO L 125 5.22 59.15 -4.38
C PRO L 125 5.87 57.83 -3.97
N ASN L 126 7.09 57.92 -3.47
CA ASN L 126 7.82 56.75 -3.01
C ASN L 126 7.72 56.63 -1.49
N ALA L 127 8.34 55.57 -0.96
CA ALA L 127 8.23 55.27 0.46
C ALA L 127 9.08 56.22 1.29
N ASN L 128 8.70 56.37 2.56
CA ASN L 128 9.46 57.16 3.52
C ASN L 128 10.65 56.35 4.04
N MET L 129 11.37 56.93 4.99
CA MET L 129 12.55 56.29 5.54
C MET L 129 12.19 55.09 6.40
N ASN L 130 13.07 54.09 6.39
CA ASN L 130 12.93 52.87 7.20
C ASN L 130 11.63 52.15 6.90
N GLU L 131 11.49 51.71 5.65
CA GLU L 131 10.31 50.98 5.20
C GLU L 131 10.73 49.89 4.23
N ASP L 132 9.74 49.14 3.74
CA ASP L 132 10.01 47.99 2.90
C ASP L 132 10.38 48.40 1.47
N GLY L 133 11.25 47.62 0.85
CA GLY L 133 11.62 47.81 -0.53
C GLY L 133 10.54 47.35 -1.48
N PRO L 134 9.99 48.28 -2.26
CA PRO L 134 8.81 47.96 -3.07
C PRO L 134 9.11 47.54 -4.50
N SER L 135 10.37 47.29 -4.83
CA SER L 135 10.76 47.16 -6.23
C SER L 135 10.67 45.71 -6.72
N MET L 136 10.34 45.57 -8.00
CA MET L 136 10.33 44.29 -8.70
C MET L 136 11.12 44.43 -9.99
N SER L 137 11.66 43.32 -10.49
CA SER L 137 12.58 43.35 -11.61
C SER L 137 11.95 42.72 -12.84
N VAL L 138 12.32 43.25 -14.01
CA VAL L 138 12.04 42.58 -15.28
C VAL L 138 13.23 42.80 -16.20
N ASN L 139 13.83 41.71 -16.63
CA ASN L 139 15.03 41.74 -17.45
C ASN L 139 14.71 41.40 -18.90
N PHE L 140 15.60 41.79 -19.79
CA PHE L 140 15.31 41.78 -21.22
C PHE L 140 16.62 41.71 -21.98
N THR L 141 16.52 41.59 -23.30
CA THR L 141 17.66 41.62 -24.20
C THR L 141 17.18 41.91 -25.61
N SER L 142 17.94 42.73 -26.34
CA SER L 142 17.67 43.11 -27.71
C SER L 142 18.63 42.42 -28.67
N PRO L 143 18.23 42.20 -29.92
CA PRO L 143 19.12 41.51 -30.86
C PRO L 143 20.10 42.47 -31.53
N GLY L 144 20.96 41.89 -32.36
CA GLY L 144 22.02 42.58 -33.06
C GLY L 144 21.82 42.63 -34.56
N CYS L 145 22.93 42.54 -35.30
CA CYS L 145 22.88 42.59 -36.76
C CYS L 145 23.43 41.31 -37.38
N LEU L 146 23.01 40.16 -36.86
CA LEU L 146 23.25 38.87 -37.50
C LEU L 146 21.93 38.20 -37.89
N ASP L 147 20.83 38.94 -37.87
CA ASP L 147 19.52 38.44 -38.21
C ASP L 147 19.03 39.07 -39.51
N HIS L 148 18.15 38.35 -40.20
CA HIS L 148 17.65 38.82 -41.50
C HIS L 148 16.85 40.11 -41.37
N ILE L 149 16.03 40.24 -40.33
CA ILE L 149 15.15 41.41 -40.25
C ILE L 149 15.95 42.68 -40.01
N MET L 150 17.08 42.59 -39.32
CA MET L 150 17.92 43.74 -39.03
C MET L 150 19.11 43.83 -39.98
N LYS L 151 19.08 43.06 -41.07
CA LYS L 151 20.12 43.15 -42.08
C LYS L 151 20.12 44.52 -42.75
N TYR L 152 19.01 45.25 -42.66
CA TYR L 152 18.87 46.57 -43.26
C TYR L 152 19.19 47.70 -42.31
N LYS L 153 19.78 47.43 -41.16
CA LYS L 153 20.14 48.50 -40.24
C LYS L 153 21.39 49.21 -40.74
N LYS L 154 21.28 50.54 -40.89
CA LYS L 154 22.26 51.29 -41.66
C LYS L 154 23.65 51.23 -41.03
N LYS L 155 23.73 51.38 -39.71
CA LYS L 155 25.04 51.42 -39.06
C LYS L 155 25.84 50.17 -39.35
N CYS L 156 25.25 48.99 -39.14
CA CYS L 156 25.91 47.75 -39.50
C CYS L 156 25.94 47.53 -41.00
N VAL L 157 25.13 48.27 -41.78
CA VAL L 157 25.29 48.24 -43.23
C VAL L 157 26.62 48.85 -43.64
N LYS L 158 27.01 49.97 -43.03
CA LYS L 158 28.36 50.46 -43.28
C LYS L 158 29.41 49.45 -42.84
N ALA L 159 29.11 48.65 -41.82
CA ALA L 159 30.03 47.62 -41.37
C ALA L 159 30.05 46.41 -42.28
N GLY L 160 29.18 46.35 -43.28
CA GLY L 160 29.14 45.22 -44.19
C GLY L 160 28.22 44.12 -43.70
N SER L 161 26.98 44.49 -43.37
CA SER L 161 26.04 43.50 -42.85
C SER L 161 25.63 42.50 -43.93
N LEU L 162 25.48 42.97 -45.18
CA LEU L 162 24.90 42.17 -46.24
C LEU L 162 25.90 41.80 -47.33
N TRP L 163 27.19 42.04 -47.12
CA TRP L 163 28.18 41.73 -48.13
C TRP L 163 28.29 40.23 -48.36
N ASP L 164 28.60 39.85 -49.60
CA ASP L 164 28.81 38.46 -49.96
C ASP L 164 30.30 38.19 -50.16
N PRO L 165 30.96 37.47 -49.26
CA PRO L 165 32.41 37.27 -49.40
C PRO L 165 32.80 36.54 -50.68
N ASN L 166 32.01 35.56 -51.12
CA ASN L 166 32.36 34.72 -52.26
C ASN L 166 33.75 34.11 -52.09
N ILE L 167 33.95 33.45 -50.95
CA ILE L 167 35.25 32.88 -50.63
C ILE L 167 35.38 31.50 -51.25
N THR L 168 36.44 31.29 -52.03
CA THR L 168 36.78 30.00 -52.61
C THR L 168 38.29 29.82 -52.53
N ALA L 169 38.72 28.85 -51.72
CA ALA L 169 40.13 28.59 -51.52
C ALA L 169 40.43 27.12 -51.75
N CYS L 170 41.55 26.84 -52.41
CA CYS L 170 41.95 25.47 -52.66
C CYS L 170 43.45 25.33 -52.50
N LYS L 171 43.90 24.09 -52.30
CA LYS L 171 45.30 23.79 -52.02
C LYS L 171 46.08 23.73 -53.32
N LYS L 172 47.01 24.67 -53.50
CA LYS L 172 47.86 24.66 -54.68
C LYS L 172 48.81 23.46 -54.67
N ASN L 173 49.52 23.26 -53.57
CA ASN L 173 50.38 22.10 -53.37
C ASN L 173 50.60 21.95 -51.88
N GLU L 174 51.53 21.08 -51.50
CA GLU L 174 51.79 20.84 -50.08
C GLU L 174 52.30 22.08 -49.37
N GLU L 175 52.96 23.00 -50.08
CA GLU L 175 53.54 24.18 -49.45
C GLU L 175 52.83 25.47 -49.83
N THR L 176 51.76 25.42 -50.62
CA THR L 176 51.06 26.62 -51.06
C THR L 176 49.58 26.33 -51.21
N VAL L 177 48.75 27.31 -50.83
CA VAL L 177 47.29 27.24 -50.96
C VAL L 177 46.82 28.48 -51.69
N GLU L 178 45.92 28.30 -52.66
CA GLU L 178 45.40 29.40 -53.45
C GLU L 178 44.00 29.76 -52.97
N VAL L 179 43.72 31.06 -52.87
CA VAL L 179 42.45 31.57 -52.38
C VAL L 179 41.88 32.50 -53.44
N ASN L 180 40.57 32.40 -53.67
CA ASN L 180 39.87 33.24 -54.63
C ASN L 180 38.62 33.82 -53.99
N PHE L 181 38.41 35.13 -54.18
CA PHE L 181 37.24 35.81 -53.66
C PHE L 181 37.09 37.17 -54.35
N THR L 182 35.93 37.78 -54.17
CA THR L 182 35.62 39.05 -54.80
C THR L 182 35.61 40.17 -53.77
N THR L 183 36.27 41.28 -54.09
CA THR L 183 36.39 42.41 -53.19
C THR L 183 35.33 43.46 -53.53
N THR L 184 35.41 44.61 -52.85
CA THR L 184 34.53 45.73 -53.11
C THR L 184 35.27 47.02 -52.77
N PRO L 185 34.98 48.13 -53.45
CA PRO L 185 35.54 49.43 -53.07
C PRO L 185 35.36 49.78 -51.60
N LEU L 186 34.42 49.16 -50.89
CA LEU L 186 34.17 49.43 -49.48
C LEU L 186 35.30 48.96 -48.58
N GLY L 187 36.24 48.18 -49.10
CA GLY L 187 37.38 47.75 -48.32
C GLY L 187 38.66 48.03 -49.08
N ASN L 188 39.73 48.23 -48.31
CA ASN L 188 41.02 48.58 -48.89
C ASN L 188 42.18 47.77 -48.33
N ARG L 189 42.05 47.19 -47.14
CA ARG L 189 43.10 46.38 -46.54
C ARG L 189 42.45 45.18 -45.86
N TYR L 190 43.09 44.02 -45.98
CA TYR L 190 42.49 42.81 -45.44
C TYR L 190 43.58 41.95 -44.81
N MET L 191 43.13 41.03 -43.98
CA MET L 191 43.97 40.09 -43.25
C MET L 191 43.79 38.68 -43.82
N ALA L 192 44.59 37.73 -43.35
CA ALA L 192 44.52 36.37 -43.88
C ALA L 192 45.10 35.39 -42.87
N LEU L 193 44.28 34.46 -42.43
CA LEU L 193 44.68 33.37 -41.54
C LEU L 193 44.01 32.08 -41.97
N ILE L 194 44.62 30.95 -41.60
CA ILE L 194 44.03 29.63 -41.77
C ILE L 194 44.35 28.81 -40.53
N GLN L 195 43.37 28.07 -40.04
CA GLN L 195 43.50 27.30 -38.80
C GLN L 195 42.77 25.97 -38.97
N HIS L 196 43.49 24.86 -38.76
CA HIS L 196 42.90 23.53 -38.80
C HIS L 196 42.91 22.88 -37.43
N SER L 197 44.09 22.73 -36.84
CA SER L 197 44.24 22.32 -35.45
C SER L 197 45.11 23.32 -34.69
N THR L 198 46.15 23.85 -35.34
CA THR L 198 46.92 24.97 -34.81
C THR L 198 47.01 26.02 -35.90
N ILE L 199 47.66 27.15 -35.60
CA ILE L 199 47.83 28.19 -36.61
C ILE L 199 48.79 27.67 -37.68
N ILE L 200 48.25 27.39 -38.86
CA ILE L 200 49.03 26.78 -39.94
C ILE L 200 49.36 27.76 -41.06
N GLY L 201 48.96 29.03 -40.94
CA GLY L 201 49.27 30.00 -41.97
C GLY L 201 48.66 31.34 -41.62
N PHE L 202 49.36 32.39 -42.05
CA PHE L 202 48.92 33.76 -41.78
C PHE L 202 49.42 34.65 -42.91
N SER L 203 48.70 35.75 -43.12
CA SER L 203 49.06 36.76 -44.10
C SER L 203 48.13 37.95 -43.92
N GLN L 204 48.35 38.96 -44.76
CA GLN L 204 47.49 40.13 -44.84
C GLN L 204 47.32 40.50 -46.31
N VAL L 205 46.22 41.18 -46.62
CA VAL L 205 45.91 41.54 -47.99
C VAL L 205 45.99 43.05 -48.13
N PHE L 206 46.88 43.51 -49.02
CA PHE L 206 47.11 44.94 -49.25
C PHE L 206 46.68 45.27 -50.67
N GLU L 207 45.40 45.60 -50.83
CA GLU L 207 44.92 46.02 -52.15
C GLU L 207 43.76 46.99 -51.98
N PRO L 208 43.95 48.26 -52.31
CA PRO L 208 42.88 49.24 -52.11
C PRO L 208 41.61 48.92 -52.89
N HIS L 209 41.72 48.81 -54.21
CA HIS L 209 40.58 48.58 -55.08
C HIS L 209 41.08 48.42 -56.50
N GLN L 210 40.15 48.07 -57.38
CA GLN L 210 40.43 47.94 -58.81
C GLN L 210 39.16 48.31 -59.57
N LYS L 211 39.35 48.75 -60.82
CA LYS L 211 38.25 49.37 -61.54
C LYS L 211 37.22 48.35 -62.01
N LYS L 212 37.67 47.22 -62.56
CA LYS L 212 36.72 46.36 -63.25
C LYS L 212 36.15 45.32 -62.28
N GLN L 213 36.81 45.14 -61.12
CA GLN L 213 36.24 44.46 -59.96
C GLN L 213 35.87 43.01 -60.25
N THR L 214 36.87 42.16 -60.46
CA THR L 214 36.67 40.73 -60.59
C THR L 214 37.20 39.98 -59.37
N ARG L 215 37.17 38.65 -59.46
CA ARG L 215 37.64 37.81 -58.37
C ARG L 215 39.15 37.93 -58.22
N ALA L 216 39.63 37.68 -57.00
CA ALA L 216 41.03 37.87 -56.66
C ALA L 216 41.79 36.54 -56.77
N SER L 217 43.04 36.55 -56.31
CA SER L 217 43.86 35.33 -56.28
C SER L 217 44.99 35.58 -55.30
N VAL L 218 45.15 34.70 -54.32
CA VAL L 218 46.11 34.88 -53.23
C VAL L 218 46.98 33.65 -53.13
N VAL L 219 48.28 33.87 -52.95
CA VAL L 219 49.26 32.81 -52.76
C VAL L 219 49.66 32.81 -51.29
N ILE L 220 49.44 31.69 -50.61
CA ILE L 220 49.72 31.60 -49.18
C ILE L 220 50.56 30.36 -48.89
N PRO L 221 51.68 30.48 -48.20
CA PRO L 221 52.42 29.29 -47.75
C PRO L 221 51.76 28.66 -46.54
N VAL L 222 51.99 27.36 -46.38
CA VAL L 222 51.39 26.58 -45.32
C VAL L 222 52.47 25.73 -44.65
N THR L 223 52.25 25.39 -43.38
CA THR L 223 53.14 24.54 -42.61
C THR L 223 52.48 23.18 -42.44
N GLY L 224 52.76 22.27 -43.34
CA GLY L 224 52.18 20.94 -43.31
C GLY L 224 50.93 20.83 -44.15
N ASP L 225 50.17 19.76 -43.88
CA ASP L 225 48.94 19.51 -44.61
C ASP L 225 47.90 20.57 -44.29
N SER L 226 47.20 21.02 -45.33
CA SER L 226 46.17 22.05 -45.19
C SER L 226 44.77 21.54 -45.50
N GLU L 227 44.63 20.27 -45.89
CA GLU L 227 43.32 19.73 -46.20
C GLU L 227 42.46 19.66 -44.95
N GLY L 228 41.16 19.95 -45.11
CA GLY L 228 40.24 19.92 -44.00
C GLY L 228 40.26 21.14 -43.10
N ALA L 229 41.01 22.17 -43.47
CA ALA L 229 41.11 23.36 -42.64
C ALA L 229 39.95 24.32 -42.93
N THR L 230 39.94 25.45 -42.23
CA THR L 230 38.97 26.50 -42.43
C THR L 230 39.71 27.80 -42.76
N VAL L 231 39.20 28.54 -43.73
CA VAL L 231 39.79 29.80 -44.16
C VAL L 231 39.04 30.93 -43.48
N GLN L 232 39.79 31.88 -42.91
CA GLN L 232 39.20 33.01 -42.21
C GLN L 232 39.85 34.32 -42.64
N LEU L 233 39.01 35.28 -43.01
CA LEU L 233 39.44 36.59 -43.48
C LEU L 233 38.52 37.65 -42.87
N THR L 234 39.12 38.78 -42.49
CA THR L 234 38.40 39.85 -41.80
C THR L 234 38.73 41.18 -42.47
N PRO L 235 37.75 42.05 -42.69
CA PRO L 235 38.07 43.37 -43.26
C PRO L 235 38.51 44.35 -42.18
N TYR L 236 39.20 45.40 -42.60
CA TYR L 236 39.60 46.50 -41.73
C TYR L 236 38.79 47.72 -42.14
N PHE L 237 37.60 47.84 -41.59
CA PHE L 237 36.89 49.03 -42.02
C PHE L 237 37.07 50.16 -41.01
N PRO L 238 37.32 51.37 -41.51
CA PRO L 238 37.60 52.50 -40.61
C PRO L 238 36.46 52.83 -39.67
N THR L 239 35.23 52.41 -39.97
CA THR L 239 34.11 52.72 -39.10
C THR L 239 33.94 51.66 -38.01
N CYS L 240 33.79 50.40 -38.41
CA CYS L 240 33.60 49.32 -37.44
C CYS L 240 34.87 49.02 -36.64
N GLY L 241 36.01 49.54 -37.05
CA GLY L 241 37.21 49.46 -36.21
C GLY L 241 37.64 48.03 -35.98
N SER L 242 37.67 47.63 -34.71
CA SER L 242 37.98 46.26 -34.32
C SER L 242 36.74 45.42 -34.06
N ASP L 243 35.54 46.00 -34.20
CA ASP L 243 34.28 45.30 -33.99
C ASP L 243 33.70 44.74 -35.27
N CYS L 244 34.54 44.37 -36.23
CA CYS L 244 34.08 44.11 -37.59
C CYS L 244 33.72 42.63 -37.75
N ILE L 245 32.59 42.38 -38.42
CA ILE L 245 32.09 41.02 -38.57
C ILE L 245 33.09 40.18 -39.36
N ARG L 246 33.07 38.87 -39.11
CA ARG L 246 33.90 37.91 -39.83
C ARG L 246 33.02 36.84 -40.47
N HIS L 247 33.36 36.48 -41.69
CA HIS L 247 32.63 35.49 -42.47
C HIS L 247 33.39 34.18 -42.48
N LYS L 248 32.65 33.07 -42.44
CA LYS L 248 33.25 31.75 -42.43
C LYS L 248 33.92 31.45 -43.78
N GLY L 249 34.58 30.30 -43.84
CA GLY L 249 35.20 29.85 -45.05
C GLY L 249 35.35 28.35 -45.06
N THR L 250 35.66 27.81 -46.24
CA THR L 250 35.89 26.38 -46.39
C THR L 250 36.83 26.17 -47.57
N VAL L 251 37.88 25.39 -47.34
CA VAL L 251 38.89 25.14 -48.34
C VAL L 251 38.56 23.84 -49.07
N VAL L 252 38.94 23.77 -50.34
CA VAL L 252 38.72 22.60 -51.17
C VAL L 252 40.06 22.18 -51.76
N LEU L 253 40.02 21.19 -52.64
CA LEU L 253 41.22 20.68 -53.31
C LEU L 253 41.16 21.01 -54.79
N CYS L 254 42.19 21.70 -55.28
CA CYS L 254 42.33 21.94 -56.71
C CYS L 254 43.19 20.83 -57.30
N PRO L 255 42.64 19.96 -58.14
CA PRO L 255 43.42 18.81 -58.64
C PRO L 255 44.34 19.21 -59.77
N GLN L 256 45.54 18.63 -59.77
CA GLN L 256 46.50 18.91 -60.85
C GLN L 256 45.94 18.45 -62.20
N THR L 257 45.33 17.27 -62.24
CA THR L 257 44.75 16.70 -63.45
C THR L 257 45.75 16.65 -64.59
#